data_6RWO
#
_entry.id   6RWO
#
_cell.length_a   1.00
_cell.length_b   1.00
_cell.length_c   1.00
_cell.angle_alpha   90.00
_cell.angle_beta   90.00
_cell.angle_gamma   90.00
#
_symmetry.space_group_name_H-M   'P 1'
#
loop_
_entity.id
_entity.type
_entity.pdbx_description
1 polymer 'Pol protein'
2 polymer "DNA (5'-D(*AP*AP*CP*TP*GP*GP*TP*AP*GP*AP*GP*AP*TP*TP*TP*TP*TP*CP*TP*TP*AP*GP*C)-3')"
3 polymer "DNA (5'-D(P*GP*CP*TP*AP*AP*GP*AP*AP*AP*AP*AP*TP*CP*TP*CP*TP*AP*CP*CP*A)-3')"
4 non-polymer 'ZINC ION'
5 non-polymer 'CHLORIDE ION'
6 non-polymer Bictegravir
7 non-polymer 'MAGNESIUM ION'
8 water water
#
loop_
_entity_poly.entity_id
_entity_poly.type
_entity_poly.pdbx_seq_one_letter_code
_entity_poly.pdbx_strand_id
1 'polypeptide(L)'
;GFLDGIEKAQEEHEKYHNNWRAMAEDFQIPQVVAKEIVAQCPKCQVKGEAMHGQVDASPKTWQMDCTHLEGKVIIVAVHV
ASGYIEAEVLPAETGKETAHFLLKLAARWPVKHLHTDNGDNFTSSAVQAVCWWAQIEHTFSVPYNPQSHGVVESMNHQLK
TIITQIRDQAEKIETAVQMAVLIHNFKRKGGIGGYSAGERIIDIIASDLQTTKLQNQISKIQNFRVYFREGRDQQWKGPA
TLIWKGEGAVVIQDGQDLKVVPRRKCKIIKDYGRKDVDSETSMEGRQEKD
;
A,E,N,L,K,J,I,M,F,D,C,B
2 'polydeoxyribonucleotide'
;(DA)(DA)(DC)(DT)(DG)(DG)(DT)(DA)(DG)(DA)(DG)(DA)(DT)(DT)(DT)(DT)(DT)(DC)(DT)(DT)
(DA)(DG)(DC)(DC)(DT)(DT)(DC)(DT)(DA)(DG)(DA)(DA)(DC)
;
Q,S
3 'polydeoxyribonucleotide'
;(DG)(DT)(DT)(DC)(DT)(DA)(DG)(DA)(DA)(DG)(DG)(DC)(DT)(DA)(DA)(DG)(DA)(DA)(DA)(DA)
(DA)(DT)(DC)(DT)(DC)(DT)(DA)(DC)(DC)(DA)
;
W,T
#
loop_
_chem_comp.id
_chem_comp.type
_chem_comp.name
_chem_comp.formula
CL non-polymer 'CHLORIDE ION' 'Cl -1'
DA DNA linking 2'-DEOXYADENOSINE-5'-MONOPHOSPHATE 'C10 H14 N5 O6 P'
DC DNA linking 2'-DEOXYCYTIDINE-5'-MONOPHOSPHATE 'C9 H14 N3 O7 P'
DG DNA linking 2'-DEOXYGUANOSINE-5'-MONOPHOSPHATE 'C10 H14 N5 O7 P'
DT DNA linking THYMIDINE-5'-MONOPHOSPHATE 'C10 H15 N2 O8 P'
KLQ non-polymer Bictegravir 'C21 H18 F3 N3 O5'
MG non-polymer 'MAGNESIUM ION' 'Mg 2'
ZN non-polymer 'ZINC ION' 'Zn 2'
#
# COMPACT_ATOMS: atom_id res chain seq x y z
N GLY A 1 -40.30 20.52 0.18
CA GLY A 1 -39.24 20.33 1.15
C GLY A 1 -38.81 18.88 1.23
N PHE A 2 -38.08 18.52 2.29
CA PHE A 2 -37.63 17.15 2.43
C PHE A 2 -37.85 16.60 3.84
N LEU A 3 -38.66 17.27 4.66
CA LEU A 3 -38.83 16.80 6.04
C LEU A 3 -39.68 15.54 6.10
N ASP A 4 -40.68 15.44 5.21
CA ASP A 4 -41.42 14.19 5.08
C ASP A 4 -40.55 13.08 4.50
N GLY A 5 -39.57 13.46 3.67
CA GLY A 5 -38.60 12.50 3.21
C GLY A 5 -37.69 12.01 4.31
N ILE A 6 -37.42 12.85 5.30
CA ILE A 6 -36.64 12.43 6.46
C ILE A 6 -37.41 11.39 7.27
N GLU A 7 -38.72 11.59 7.45
CA GLU A 7 -39.53 10.62 8.18
C GLU A 7 -39.65 9.29 7.45
N LYS A 8 -39.85 9.33 6.13
CA LYS A 8 -39.93 8.11 5.34
C LYS A 8 -38.58 7.40 5.27
N ALA A 9 -37.48 8.14 5.31
CA ALA A 9 -36.17 7.51 5.31
C ALA A 9 -35.88 6.80 6.61
N GLN A 10 -36.36 7.34 7.74
CA GLN A 10 -36.16 6.64 9.01
C GLN A 10 -36.96 5.35 9.07
N GLU A 11 -38.18 5.35 8.54
CA GLU A 11 -38.96 4.11 8.49
C GLU A 11 -38.33 3.09 7.54
N GLU A 12 -37.79 3.57 6.42
CA GLU A 12 -37.14 2.69 5.45
C GLU A 12 -35.89 2.03 6.04
N HIS A 13 -35.06 2.80 6.75
CA HIS A 13 -33.88 2.22 7.39
C HIS A 13 -34.26 1.28 8.51
N GLU A 14 -35.38 1.54 9.19
CA GLU A 14 -35.81 0.65 10.26
C GLU A 14 -36.22 -0.72 9.72
N LYS A 15 -36.67 -0.78 8.48
CA LYS A 15 -37.05 -2.08 7.91
C LYS A 15 -35.91 -2.74 7.14
N TYR A 16 -35.20 -1.98 6.30
CA TYR A 16 -34.30 -2.55 5.31
C TYR A 16 -32.82 -2.34 5.59
N HIS A 17 -32.46 -1.39 6.46
CA HIS A 17 -31.09 -1.02 6.81
C HIS A 17 -30.28 -0.58 5.59
N ASN A 18 -30.72 0.50 4.96
CA ASN A 18 -30.00 1.06 3.82
C ASN A 18 -28.70 1.72 4.28
N ASN A 19 -27.78 1.91 3.35
CA ASN A 19 -26.64 2.76 3.61
C ASN A 19 -27.03 4.18 3.24
N TRP A 20 -26.12 5.14 3.42
CA TRP A 20 -26.55 6.53 3.33
C TRP A 20 -26.77 6.99 1.91
N ARG A 21 -26.08 6.40 0.93
CA ARG A 21 -26.24 6.86 -0.45
C ARG A 21 -27.57 6.43 -1.04
N ALA A 22 -28.10 5.30 -0.61
CA ALA A 22 -29.41 4.85 -1.06
C ALA A 22 -30.51 5.77 -0.58
N MET A 23 -30.47 6.18 0.69
CA MET A 23 -31.50 7.06 1.22
C MET A 23 -31.34 8.48 0.68
N ALA A 24 -30.11 8.96 0.54
CA ALA A 24 -29.88 10.30 0.02
C ALA A 24 -30.24 10.42 -1.45
N GLU A 25 -30.27 9.32 -2.19
CA GLU A 25 -30.69 9.40 -3.58
C GLU A 25 -32.17 9.12 -3.78
N ASP A 26 -32.78 8.29 -2.94
CA ASP A 26 -34.17 7.93 -3.20
C ASP A 26 -35.15 8.87 -2.52
N PHE A 27 -34.73 9.58 -1.47
CA PHE A 27 -35.62 10.50 -0.78
C PHE A 27 -35.23 11.96 -0.95
N GLN A 28 -34.09 12.23 -1.60
CA GLN A 28 -33.61 13.57 -1.94
C GLN A 28 -33.42 14.45 -0.71
N ILE A 29 -32.81 13.89 0.32
CA ILE A 29 -32.43 14.62 1.53
C ILE A 29 -30.94 14.92 1.40
N PRO A 30 -30.41 15.93 2.10
CA PRO A 30 -28.96 16.15 2.08
C PRO A 30 -28.21 15.02 2.77
N GLN A 31 -26.93 14.91 2.44
CA GLN A 31 -26.15 13.74 2.84
C GLN A 31 -25.81 13.73 4.33
N VAL A 32 -25.82 14.88 5.01
CA VAL A 32 -25.54 14.90 6.44
C VAL A 32 -26.67 14.24 7.21
N VAL A 33 -27.91 14.38 6.73
CA VAL A 33 -29.05 13.77 7.40
C VAL A 33 -29.03 12.26 7.22
N ALA A 34 -28.64 11.79 6.02
CA ALA A 34 -28.58 10.36 5.77
C ALA A 34 -27.47 9.70 6.56
N LYS A 35 -26.33 10.37 6.68
CA LYS A 35 -25.25 9.86 7.53
C LYS A 35 -25.64 9.82 8.99
N GLU A 36 -26.46 10.77 9.45
CA GLU A 36 -26.90 10.73 10.84
C GLU A 36 -27.89 9.61 11.10
N ILE A 37 -28.78 9.34 10.13
CA ILE A 37 -29.73 8.23 10.25
C ILE A 37 -29.00 6.90 10.37
N VAL A 38 -27.95 6.72 9.57
CA VAL A 38 -27.17 5.49 9.67
C VAL A 38 -26.37 5.44 10.97
N ALA A 39 -25.86 6.59 11.43
CA ALA A 39 -25.04 6.62 12.63
C ALA A 39 -25.83 6.44 13.92
N GLN A 40 -27.16 6.54 13.88
CA GLN A 40 -27.96 6.28 15.07
C GLN A 40 -28.55 4.87 15.10
N CYS A 41 -27.96 3.91 14.40
CA CYS A 41 -28.47 2.55 14.36
C CYS A 41 -27.48 1.61 15.01
N PRO A 42 -27.89 0.84 16.03
CA PRO A 42 -26.95 -0.10 16.66
C PRO A 42 -26.78 -1.42 15.93
N LYS A 43 -27.69 -1.80 15.03
CA LYS A 43 -27.52 -3.03 14.26
C LYS A 43 -26.43 -2.87 13.22
N CYS A 44 -26.18 -1.65 12.78
CA CYS A 44 -24.99 -1.27 12.02
C CYS A 44 -23.87 -1.02 13.02
N GLN A 45 -22.84 -0.27 12.59
CA GLN A 45 -21.60 -0.04 13.36
C GLN A 45 -20.88 -1.35 13.63
N VAL A 46 -20.48 -2.01 12.54
CA VAL A 46 -19.60 -3.17 12.67
C VAL A 46 -18.41 -3.01 11.72
N LYS A 47 -17.44 -2.18 12.11
CA LYS A 47 -16.26 -1.86 11.32
C LYS A 47 -15.28 -1.03 12.14
N GLY A 48 -13.99 -1.36 12.10
CA GLY A 48 -12.97 -0.57 12.78
C GLY A 48 -12.54 0.62 11.96
N GLU A 49 -11.50 1.31 12.43
CA GLU A 49 -11.14 2.60 11.86
C GLU A 49 -9.94 2.54 10.92
N ALA A 50 -9.36 1.37 10.70
CA ALA A 50 -8.37 1.09 9.63
C ALA A 50 -7.09 1.92 9.77
N MET A 51 -6.34 1.64 10.84
CA MET A 51 -5.00 2.15 11.02
C MET A 51 -4.20 1.13 11.83
N HIS A 52 -2.91 1.39 11.98
CA HIS A 52 -2.04 0.59 12.82
C HIS A 52 -1.27 1.50 13.77
N GLY A 53 -0.84 0.95 14.90
CA GLY A 53 0.00 1.65 15.84
C GLY A 53 1.45 1.25 15.71
N GLN A 54 2.26 1.66 16.69
CA GLN A 54 3.70 1.47 16.67
C GLN A 54 4.19 1.09 18.06
N VAL A 55 4.85 -0.06 18.17
CA VAL A 55 5.32 -0.58 19.45
C VAL A 55 6.49 0.21 20.00
N ASP A 56 6.85 -0.07 21.26
CA ASP A 56 7.97 0.59 21.94
C ASP A 56 9.30 0.00 21.47
N ALA A 57 10.29 0.86 21.24
CA ALA A 57 11.60 0.45 20.75
C ALA A 57 12.71 1.13 21.54
N SER A 58 12.58 1.13 22.86
CA SER A 58 13.60 1.69 23.72
C SER A 58 14.80 0.75 23.78
N PRO A 59 16.00 1.26 24.13
CA PRO A 59 17.19 0.41 24.05
C PRO A 59 17.36 -0.64 25.13
N LYS A 60 16.38 -0.86 25.99
CA LYS A 60 16.47 -1.90 27.02
C LYS A 60 15.16 -2.68 27.13
N THR A 61 14.42 -2.78 26.03
CA THR A 61 13.13 -3.45 25.99
C THR A 61 13.27 -4.82 25.33
N TRP A 62 12.65 -5.84 25.93
CA TRP A 62 12.68 -7.19 25.41
C TRP A 62 11.25 -7.71 25.29
N GLN A 63 11.04 -8.64 24.34
CA GLN A 63 9.74 -9.26 24.16
C GLN A 63 9.90 -10.78 24.18
N MET A 64 8.88 -11.48 24.69
CA MET A 64 9.03 -12.91 24.94
C MET A 64 7.76 -13.68 24.56
N ASP A 65 7.95 -14.88 24.01
CA ASP A 65 6.83 -15.71 23.59
C ASP A 65 7.30 -17.16 23.54
N CYS A 66 6.35 -18.08 23.40
CA CYS A 66 6.60 -19.51 23.32
C CYS A 66 6.03 -20.07 22.02
N THR A 67 6.72 -21.04 21.43
CA THR A 67 6.25 -21.71 20.23
C THR A 67 6.49 -23.21 20.36
N HIS A 68 5.94 -23.96 19.41
CA HIS A 68 5.97 -25.41 19.45
C HIS A 68 6.55 -25.95 18.15
N LEU A 69 7.34 -27.03 18.25
CA LEU A 69 7.99 -27.62 17.09
C LEU A 69 8.34 -29.06 17.40
N GLU A 70 7.77 -29.99 16.63
CA GLU A 70 8.02 -31.44 16.72
C GLU A 70 7.70 -31.98 18.12
N GLY A 71 6.62 -31.48 18.72
CA GLY A 71 6.22 -31.92 20.03
C GLY A 71 6.98 -31.30 21.18
N LYS A 72 7.83 -30.32 20.92
CA LYS A 72 8.63 -29.66 21.94
C LYS A 72 8.09 -28.26 22.17
N VAL A 73 8.64 -27.60 23.19
CA VAL A 73 8.27 -26.23 23.55
C VAL A 73 9.52 -25.38 23.52
N ILE A 74 9.58 -24.45 22.58
CA ILE A 74 10.68 -23.50 22.47
C ILE A 74 10.24 -22.20 23.11
N ILE A 75 11.15 -21.49 23.76
CA ILE A 75 10.88 -20.17 24.30
C ILE A 75 11.86 -19.19 23.68
N VAL A 76 11.31 -18.12 23.09
CA VAL A 76 12.08 -17.15 22.31
C VAL A 76 12.00 -15.81 23.00
N ALA A 77 13.12 -15.10 23.07
CA ALA A 77 13.20 -13.73 23.54
C ALA A 77 13.97 -12.88 22.54
N VAL A 78 13.45 -11.69 22.25
CA VAL A 78 14.06 -10.82 21.24
C VAL A 78 14.37 -9.46 21.87
N HIS A 79 15.54 -8.93 21.53
CA HIS A 79 15.88 -7.53 21.78
C HIS A 79 15.38 -6.72 20.60
N VAL A 80 14.54 -5.73 20.91
CA VAL A 80 13.65 -5.11 19.93
C VAL A 80 14.39 -4.10 19.06
N ALA A 81 15.28 -3.32 19.66
CA ALA A 81 15.96 -2.27 18.91
C ALA A 81 17.03 -2.82 17.98
N SER A 82 17.47 -4.05 18.16
CA SER A 82 18.52 -4.63 17.34
C SER A 82 18.11 -5.90 16.62
N GLY A 83 17.21 -6.70 17.19
CA GLY A 83 16.83 -7.95 16.58
C GLY A 83 17.56 -9.15 17.13
N TYR A 84 18.06 -9.07 18.35
CA TYR A 84 18.95 -10.10 18.89
C TYR A 84 18.13 -11.17 19.60
N ILE A 85 18.48 -12.44 19.34
CA ILE A 85 17.63 -13.56 19.70
C ILE A 85 18.33 -14.45 20.71
N GLU A 86 17.60 -14.80 21.78
CA GLU A 86 17.96 -15.93 22.63
C GLU A 86 16.80 -16.93 22.61
N ALA A 87 17.12 -18.22 22.71
CA ALA A 87 16.09 -19.25 22.62
C ALA A 87 16.50 -20.48 23.40
N GLU A 88 15.52 -21.23 23.86
CA GLU A 88 15.79 -22.44 24.64
C GLU A 88 14.67 -23.43 24.43
N VAL A 89 14.93 -24.69 24.78
CA VAL A 89 13.93 -25.76 24.75
C VAL A 89 13.55 -26.10 26.18
N LEU A 90 12.27 -25.94 26.51
CA LEU A 90 11.80 -26.20 27.86
C LEU A 90 11.26 -27.62 27.99
N PRO A 91 11.45 -28.25 29.14
CA PRO A 91 10.81 -29.54 29.38
C PRO A 91 9.31 -29.43 29.63
N ALA A 92 8.84 -28.27 30.09
CA ALA A 92 7.43 -28.05 30.34
C ALA A 92 7.14 -26.57 30.19
N GLU A 93 5.87 -26.23 30.03
CA GLU A 93 5.44 -24.85 29.82
C GLU A 93 4.95 -24.21 31.11
N THR A 94 5.59 -24.52 32.23
CA THR A 94 5.14 -24.00 33.52
C THR A 94 5.76 -22.64 33.79
N GLY A 95 5.62 -22.16 35.02
CA GLY A 95 6.13 -20.87 35.40
C GLY A 95 7.52 -20.93 36.01
N LYS A 96 7.93 -22.12 36.46
CA LYS A 96 9.26 -22.29 37.01
C LYS A 96 10.34 -22.17 35.94
N GLU A 97 10.15 -22.84 34.82
CA GLU A 97 11.14 -22.77 33.74
C GLU A 97 11.17 -21.39 33.08
N THR A 98 10.03 -20.72 33.03
CA THR A 98 10.00 -19.37 32.47
C THR A 98 10.70 -18.39 33.40
N ALA A 99 10.56 -18.57 34.72
CA ALA A 99 11.27 -17.74 35.67
C ALA A 99 12.78 -17.98 35.61
N HIS A 100 13.19 -19.22 35.36
CA HIS A 100 14.62 -19.49 35.29
C HIS A 100 15.24 -18.97 34.00
N PHE A 101 14.51 -19.06 32.88
CA PHE A 101 14.97 -18.47 31.62
C PHE A 101 15.11 -16.97 31.73
N LEU A 102 14.14 -16.31 32.39
CA LEU A 102 14.21 -14.87 32.57
C LEU A 102 15.34 -14.47 33.51
N LEU A 103 15.63 -15.30 34.52
CA LEU A 103 16.72 -14.98 35.44
C LEU A 103 18.08 -15.08 34.75
N LYS A 104 18.28 -16.12 33.92
CA LYS A 104 19.53 -16.24 33.19
C LYS A 104 19.70 -15.12 32.17
N LEU A 105 18.62 -14.74 31.49
CA LEU A 105 18.68 -13.64 30.53
C LEU A 105 19.00 -12.33 31.22
N ALA A 106 18.41 -12.08 32.39
CA ALA A 106 18.70 -10.84 33.10
C ALA A 106 20.09 -10.83 33.71
N ALA A 107 20.67 -12.00 33.95
CA ALA A 107 22.06 -12.07 34.39
C ALA A 107 23.05 -11.81 33.26
N ARG A 108 22.68 -12.10 32.02
CA ARG A 108 23.61 -11.93 30.90
C ARG A 108 23.57 -10.54 30.27
N TRP A 109 22.39 -10.00 30.01
CA TRP A 109 22.20 -8.73 29.34
C TRP A 109 21.36 -7.81 30.21
N PRO A 110 21.52 -6.49 30.08
CA PRO A 110 20.71 -5.55 30.88
C PRO A 110 19.27 -5.46 30.41
N VAL A 111 18.34 -5.88 31.26
CA VAL A 111 16.91 -5.89 30.96
C VAL A 111 16.22 -4.94 31.94
N LYS A 112 15.41 -4.02 31.40
CA LYS A 112 14.64 -3.10 32.22
C LYS A 112 13.16 -3.09 31.92
N HIS A 113 12.73 -3.58 30.75
CA HIS A 113 11.33 -3.58 30.38
C HIS A 113 11.05 -4.86 29.60
N LEU A 114 9.99 -5.57 29.97
CA LEU A 114 9.63 -6.85 29.37
C LEU A 114 8.18 -6.80 28.92
N HIS A 115 7.92 -7.27 27.70
CA HIS A 115 6.58 -7.28 27.14
C HIS A 115 6.19 -8.69 26.75
N THR A 116 5.01 -9.14 27.20
CA THR A 116 4.57 -10.50 26.98
C THR A 116 3.07 -10.52 26.68
N ASP A 117 2.57 -11.70 26.30
CA ASP A 117 1.14 -11.92 26.21
C ASP A 117 0.62 -12.44 27.54
N ASN A 118 -0.63 -12.89 27.57
CA ASN A 118 -1.31 -13.26 28.79
C ASN A 118 -1.41 -14.76 28.97
N GLY A 119 -0.38 -15.50 28.55
CA GLY A 119 -0.36 -16.93 28.80
C GLY A 119 -0.16 -17.24 30.27
N ASP A 120 -0.44 -18.50 30.63
CA ASP A 120 -0.47 -18.88 32.04
C ASP A 120 0.91 -18.91 32.67
N ASN A 121 1.96 -19.07 31.86
CA ASN A 121 3.32 -19.08 32.41
C ASN A 121 3.86 -17.68 32.64
N PHE A 122 3.41 -16.68 31.89
CA PHE A 122 3.92 -15.34 32.03
C PHE A 122 3.20 -14.54 33.11
N THR A 123 1.95 -14.91 33.42
CA THR A 123 1.23 -14.31 34.54
C THR A 123 1.30 -15.27 35.72
N SER A 124 2.45 -15.30 36.38
CA SER A 124 2.70 -16.26 37.44
C SER A 124 3.50 -15.60 38.55
N SER A 125 3.42 -16.20 39.74
CA SER A 125 4.07 -15.62 40.90
C SER A 125 5.58 -15.80 40.87
N ALA A 126 6.06 -16.86 40.20
CA ALA A 126 7.50 -17.06 40.08
C ALA A 126 8.13 -16.01 39.19
N VAL A 127 7.49 -15.72 38.05
CA VAL A 127 7.96 -14.65 37.17
C VAL A 127 7.81 -13.30 37.84
N GLN A 128 6.81 -13.16 38.70
CA GLN A 128 6.62 -11.91 39.45
C GLN A 128 7.74 -11.70 40.47
N ALA A 129 8.17 -12.77 41.14
CA ALA A 129 9.24 -12.65 42.12
C ALA A 129 10.58 -12.39 41.46
N VAL A 130 10.82 -12.98 40.28
CA VAL A 130 12.06 -12.74 39.56
C VAL A 130 12.11 -11.30 39.03
N CYS A 131 10.99 -10.79 38.51
CA CYS A 131 10.96 -9.40 38.06
C CYS A 131 11.10 -8.42 39.22
N TRP A 132 10.61 -8.79 40.40
CA TRP A 132 10.81 -7.94 41.57
C TRP A 132 12.27 -7.90 42.00
N TRP A 133 12.93 -9.05 42.03
CA TRP A 133 14.31 -9.08 42.52
C TRP A 133 15.27 -8.45 41.54
N ALA A 134 15.03 -8.63 40.23
CA ALA A 134 15.93 -8.10 39.22
C ALA A 134 15.51 -6.74 38.67
N GLN A 135 14.40 -6.17 39.18
CA GLN A 135 13.94 -4.80 38.90
C GLN A 135 13.62 -4.58 37.43
N ILE A 136 12.64 -5.34 36.95
CA ILE A 136 12.14 -5.28 35.59
C ILE A 136 10.69 -4.81 35.63
N GLU A 137 10.29 -3.99 34.66
CA GLU A 137 8.89 -3.61 34.50
C GLU A 137 8.23 -4.58 33.52
N HIS A 138 7.25 -5.32 34.00
CA HIS A 138 6.56 -6.32 33.19
C HIS A 138 5.23 -5.76 32.72
N THR A 139 5.03 -5.70 31.41
CA THR A 139 3.77 -5.25 30.83
C THR A 139 3.21 -6.32 29.91
N PHE A 140 1.88 -6.38 29.86
CA PHE A 140 1.14 -7.41 29.16
C PHE A 140 0.35 -6.78 28.02
N SER A 141 0.13 -7.55 26.97
CA SER A 141 -0.62 -7.05 25.84
C SER A 141 -2.11 -7.07 26.12
N VAL A 142 -2.86 -6.35 25.27
CA VAL A 142 -4.31 -6.47 25.22
C VAL A 142 -4.66 -7.91 24.85
N PRO A 143 -5.61 -8.56 25.53
CA PRO A 143 -5.83 -9.99 25.32
C PRO A 143 -6.38 -10.31 23.94
N TYR A 144 -5.83 -11.39 23.37
CA TYR A 144 -6.13 -11.89 22.02
C TYR A 144 -5.82 -10.85 20.95
N ASN A 145 -4.67 -10.21 21.07
CA ASN A 145 -4.19 -9.24 20.08
C ASN A 145 -2.69 -9.47 19.94
N PRO A 146 -2.28 -10.33 19.00
CA PRO A 146 -0.85 -10.63 18.87
C PRO A 146 -0.06 -9.57 18.15
N GLN A 147 -0.70 -8.51 17.66
CA GLN A 147 0.04 -7.44 17.00
C GLN A 147 0.77 -6.54 17.99
N SER A 148 0.47 -6.65 19.28
CA SER A 148 1.11 -5.80 20.26
C SER A 148 2.55 -6.20 20.49
N HIS A 149 2.90 -7.45 20.22
CA HIS A 149 4.28 -7.90 20.21
C HIS A 149 4.54 -8.56 18.86
N GLY A 150 4.85 -7.74 17.85
CA GLY A 150 4.99 -8.27 16.51
C GLY A 150 6.40 -8.75 16.21
N VAL A 151 7.37 -8.26 16.97
CA VAL A 151 8.76 -8.60 16.72
C VAL A 151 9.05 -10.05 17.10
N VAL A 152 8.52 -10.51 18.24
CA VAL A 152 8.80 -11.87 18.65
C VAL A 152 8.03 -12.90 17.84
N GLU A 153 6.88 -12.55 17.27
CA GLU A 153 6.18 -13.50 16.43
C GLU A 153 6.79 -13.58 15.03
N SER A 154 7.31 -12.46 14.54
CA SER A 154 8.10 -12.48 13.31
C SER A 154 9.37 -13.30 13.48
N MET A 155 10.00 -13.24 14.66
CA MET A 155 11.20 -14.01 14.89
C MET A 155 10.91 -15.49 15.11
N ASN A 156 9.69 -15.84 15.55
CA ASN A 156 9.24 -17.23 15.51
C ASN A 156 9.25 -17.77 14.10
N HIS A 157 8.79 -16.96 13.15
CA HIS A 157 8.80 -17.37 11.74
C HIS A 157 10.21 -17.56 11.20
N GLN A 158 11.11 -16.60 11.48
CA GLN A 158 12.48 -16.70 10.96
C GLN A 158 13.22 -17.89 11.56
N LEU A 159 12.98 -18.18 12.84
CA LEU A 159 13.64 -19.31 13.49
C LEU A 159 13.19 -20.63 12.88
N LYS A 160 11.90 -20.78 12.58
CA LYS A 160 11.43 -22.04 12.02
C LYS A 160 11.93 -22.26 10.60
N THR A 161 12.10 -21.20 9.80
CA THR A 161 12.64 -21.38 8.46
C THR A 161 14.11 -21.80 8.48
N ILE A 162 14.90 -21.21 9.39
CA ILE A 162 16.31 -21.61 9.50
C ILE A 162 16.42 -23.05 9.99
N ILE A 163 15.57 -23.45 10.93
CA ILE A 163 15.61 -24.82 11.48
C ILE A 163 15.31 -25.84 10.40
N THR A 164 14.37 -25.56 9.49
CA THR A 164 14.17 -26.46 8.38
C THR A 164 15.32 -26.45 7.38
N GLN A 165 16.09 -25.36 7.31
CA GLN A 165 17.24 -25.36 6.41
C GLN A 165 18.36 -26.26 6.91
N ILE A 166 18.64 -26.25 8.22
CA ILE A 166 19.80 -26.99 8.73
C ILE A 166 19.42 -28.19 9.56
N ARG A 167 18.27 -28.81 9.27
CA ARG A 167 17.77 -29.89 10.11
C ARG A 167 18.57 -31.17 9.93
N ASP A 168 19.12 -31.41 8.75
CA ASP A 168 19.82 -32.65 8.45
C ASP A 168 21.28 -32.64 8.87
N GLN A 169 21.76 -31.57 9.47
CA GLN A 169 23.12 -31.52 9.99
C GLN A 169 23.20 -31.86 11.47
N ALA A 170 22.07 -32.10 12.12
CA ALA A 170 22.04 -32.39 13.54
C ALA A 170 21.14 -33.60 13.79
N GLU A 171 21.23 -34.12 15.00
CA GLU A 171 20.48 -35.31 15.37
C GLU A 171 19.25 -34.98 16.21
N LYS A 172 19.41 -34.17 17.25
CA LYS A 172 18.31 -33.78 18.11
C LYS A 172 17.76 -32.41 17.71
N ILE A 173 16.76 -31.95 18.47
CA ILE A 173 16.15 -30.67 18.12
C ILE A 173 16.79 -29.52 18.91
N GLU A 174 17.38 -29.80 20.07
CA GLU A 174 18.05 -28.75 20.84
C GLU A 174 19.31 -28.28 20.14
N THR A 175 20.02 -29.21 19.51
CA THR A 175 21.19 -28.86 18.71
C THR A 175 20.81 -27.98 17.53
N ALA A 176 19.72 -28.31 16.83
CA ALA A 176 19.30 -27.53 15.68
C ALA A 176 18.78 -26.15 16.10
N VAL A 177 18.21 -26.04 17.30
CA VAL A 177 17.79 -24.74 17.79
C VAL A 177 18.99 -23.83 18.03
N GLN A 178 20.05 -24.35 18.66
CA GLN A 178 21.21 -23.50 18.93
C GLN A 178 22.00 -23.18 17.67
N MET A 179 22.01 -24.09 16.69
CA MET A 179 22.63 -23.77 15.40
C MET A 179 21.84 -22.69 14.66
N ALA A 180 20.52 -22.70 14.76
CA ALA A 180 19.72 -21.65 14.14
C ALA A 180 19.91 -20.30 14.80
N VAL A 181 20.14 -20.27 16.12
CA VAL A 181 20.40 -19.02 16.82
C VAL A 181 21.74 -18.43 16.39
N LEU A 182 22.77 -19.28 16.21
CA LEU A 182 24.06 -18.80 15.72
C LEU A 182 23.97 -18.26 14.29
N ILE A 183 23.21 -18.95 13.42
CA ILE A 183 23.09 -18.51 12.03
C ILE A 183 22.32 -17.19 11.93
N HIS A 184 21.29 -17.01 12.76
CA HIS A 184 20.55 -15.75 12.73
C HIS A 184 21.38 -14.60 13.29
N ASN A 185 22.06 -14.81 14.41
CA ASN A 185 22.77 -13.72 15.07
C ASN A 185 24.02 -13.28 14.32
N PHE A 186 24.74 -14.20 13.67
CA PHE A 186 26.04 -13.84 13.15
C PHE A 186 26.25 -14.04 11.65
N LYS A 187 25.39 -14.80 10.96
CA LYS A 187 25.65 -15.13 9.57
C LYS A 187 24.68 -14.49 8.59
N ARG A 188 23.78 -13.63 9.07
CA ARG A 188 22.86 -12.91 8.21
C ARG A 188 23.03 -11.42 8.41
N LYS A 189 23.25 -10.69 7.32
CA LYS A 189 23.41 -9.25 7.38
C LYS A 189 22.34 -8.56 6.54
N GLY A 190 22.24 -7.25 6.72
CA GLY A 190 21.22 -6.47 6.07
C GLY A 190 20.27 -5.85 7.07
N GLY A 191 19.94 -4.57 6.90
CA GLY A 191 19.04 -3.93 7.82
C GLY A 191 19.27 -2.44 7.95
N ILE A 192 19.47 -1.96 9.18
CA ILE A 192 19.64 -0.53 9.41
C ILE A 192 21.02 -0.07 8.95
N GLY A 193 22.07 -0.62 9.54
CA GLY A 193 23.42 -0.22 9.18
C GLY A 193 24.19 -1.20 8.33
N GLY A 194 23.53 -2.16 7.70
CA GLY A 194 24.23 -3.25 7.06
C GLY A 194 24.83 -4.23 8.03
N TYR A 195 24.40 -4.22 9.28
CA TYR A 195 24.95 -5.03 10.35
C TYR A 195 24.25 -6.38 10.41
N SER A 196 24.80 -7.26 11.23
CA SER A 196 24.04 -8.40 11.72
C SER A 196 23.42 -8.00 13.05
N ALA A 197 22.74 -8.93 13.71
CA ALA A 197 22.09 -8.61 14.97
C ALA A 197 23.08 -8.46 16.12
N GLY A 198 24.15 -9.24 16.12
CA GLY A 198 25.15 -9.11 17.17
C GLY A 198 25.93 -7.81 17.10
N GLU A 199 26.28 -7.39 15.89
CA GLU A 199 26.93 -6.09 15.71
C GLU A 199 26.00 -4.94 16.08
N ARG A 200 24.70 -5.10 15.81
CA ARG A 200 23.76 -4.02 16.11
C ARG A 200 23.50 -3.88 17.60
N ILE A 201 23.45 -4.97 18.35
CA ILE A 201 23.22 -4.82 19.79
C ILE A 201 24.46 -4.27 20.47
N ILE A 202 25.66 -4.59 19.96
CA ILE A 202 26.89 -4.03 20.49
C ILE A 202 26.94 -2.52 20.25
N ASP A 203 26.59 -2.09 19.03
CA ASP A 203 26.59 -0.68 18.68
C ASP A 203 25.56 0.12 19.48
N ILE A 204 24.38 -0.45 19.70
CA ILE A 204 23.31 0.28 20.38
C ILE A 204 23.64 0.50 21.85
N ILE A 205 24.13 -0.54 22.54
CA ILE A 205 24.39 -0.39 23.97
C ILE A 205 25.63 0.46 24.23
N ALA A 206 26.67 0.30 23.38
CA ALA A 206 27.86 1.12 23.53
C ALA A 206 27.58 2.59 23.25
N SER A 207 26.71 2.87 22.27
CA SER A 207 26.35 4.25 21.97
C SER A 207 25.54 4.88 23.09
N ASP A 208 24.72 4.09 23.76
CA ASP A 208 23.94 4.59 24.89
C ASP A 208 24.85 5.07 26.02
N LEU A 209 25.83 4.23 26.41
CA LEU A 209 26.72 4.60 27.51
C LEU A 209 27.63 5.77 27.15
N GLN A 210 28.14 5.80 25.91
CA GLN A 210 29.04 6.87 25.50
C GLN A 210 28.33 8.22 25.47
N THR A 211 27.08 8.25 25.01
CA THR A 211 26.42 9.54 24.91
C THR A 211 25.96 10.07 26.27
N THR A 212 25.70 9.18 27.25
CA THR A 212 25.41 9.68 28.59
C THR A 212 26.64 10.30 29.23
N LYS A 213 27.82 9.68 29.06
CA LYS A 213 29.03 10.23 29.65
C LYS A 213 29.43 11.56 29.01
N LEU A 214 29.27 11.67 27.68
CA LEU A 214 29.62 12.90 26.99
C LEU A 214 28.72 14.06 27.41
N GLN A 215 27.40 13.85 27.47
CA GLN A 215 26.59 15.00 27.81
C GLN A 215 26.55 15.29 29.30
N ASN A 216 26.96 14.35 30.17
CA ASN A 216 27.21 14.69 31.56
C ASN A 216 28.38 15.66 31.69
N GLN A 217 29.48 15.38 30.97
CA GLN A 217 30.64 16.28 31.01
C GLN A 217 30.33 17.64 30.39
N ILE A 218 29.47 17.68 29.38
CA ILE A 218 29.09 18.96 28.79
C ILE A 218 28.22 19.75 29.77
N SER A 219 27.19 19.13 30.33
CA SER A 219 26.22 19.86 31.12
C SER A 219 26.72 20.23 32.51
N LYS A 220 27.85 19.69 32.96
CA LYS A 220 28.29 20.07 34.30
C LYS A 220 29.01 21.42 34.35
N ILE A 221 29.28 22.05 33.21
CA ILE A 221 30.00 23.33 33.20
C ILE A 221 29.23 24.40 32.43
N GLN A 222 27.90 24.30 32.41
CA GLN A 222 27.11 25.17 31.55
C GLN A 222 26.62 26.41 32.30
N ASN A 223 26.22 27.40 31.52
CA ASN A 223 25.77 28.72 31.95
C ASN A 223 24.91 29.30 30.83
N PHE A 224 24.72 30.62 30.84
CA PHE A 224 23.95 31.39 29.85
C PHE A 224 22.48 30.97 29.86
N ARG A 225 21.81 31.32 30.96
CA ARG A 225 20.37 31.07 31.09
C ARG A 225 19.58 31.85 30.05
N VAL A 226 18.33 31.42 29.84
CA VAL A 226 17.48 31.97 28.79
C VAL A 226 16.08 32.18 29.36
N TYR A 227 15.55 33.40 29.21
CA TYR A 227 14.17 33.71 29.52
C TYR A 227 13.39 33.80 28.21
N PHE A 228 12.27 33.10 28.14
CA PHE A 228 11.56 32.91 26.89
C PHE A 228 10.08 33.23 27.06
N ARG A 229 9.43 33.51 25.93
CA ARG A 229 8.02 33.89 25.90
C ARG A 229 7.29 32.98 24.94
N GLU A 230 6.33 32.20 25.45
CA GLU A 230 5.60 31.25 24.63
C GLU A 230 4.19 31.12 25.19
N GLY A 231 3.40 30.24 24.57
CA GLY A 231 2.05 29.97 25.00
C GLY A 231 1.02 30.78 24.23
N ARG A 232 -0.25 30.48 24.52
CA ARG A 232 -1.35 31.27 23.97
C ARG A 232 -1.35 32.68 24.56
N ASP A 233 -0.98 32.80 25.83
CA ASP A 233 -0.82 34.08 26.49
C ASP A 233 0.65 34.45 26.51
N GLN A 234 0.93 35.74 26.29
CA GLN A 234 2.31 36.22 26.20
C GLN A 234 2.83 36.51 27.60
N GLN A 235 3.13 35.43 28.33
CA GLN A 235 3.74 35.51 29.64
C GLN A 235 5.25 35.25 29.49
N TRP A 236 5.96 35.29 30.61
CA TRP A 236 7.40 35.02 30.63
C TRP A 236 7.67 33.97 31.68
N LYS A 237 8.36 32.90 31.27
CA LYS A 237 8.73 31.81 32.17
C LYS A 237 10.18 31.96 32.61
N GLY A 238 10.50 31.30 33.72
CA GLY A 238 11.67 31.62 34.49
C GLY A 238 12.98 31.07 33.97
N PRO A 239 13.78 30.49 34.88
CA PRO A 239 15.11 30.00 34.48
C PRO A 239 15.02 28.75 33.64
N ALA A 240 15.48 28.85 32.39
CA ALA A 240 15.59 27.71 31.49
C ALA A 240 17.04 27.52 31.12
N THR A 241 17.43 26.27 30.88
CA THR A 241 18.82 25.94 30.59
C THR A 241 19.04 25.90 29.09
N LEU A 242 19.95 26.74 28.59
CA LEU A 242 20.29 26.73 27.17
C LEU A 242 21.15 25.52 26.86
N ILE A 243 20.79 24.78 25.82
CA ILE A 243 21.50 23.57 25.43
C ILE A 243 22.29 23.76 24.13
N TRP A 244 21.63 24.28 23.09
CA TRP A 244 22.31 24.50 21.83
C TRP A 244 21.65 25.64 21.10
N LYS A 245 22.44 26.65 20.75
CA LYS A 245 22.00 27.84 20.05
C LYS A 245 22.35 27.68 18.58
N GLY A 246 21.32 27.67 17.73
CA GLY A 246 21.49 27.34 16.33
C GLY A 246 21.04 28.46 15.39
N GLU A 247 21.33 28.23 14.11
CA GLU A 247 21.02 29.19 13.04
C GLU A 247 19.53 29.10 12.75
N GLY A 248 18.73 29.83 13.53
CA GLY A 248 17.31 29.89 13.31
C GLY A 248 16.49 29.74 14.57
N ALA A 249 16.98 28.94 15.51
CA ALA A 249 16.27 28.71 16.76
C ALA A 249 17.26 28.29 17.83
N VAL A 250 16.77 28.21 19.06
CA VAL A 250 17.54 27.69 20.18
C VAL A 250 16.80 26.51 20.78
N VAL A 251 17.54 25.71 21.54
CA VAL A 251 17.01 24.54 22.23
C VAL A 251 17.21 24.77 23.71
N ILE A 252 16.10 24.79 24.46
CA ILE A 252 16.15 25.04 25.89
C ILE A 252 15.56 23.85 26.62
N GLN A 253 15.93 23.73 27.89
CA GLN A 253 15.33 22.75 28.79
C GLN A 253 14.60 23.50 29.89
N ASP A 254 13.32 23.19 30.07
CA ASP A 254 12.47 23.83 31.05
C ASP A 254 11.75 22.77 31.85
N GLY A 255 12.07 22.68 33.13
CA GLY A 255 11.42 21.73 34.04
C GLY A 255 11.59 20.28 33.64
N GLN A 256 12.80 19.91 33.18
CA GLN A 256 13.09 18.63 32.54
C GLN A 256 12.18 18.34 31.36
N ASP A 257 11.97 19.34 30.49
CA ASP A 257 11.33 19.14 29.20
C ASP A 257 12.13 19.87 28.14
N LEU A 258 12.32 19.23 26.99
CA LEU A 258 13.07 19.81 25.89
C LEU A 258 12.15 20.63 24.99
N LYS A 259 12.58 21.82 24.61
CA LYS A 259 11.77 22.70 23.78
C LYS A 259 12.64 23.39 22.75
N VAL A 260 12.05 23.68 21.59
CA VAL A 260 12.73 24.38 20.49
C VAL A 260 12.00 25.69 20.27
N VAL A 261 12.68 26.80 20.54
CA VAL A 261 12.07 28.13 20.51
C VAL A 261 12.88 29.01 19.56
N PRO A 262 12.26 29.74 18.63
CA PRO A 262 13.03 30.61 17.74
C PRO A 262 13.62 31.81 18.48
N ARG A 263 14.48 32.54 17.76
CA ARG A 263 15.30 33.58 18.39
C ARG A 263 14.49 34.82 18.75
N ARG A 264 13.31 35.00 18.18
CA ARG A 264 12.57 36.24 18.41
C ARG A 264 11.89 36.25 19.78
N LYS A 265 11.72 35.08 20.39
CA LYS A 265 10.96 34.96 21.63
C LYS A 265 11.81 34.49 22.80
N CYS A 266 13.09 34.82 22.82
CA CYS A 266 13.99 34.38 23.88
C CYS A 266 15.12 35.38 24.05
N LYS A 267 15.58 35.53 25.30
CA LYS A 267 16.65 36.44 25.64
C LYS A 267 17.63 35.73 26.56
N ILE A 268 18.92 35.82 26.21
CA ILE A 268 19.97 35.09 26.91
C ILE A 268 20.62 36.02 27.93
N ILE A 269 20.80 35.53 29.15
CA ILE A 269 21.45 36.26 30.23
C ILE A 269 22.60 35.41 30.75
N LYS A 270 23.80 35.99 30.76
CA LYS A 270 25.00 35.29 31.24
C LYS A 270 25.02 35.19 32.76
N GLY D 1 -28.09 12.25 18.35
CA GLY D 1 -28.58 12.70 17.06
C GLY D 1 -29.44 13.93 17.16
N PHE D 2 -29.62 14.63 16.04
CA PHE D 2 -30.42 15.85 16.03
C PHE D 2 -31.81 15.64 15.44
N LEU D 3 -32.30 14.41 15.39
CA LEU D 3 -33.61 14.16 14.79
C LEU D 3 -34.74 14.60 15.71
N ASP D 4 -34.60 14.36 17.01
CA ASP D 4 -35.51 14.95 17.98
C ASP D 4 -35.38 16.48 18.00
N GLY D 5 -34.20 17.00 17.72
CA GLY D 5 -34.04 18.43 17.57
C GLY D 5 -34.79 19.00 16.38
N ILE D 6 -34.92 18.22 15.31
CA ILE D 6 -35.72 18.63 14.16
C ILE D 6 -37.19 18.71 14.53
N GLU D 7 -37.69 17.71 15.26
CA GLU D 7 -39.10 17.73 15.68
C GLU D 7 -39.39 18.84 16.67
N LYS D 8 -38.50 19.06 17.65
CA LYS D 8 -38.69 20.11 18.63
C LYS D 8 -38.60 21.50 17.99
N ALA D 9 -37.71 21.69 17.02
CA ALA D 9 -37.61 22.98 16.35
C ALA D 9 -38.83 23.25 15.48
N GLN D 10 -39.46 22.21 14.93
CA GLN D 10 -40.70 22.41 14.20
C GLN D 10 -41.83 22.87 15.12
N GLU D 11 -41.93 22.27 16.32
CA GLU D 11 -42.94 22.72 17.28
C GLU D 11 -42.68 24.16 17.74
N GLU D 12 -41.41 24.50 17.93
CA GLU D 12 -41.05 25.83 18.42
C GLU D 12 -41.30 26.90 17.36
N HIS D 13 -41.03 26.59 16.09
CA HIS D 13 -41.32 27.56 15.03
C HIS D 13 -42.83 27.65 14.77
N GLU D 14 -43.57 26.57 15.03
CA GLU D 14 -45.02 26.66 14.92
C GLU D 14 -45.61 27.57 15.98
N LYS D 15 -44.95 27.69 17.14
CA LYS D 15 -45.41 28.66 18.13
C LYS D 15 -44.92 30.07 17.82
N TYR D 16 -43.60 30.29 17.83
CA TYR D 16 -43.04 31.63 17.92
C TYR D 16 -42.49 32.19 16.63
N HIS D 17 -42.39 31.38 15.56
CA HIS D 17 -41.85 31.76 14.25
C HIS D 17 -40.41 32.30 14.36
N ASN D 18 -39.50 31.44 14.79
CA ASN D 18 -38.10 31.80 14.91
C ASN D 18 -37.47 31.97 13.53
N ASN D 19 -36.26 32.53 13.52
CA ASN D 19 -35.43 32.52 12.32
C ASN D 19 -34.60 31.24 12.29
N TRP D 20 -33.70 31.14 11.32
CA TRP D 20 -33.01 29.87 11.14
C TRP D 20 -31.70 29.81 11.92
N ARG D 21 -31.01 30.93 12.11
CA ARG D 21 -29.78 30.91 12.92
C ARG D 21 -30.08 30.66 14.39
N ALA D 22 -31.23 31.15 14.87
CA ALA D 22 -31.63 30.91 16.25
C ALA D 22 -31.92 29.44 16.48
N MET D 23 -32.65 28.79 15.57
CA MET D 23 -32.95 27.37 15.73
C MET D 23 -31.72 26.51 15.54
N ALA D 24 -30.81 26.92 14.64
CA ALA D 24 -29.60 26.14 14.40
C ALA D 24 -28.63 26.25 15.58
N GLU D 25 -28.69 27.34 16.32
CA GLU D 25 -27.83 27.45 17.51
C GLU D 25 -28.49 26.87 18.76
N ASP D 26 -29.80 26.99 18.88
CA ASP D 26 -30.48 26.49 20.07
C ASP D 26 -30.62 24.98 20.04
N PHE D 27 -31.06 24.41 18.92
CA PHE D 27 -31.40 23.00 18.86
C PHE D 27 -30.30 22.13 18.29
N GLN D 28 -29.20 22.74 17.84
CA GLN D 28 -27.98 22.06 17.35
C GLN D 28 -28.28 21.16 16.16
N ILE D 29 -29.07 21.66 15.23
CA ILE D 29 -29.34 21.00 13.97
C ILE D 29 -28.51 21.72 12.90
N PRO D 30 -28.20 21.06 11.78
CA PRO D 30 -27.46 21.75 10.72
C PRO D 30 -28.30 22.84 10.07
N GLN D 31 -27.61 23.70 9.33
CA GLN D 31 -28.23 24.92 8.82
C GLN D 31 -29.21 24.67 7.68
N VAL D 32 -29.05 23.57 6.94
CA VAL D 32 -29.92 23.32 5.80
C VAL D 32 -31.33 22.97 6.24
N VAL D 33 -31.46 22.19 7.32
CA VAL D 33 -32.80 21.80 7.76
C VAL D 33 -33.48 22.97 8.46
N ALA D 34 -32.72 23.85 9.11
CA ALA D 34 -33.32 25.03 9.73
C ALA D 34 -33.81 26.02 8.68
N LYS D 35 -33.03 26.21 7.60
CA LYS D 35 -33.50 27.01 6.48
C LYS D 35 -34.71 26.37 5.80
N GLU D 36 -34.81 25.05 5.78
CA GLU D 36 -35.99 24.42 5.18
C GLU D 36 -37.23 24.58 6.05
N ILE D 37 -37.05 24.62 7.38
CA ILE D 37 -38.18 24.86 8.28
C ILE D 37 -38.73 26.27 8.09
N VAL D 38 -37.82 27.25 7.94
CA VAL D 38 -38.26 28.61 7.68
C VAL D 38 -38.86 28.73 6.27
N ALA D 39 -38.37 27.93 5.32
CA ALA D 39 -38.88 28.00 3.95
C ALA D 39 -40.28 27.40 3.83
N GLN D 40 -40.61 26.38 4.62
CA GLN D 40 -41.93 25.77 4.50
C GLN D 40 -43.04 26.55 5.18
N CYS D 41 -42.72 27.49 6.06
CA CYS D 41 -43.76 28.31 6.66
C CYS D 41 -44.26 29.32 5.66
N PRO D 42 -45.57 29.43 5.45
CA PRO D 42 -46.07 30.40 4.45
C PRO D 42 -46.01 31.83 4.92
N LYS D 43 -45.87 32.07 6.22
CA LYS D 43 -45.87 33.42 6.75
C LYS D 43 -44.48 34.03 6.85
N CYS D 44 -43.44 33.23 7.00
CA CYS D 44 -42.09 33.73 7.18
C CYS D 44 -41.33 33.69 5.86
N GLN D 45 -40.08 34.16 5.93
CA GLN D 45 -39.19 34.15 4.79
C GLN D 45 -37.77 34.11 5.31
N VAL D 46 -36.91 33.32 4.67
CA VAL D 46 -35.53 33.18 5.10
C VAL D 46 -34.74 34.39 4.62
N LYS D 47 -34.11 35.09 5.56
CA LYS D 47 -33.34 36.28 5.26
C LYS D 47 -32.29 36.54 6.34
N ILE E 204 32.06 -26.12 -45.22
CA ILE E 204 31.86 -27.23 -44.29
C ILE E 204 32.07 -26.76 -42.86
N ILE E 205 33.19 -26.09 -42.61
CA ILE E 205 33.49 -25.58 -41.28
C ILE E 205 32.59 -24.41 -40.93
N ALA E 206 32.32 -23.53 -41.92
CA ALA E 206 31.50 -22.34 -41.69
C ALA E 206 30.06 -22.71 -41.37
N SER E 207 29.56 -23.80 -41.95
CA SER E 207 28.23 -24.28 -41.62
C SER E 207 28.15 -24.77 -40.18
N ASP E 208 29.23 -25.37 -39.66
CA ASP E 208 29.23 -25.78 -38.27
C ASP E 208 29.32 -24.58 -37.34
N LEU E 209 29.99 -23.51 -37.79
CA LEU E 209 30.01 -22.27 -37.02
C LEU E 209 28.61 -21.66 -36.93
N GLN E 210 27.88 -21.64 -38.04
CA GLN E 210 26.52 -21.11 -38.03
C GLN E 210 25.59 -21.99 -37.20
N THR E 211 25.78 -23.32 -37.25
CA THR E 211 24.94 -24.22 -36.47
C THR E 211 25.19 -24.08 -34.97
N THR E 212 26.46 -23.90 -34.57
CA THR E 212 26.76 -23.71 -33.16
C THR E 212 26.27 -22.37 -32.64
N LYS E 213 26.31 -21.32 -33.49
CA LYS E 213 25.78 -20.03 -33.07
C LYS E 213 24.27 -20.07 -32.89
N LEU E 214 23.56 -20.69 -33.85
CA LEU E 214 22.10 -20.78 -33.76
C LEU E 214 21.66 -21.67 -32.60
N GLN E 215 22.39 -22.77 -32.35
CA GLN E 215 22.08 -23.62 -31.21
C GLN E 215 22.39 -22.95 -29.89
N ASN E 216 23.40 -22.07 -29.86
CA ASN E 216 23.68 -21.30 -28.65
C ASN E 216 22.55 -20.33 -28.33
N GLN E 217 22.01 -19.66 -29.35
CA GLN E 217 20.90 -18.73 -29.11
C GLN E 217 19.63 -19.47 -28.73
N ILE E 218 19.37 -20.62 -29.37
CA ILE E 218 18.21 -21.44 -29.03
C ILE E 218 18.31 -21.98 -27.60
N SER E 219 19.49 -22.44 -27.19
CA SER E 219 19.67 -22.94 -25.83
C SER E 219 19.63 -21.83 -24.79
N LYS E 220 19.95 -20.59 -25.16
CA LYS E 220 19.93 -19.50 -24.20
C LYS E 220 18.61 -18.75 -24.16
N ILE E 221 17.65 -19.10 -25.02
CA ILE E 221 16.33 -18.46 -24.94
C ILE E 221 15.56 -18.93 -23.70
N GLN E 222 15.35 -20.24 -23.56
CA GLN E 222 14.34 -20.74 -22.63
C GLN E 222 14.85 -21.91 -21.78
N ASN E 223 16.01 -21.73 -21.14
CA ASN E 223 16.50 -22.70 -20.17
C ASN E 223 16.28 -22.15 -18.75
N PHE E 224 15.06 -22.30 -18.23
CA PHE E 224 14.70 -21.80 -16.91
C PHE E 224 14.36 -22.95 -15.97
N ARG E 225 14.51 -22.68 -14.67
CA ARG E 225 14.12 -23.63 -13.62
C ARG E 225 13.05 -22.99 -12.74
N VAL E 226 12.15 -23.82 -12.21
CA VAL E 226 11.01 -23.33 -11.44
C VAL E 226 10.94 -24.10 -10.12
N TYR E 227 10.90 -23.36 -9.02
CA TYR E 227 10.60 -23.90 -7.70
C TYR E 227 9.21 -23.44 -7.29
N PHE E 228 8.29 -24.38 -7.16
CA PHE E 228 6.88 -24.07 -6.98
C PHE E 228 6.42 -24.52 -5.60
N ARG E 229 5.18 -24.18 -5.27
CA ARG E 229 4.55 -24.53 -4.01
C ARG E 229 3.12 -24.96 -4.28
N GLU E 230 2.79 -26.20 -3.95
CA GLU E 230 1.50 -26.74 -4.33
C GLU E 230 0.99 -27.69 -3.26
N GLY E 231 -0.28 -28.08 -3.41
CA GLY E 231 -0.89 -29.09 -2.57
C GLY E 231 -1.78 -28.49 -1.51
N ARG E 232 -2.29 -29.39 -0.67
CA ARG E 232 -3.09 -28.95 0.49
C ARG E 232 -2.19 -28.36 1.56
N ASP E 233 -1.18 -29.11 1.98
CA ASP E 233 -0.09 -28.58 2.79
C ASP E 233 0.95 -28.02 1.84
N GLN E 234 1.02 -26.70 1.76
CA GLN E 234 1.76 -26.02 0.69
C GLN E 234 3.25 -26.07 1.00
N GLN E 235 3.92 -27.09 0.48
CA GLN E 235 5.36 -27.27 0.63
C GLN E 235 6.06 -26.87 -0.65
N TRP E 236 7.35 -26.56 -0.53
CA TRP E 236 8.14 -26.21 -1.70
C TRP E 236 8.77 -27.46 -2.29
N LYS E 237 8.71 -27.59 -3.61
CA LYS E 237 9.17 -28.78 -4.30
C LYS E 237 10.23 -28.44 -5.34
N GLY E 238 10.85 -29.48 -5.87
CA GLY E 238 12.11 -29.38 -6.59
C GLY E 238 12.01 -28.72 -7.95
N PRO E 239 13.12 -28.71 -8.69
CA PRO E 239 13.16 -27.97 -9.95
C PRO E 239 12.33 -28.66 -11.03
N ALA E 240 11.70 -27.82 -11.84
CA ALA E 240 10.86 -28.28 -12.93
C ALA E 240 11.08 -27.36 -14.11
N THR E 241 10.52 -27.72 -15.26
CA THR E 241 10.79 -27.00 -16.50
C THR E 241 9.63 -26.08 -16.83
N LEU E 242 9.94 -24.83 -17.15
CA LEU E 242 8.92 -23.86 -17.51
C LEU E 242 8.46 -24.11 -18.95
N ILE E 243 7.16 -24.06 -19.18
CA ILE E 243 6.58 -24.26 -20.51
C ILE E 243 5.89 -22.99 -21.01
N TRP E 244 4.94 -22.49 -20.26
CA TRP E 244 4.18 -21.30 -20.63
C TRP E 244 4.11 -20.36 -19.44
N LYS E 245 4.32 -19.07 -19.69
CA LYS E 245 4.28 -18.06 -18.65
C LYS E 245 3.31 -16.97 -19.08
N GLY E 246 2.14 -16.94 -18.46
CA GLY E 246 1.20 -15.86 -18.62
C GLY E 246 1.24 -14.93 -17.42
N GLU E 247 0.43 -13.89 -17.48
CA GLU E 247 0.31 -12.97 -16.36
C GLU E 247 -0.60 -13.57 -15.31
N GLY E 248 -0.04 -13.93 -14.16
CA GLY E 248 -0.79 -14.48 -13.06
C GLY E 248 -0.50 -15.94 -12.77
N ALA E 249 -0.22 -16.74 -13.80
CA ALA E 249 0.04 -18.15 -13.60
C ALA E 249 1.04 -18.66 -14.64
N VAL E 250 1.64 -19.81 -14.33
CA VAL E 250 2.61 -20.48 -15.18
C VAL E 250 2.23 -21.96 -15.31
N VAL E 251 2.68 -22.57 -16.40
CA VAL E 251 2.54 -24.00 -16.64
C VAL E 251 3.92 -24.63 -16.59
N ILE E 252 4.09 -25.61 -15.71
CA ILE E 252 5.39 -26.26 -15.53
C ILE E 252 5.25 -27.74 -15.79
N GLN E 253 6.36 -28.36 -16.16
CA GLN E 253 6.45 -29.80 -16.35
C GLN E 253 7.36 -30.38 -15.28
N ASP E 254 6.82 -31.29 -14.49
CA ASP E 254 7.54 -31.90 -13.38
C ASP E 254 7.26 -33.40 -13.38
N GLY E 255 8.30 -34.20 -13.58
CA GLY E 255 8.18 -35.65 -13.53
C GLY E 255 7.25 -36.24 -14.57
N GLN E 256 7.25 -35.65 -15.78
CA GLN E 256 6.28 -35.92 -16.84
C GLN E 256 4.84 -35.73 -16.34
N ASP E 257 4.61 -34.61 -15.66
CA ASP E 257 3.27 -34.19 -15.27
C ASP E 257 3.18 -32.69 -15.43
N LEU E 258 2.12 -32.22 -16.10
CA LEU E 258 1.90 -30.80 -16.29
C LEU E 258 1.09 -30.25 -15.12
N LYS E 259 1.55 -29.12 -14.58
CA LYS E 259 0.87 -28.46 -13.47
C LYS E 259 0.72 -26.98 -13.78
N VAL E 260 -0.34 -26.39 -13.25
CA VAL E 260 -0.58 -24.96 -13.34
C VAL E 260 -0.42 -24.38 -11.94
N VAL E 261 0.53 -23.45 -11.78
CA VAL E 261 0.82 -22.83 -10.49
C VAL E 261 0.67 -21.32 -10.69
N PRO E 262 0.13 -20.57 -9.73
CA PRO E 262 0.16 -19.11 -9.87
C PRO E 262 1.57 -18.56 -9.72
N ARG E 263 1.78 -17.36 -10.24
CA ARG E 263 3.08 -16.71 -10.16
C ARG E 263 3.42 -16.23 -8.75
N ARG E 264 2.44 -16.19 -7.86
CA ARG E 264 2.63 -15.80 -6.48
C ARG E 264 3.14 -16.95 -5.62
N LYS E 265 3.19 -18.17 -6.16
CA LYS E 265 3.63 -19.35 -5.42
C LYS E 265 4.76 -20.08 -6.15
N CYS E 266 5.59 -19.36 -6.88
CA CYS E 266 6.68 -19.98 -7.61
C CYS E 266 7.81 -18.98 -7.82
N LYS E 267 9.02 -19.49 -7.92
CA LYS E 267 10.21 -18.71 -8.21
C LYS E 267 10.89 -19.27 -9.46
N ILE E 268 11.18 -18.39 -10.41
CA ILE E 268 11.76 -18.78 -11.70
C ILE E 268 13.21 -18.30 -11.73
N ILE E 269 14.14 -19.23 -11.89
CA ILE E 269 15.57 -18.94 -11.89
C ILE E 269 16.08 -19.06 -13.31
N LYS E 270 16.69 -17.98 -13.79
CA LYS E 270 17.23 -17.87 -15.13
C LYS E 270 18.70 -18.29 -15.13
N ASP E 271 19.41 -17.98 -16.21
CA ASP E 271 20.86 -18.16 -16.27
C ASP E 271 21.49 -16.84 -16.68
N TYR E 272 22.78 -16.70 -16.37
CA TYR E 272 23.50 -15.45 -16.65
C TYR E 272 23.72 -15.27 -18.14
N SER F 58 -32.40 13.70 -57.69
CA SER F 58 -32.95 13.84 -56.36
C SER F 58 -33.86 12.66 -56.01
N PRO F 59 -33.67 12.08 -54.82
CA PRO F 59 -34.38 10.86 -54.46
C PRO F 59 -35.77 11.07 -53.88
N LYS F 60 -36.22 12.32 -53.69
CA LYS F 60 -37.54 12.57 -53.15
C LYS F 60 -38.28 13.62 -53.96
N THR F 61 -38.24 13.51 -55.29
CA THR F 61 -38.95 14.43 -56.17
C THR F 61 -40.14 13.72 -56.78
N TRP F 62 -41.32 14.33 -56.65
CA TRP F 62 -42.55 13.77 -57.18
C TRP F 62 -43.20 14.79 -58.10
N GLN F 63 -43.90 14.28 -59.11
CA GLN F 63 -44.62 15.13 -60.05
C GLN F 63 -46.08 14.72 -60.08
N MET F 64 -46.98 15.70 -60.22
CA MET F 64 -48.40 15.40 -60.23
C MET F 64 -49.08 15.99 -61.45
N ASP F 65 -50.12 15.30 -61.93
CA ASP F 65 -50.94 15.79 -63.02
C ASP F 65 -52.32 15.13 -62.95
N CYS F 66 -53.24 15.65 -63.76
CA CYS F 66 -54.57 15.09 -63.92
C CYS F 66 -54.84 14.86 -65.40
N THR F 67 -55.71 13.91 -65.71
CA THR F 67 -56.04 13.59 -67.09
C THR F 67 -57.49 13.10 -67.14
N HIS F 68 -58.00 12.95 -68.38
CA HIS F 68 -59.38 12.58 -68.62
C HIS F 68 -59.43 11.22 -69.30
N LEU F 69 -60.39 10.39 -68.90
CA LEU F 69 -60.59 9.09 -69.53
C LEU F 69 -62.03 8.65 -69.27
N GLU F 70 -62.78 8.40 -70.35
CA GLU F 70 -64.18 7.96 -70.32
C GLU F 70 -65.07 8.95 -69.55
N GLY F 71 -64.79 10.24 -69.70
CA GLY F 71 -65.56 11.26 -69.01
C GLY F 71 -65.22 11.43 -67.54
N LYS F 72 -64.21 10.73 -67.04
CA LYS F 72 -63.81 10.84 -65.65
C LYS F 72 -62.57 11.71 -65.53
N VAL F 73 -62.11 11.90 -64.30
CA VAL F 73 -60.88 12.62 -64.00
C VAL F 73 -59.99 11.68 -63.20
N ILE F 74 -58.86 11.31 -63.76
CA ILE F 74 -57.88 10.46 -63.10
C ILE F 74 -56.67 11.31 -62.75
N ILE F 75 -56.24 11.26 -61.49
CA ILE F 75 -55.09 12.02 -61.03
C ILE F 75 -53.93 11.05 -60.82
N VAL F 76 -52.75 11.43 -61.32
CA VAL F 76 -51.58 10.56 -61.39
C VAL F 76 -50.40 11.29 -60.77
N ALA F 77 -49.73 10.63 -59.82
CA ALA F 77 -48.49 11.11 -59.22
C ALA F 77 -47.36 10.14 -59.52
N VAL F 78 -46.21 10.68 -59.91
CA VAL F 78 -45.09 9.90 -60.39
C VAL F 78 -43.84 10.25 -59.58
N HIS F 79 -43.22 9.22 -59.01
CA HIS F 79 -41.86 9.34 -58.50
C HIS F 79 -40.90 9.29 -59.67
N VAL F 80 -40.06 10.32 -59.77
CA VAL F 80 -39.33 10.61 -61.00
C VAL F 80 -38.11 9.71 -61.14
N ALA F 81 -37.35 9.54 -60.06
CA ALA F 81 -36.08 8.82 -60.14
C ALA F 81 -36.25 7.32 -60.31
N SER F 82 -37.47 6.79 -60.21
CA SER F 82 -37.74 5.38 -60.37
C SER F 82 -38.85 5.07 -61.35
N GLY F 83 -39.73 6.03 -61.64
CA GLY F 83 -40.89 5.74 -62.45
C GLY F 83 -42.00 5.05 -61.67
N TYR F 84 -42.24 5.47 -60.44
CA TYR F 84 -43.23 4.82 -59.60
C TYR F 84 -44.55 5.57 -59.70
N ILE F 85 -45.64 4.84 -59.85
CA ILE F 85 -46.93 5.41 -60.23
C ILE F 85 -47.94 5.18 -59.12
N GLU F 86 -48.60 6.24 -58.68
CA GLU F 86 -49.82 6.15 -57.89
C GLU F 86 -50.90 6.95 -58.59
N ALA F 87 -52.13 6.45 -58.54
CA ALA F 87 -53.22 7.07 -59.27
C ALA F 87 -54.54 6.84 -58.55
N GLU F 88 -55.48 7.76 -58.75
CA GLU F 88 -56.81 7.64 -58.16
C GLU F 88 -57.84 8.31 -59.06
N VAL F 89 -59.11 8.03 -58.78
CA VAL F 89 -60.23 8.53 -59.56
C VAL F 89 -61.01 9.51 -58.69
N LEU F 90 -60.96 10.79 -59.04
CA LEU F 90 -61.66 11.78 -58.26
C LEU F 90 -63.07 12.04 -58.81
N PRO F 91 -64.03 12.35 -57.94
CA PRO F 91 -65.38 12.70 -58.45
C PRO F 91 -65.45 14.06 -59.10
N ALA F 92 -64.50 14.95 -58.84
CA ALA F 92 -64.50 16.27 -59.45
C ALA F 92 -63.06 16.77 -59.53
N GLU F 93 -62.92 18.07 -59.80
CA GLU F 93 -61.61 18.70 -59.90
C GLU F 93 -61.46 19.86 -58.92
N THR F 94 -62.18 19.83 -57.81
CA THR F 94 -62.06 20.87 -56.81
C THR F 94 -60.77 20.67 -56.00
N GLY F 95 -60.39 21.71 -55.27
CA GLY F 95 -59.15 21.69 -54.53
C GLY F 95 -59.15 20.78 -53.32
N LYS F 96 -60.33 20.42 -52.82
CA LYS F 96 -60.40 19.56 -51.63
C LYS F 96 -59.99 18.14 -51.97
N GLU F 97 -60.37 17.64 -53.14
CA GLU F 97 -60.00 16.28 -53.52
C GLU F 97 -58.53 16.18 -53.90
N THR F 98 -57.98 17.22 -54.52
CA THR F 98 -56.55 17.24 -54.83
C THR F 98 -55.72 17.32 -53.55
N ALA F 99 -56.18 18.10 -52.57
CA ALA F 99 -55.48 18.18 -51.29
C ALA F 99 -55.60 16.88 -50.50
N HIS F 100 -56.72 16.19 -50.60
CA HIS F 100 -56.85 14.91 -49.90
C HIS F 100 -55.98 13.84 -50.53
N PHE F 101 -55.86 13.85 -51.86
CA PHE F 101 -54.94 12.94 -52.54
C PHE F 101 -53.50 13.22 -52.15
N LEU F 102 -53.12 14.49 -52.08
CA LEU F 102 -51.76 14.86 -51.67
C LEU F 102 -51.50 14.50 -50.21
N LEU F 103 -52.52 14.57 -49.35
CA LEU F 103 -52.33 14.23 -47.95
C LEU F 103 -52.14 12.73 -47.76
N LYS F 104 -52.89 11.90 -48.50
CA LYS F 104 -52.69 10.46 -48.44
C LYS F 104 -51.33 10.07 -49.01
N LEU F 105 -50.89 10.74 -50.08
CA LEU F 105 -49.59 10.45 -50.66
C LEU F 105 -48.45 10.83 -49.72
N ALA F 106 -48.58 11.98 -49.05
CA ALA F 106 -47.54 12.38 -48.10
C ALA F 106 -47.54 11.53 -46.85
N ALA F 107 -48.68 10.96 -46.48
CA ALA F 107 -48.72 10.06 -45.33
C ALA F 107 -48.20 8.67 -45.67
N ARG F 108 -48.16 8.30 -46.95
CA ARG F 108 -47.65 6.97 -47.30
C ARG F 108 -46.16 6.95 -47.58
N TRP F 109 -45.66 7.92 -48.35
CA TRP F 109 -44.28 7.96 -48.81
C TRP F 109 -43.64 9.29 -48.43
N PRO F 110 -42.32 9.32 -48.23
CA PRO F 110 -41.66 10.60 -47.94
C PRO F 110 -41.60 11.54 -49.13
N VAL F 111 -42.35 12.62 -49.08
CA VAL F 111 -42.40 13.62 -50.14
C VAL F 111 -41.72 14.88 -49.62
N LYS F 112 -40.78 15.40 -50.40
CA LYS F 112 -40.03 16.58 -49.98
C LYS F 112 -40.05 17.67 -51.03
N HIS F 113 -40.04 17.29 -52.30
CA HIS F 113 -39.96 18.25 -53.40
C HIS F 113 -40.98 17.86 -54.46
N LEU F 114 -41.91 18.77 -54.77
CA LEU F 114 -43.04 18.49 -55.63
C LEU F 114 -43.04 19.43 -56.82
N HIS F 115 -43.36 18.88 -57.99
CA HIS F 115 -43.42 19.65 -59.24
C HIS F 115 -44.78 19.43 -59.88
N THR F 116 -45.40 20.53 -60.31
CA THR F 116 -46.73 20.49 -60.90
C THR F 116 -46.80 21.47 -62.06
N ASP F 117 -48.00 21.58 -62.65
CA ASP F 117 -48.27 22.55 -63.68
C ASP F 117 -49.03 23.73 -63.09
N ASN F 118 -49.47 24.65 -63.95
CA ASN F 118 -50.24 25.82 -63.53
C ASN F 118 -51.72 25.52 -63.71
N GLY F 119 -52.24 24.64 -62.86
CA GLY F 119 -53.63 24.23 -62.91
C GLY F 119 -54.52 25.11 -62.05
N ASP F 120 -55.80 24.75 -62.04
CA ASP F 120 -56.79 25.49 -61.27
C ASP F 120 -57.03 24.89 -59.89
N ASN F 121 -56.84 23.58 -59.74
CA ASN F 121 -56.89 22.96 -58.42
C ASN F 121 -55.52 22.82 -57.78
N PHE F 122 -54.45 22.75 -58.57
CA PHE F 122 -53.10 22.70 -58.03
C PHE F 122 -52.65 24.03 -57.44
N THR F 123 -53.22 25.15 -57.89
CA THR F 123 -52.96 26.45 -57.29
C THR F 123 -54.17 26.78 -56.44
N SER F 124 -54.15 26.33 -55.18
CA SER F 124 -55.32 26.48 -54.33
C SER F 124 -54.88 26.57 -52.87
N SER F 125 -55.77 27.11 -52.05
CA SER F 125 -55.45 27.34 -50.65
C SER F 125 -55.40 26.04 -49.86
N ALA F 126 -56.19 25.04 -50.26
CA ALA F 126 -56.16 23.74 -49.58
C ALA F 126 -54.83 23.03 -49.84
N VAL F 127 -54.37 23.07 -51.09
CA VAL F 127 -53.08 22.47 -51.44
C VAL F 127 -51.93 23.23 -50.80
N GLN F 128 -52.07 24.55 -50.65
CA GLN F 128 -51.05 25.33 -49.96
C GLN F 128 -51.01 25.01 -48.47
N ALA F 129 -52.18 24.77 -47.86
CA ALA F 129 -52.24 24.42 -46.45
C ALA F 129 -51.66 23.03 -46.20
N VAL F 130 -51.91 22.10 -47.14
CA VAL F 130 -51.35 20.75 -47.02
C VAL F 130 -49.83 20.78 -47.16
N CYS F 131 -49.32 21.57 -48.10
CA CYS F 131 -47.87 21.68 -48.26
C CYS F 131 -47.21 22.39 -47.09
N TRP F 132 -47.90 23.35 -46.47
CA TRP F 132 -47.36 23.98 -45.27
C TRP F 132 -47.33 23.03 -44.09
N TRP F 133 -48.37 22.21 -43.93
CA TRP F 133 -48.41 21.31 -42.78
C TRP F 133 -47.46 20.14 -42.95
N ALA F 134 -47.24 19.67 -44.17
CA ALA F 134 -46.39 18.51 -44.41
C ALA F 134 -44.99 18.88 -44.87
N GLN F 135 -44.64 20.17 -44.93
CA GLN F 135 -43.29 20.67 -45.19
C GLN F 135 -42.76 20.23 -46.56
N ILE F 136 -43.51 20.53 -47.61
CA ILE F 136 -43.12 20.21 -48.97
C ILE F 136 -42.77 21.48 -49.71
N GLU F 137 -41.77 21.41 -50.59
CA GLU F 137 -41.39 22.52 -51.44
C GLU F 137 -42.09 22.37 -52.78
N HIS F 138 -42.96 23.33 -53.10
CA HIS F 138 -43.81 23.26 -54.28
C HIS F 138 -43.25 24.14 -55.39
N THR F 139 -43.14 23.57 -56.59
CA THR F 139 -42.70 24.32 -57.76
C THR F 139 -43.66 24.06 -58.92
N PHE F 140 -43.97 25.11 -59.66
CA PHE F 140 -44.83 25.03 -60.83
C PHE F 140 -43.97 25.09 -62.09
N SER F 141 -44.52 24.58 -63.18
CA SER F 141 -43.83 24.62 -64.47
C SER F 141 -44.38 25.76 -65.33
N VAL F 151 -42.70 13.44 -68.65
CA VAL F 151 -42.58 12.27 -67.79
C VAL F 151 -43.96 11.77 -67.38
N VAL F 152 -44.76 12.68 -66.82
CA VAL F 152 -46.12 12.32 -66.40
C VAL F 152 -47.00 12.04 -67.61
N GLU F 153 -46.78 12.75 -68.73
CA GLU F 153 -47.50 12.47 -69.96
C GLU F 153 -47.14 11.10 -70.52
N SER F 154 -45.87 10.71 -70.40
CA SER F 154 -45.45 9.39 -70.85
C SER F 154 -46.05 8.29 -69.97
N MET F 155 -46.09 8.52 -68.65
CA MET F 155 -46.69 7.52 -67.77
C MET F 155 -48.21 7.47 -67.93
N ASN F 156 -48.83 8.58 -68.29
CA ASN F 156 -50.25 8.56 -68.66
C ASN F 156 -50.46 7.74 -69.93
N HIS F 157 -49.56 7.87 -70.90
CA HIS F 157 -49.61 7.07 -72.13
C HIS F 157 -49.48 5.58 -71.83
N GLN F 158 -48.53 5.22 -70.96
CA GLN F 158 -48.33 3.83 -70.59
C GLN F 158 -49.53 3.27 -69.83
N LEU F 159 -50.10 4.06 -68.92
CA LEU F 159 -51.22 3.58 -68.13
C LEU F 159 -52.48 3.45 -68.97
N LYS F 160 -52.65 4.32 -69.97
CA LYS F 160 -53.78 4.20 -70.88
C LYS F 160 -53.67 2.95 -71.75
N THR F 161 -52.45 2.62 -72.19
CA THR F 161 -52.27 1.41 -73.00
C THR F 161 -52.51 0.14 -72.17
N ILE F 162 -52.08 0.14 -70.91
CA ILE F 162 -52.31 -1.03 -70.05
C ILE F 162 -53.80 -1.15 -69.72
N ILE F 163 -54.49 -0.01 -69.56
CA ILE F 163 -55.92 -0.02 -69.29
C ILE F 163 -56.69 -0.58 -70.49
N THR F 164 -56.27 -0.21 -71.70
CA THR F 164 -56.89 -0.81 -72.89
C THR F 164 -56.50 -2.27 -73.07
N GLN F 165 -55.39 -2.70 -72.46
CA GLN F 165 -55.00 -4.10 -72.57
C GLN F 165 -55.89 -4.99 -71.70
N ILE F 166 -56.18 -4.59 -70.47
CA ILE F 166 -56.93 -5.48 -69.57
C ILE F 166 -58.28 -4.89 -69.20
N ARG F 167 -58.91 -4.19 -70.16
CA ARG F 167 -60.20 -3.55 -69.89
C ARG F 167 -61.31 -4.56 -69.65
N ASP F 168 -61.27 -5.71 -70.32
CA ASP F 168 -62.39 -6.63 -70.35
C ASP F 168 -62.47 -7.55 -69.13
N GLN F 169 -61.54 -7.44 -68.18
CA GLN F 169 -61.60 -8.24 -66.97
C GLN F 169 -62.37 -7.59 -65.84
N ALA F 170 -62.67 -6.30 -65.94
CA ALA F 170 -63.36 -5.57 -64.89
C ALA F 170 -64.55 -4.81 -65.46
N GLU F 171 -65.59 -4.69 -64.65
CA GLU F 171 -66.81 -3.98 -65.07
C GLU F 171 -66.60 -2.48 -65.03
N LYS F 172 -66.25 -1.94 -63.87
CA LYS F 172 -66.11 -0.50 -63.69
C LYS F 172 -64.73 -0.04 -64.12
N ILE F 173 -64.53 1.28 -64.12
CA ILE F 173 -63.24 1.83 -64.50
C ILE F 173 -62.24 1.72 -63.34
N GLU F 174 -62.70 1.71 -62.09
CA GLU F 174 -61.82 1.81 -60.94
C GLU F 174 -60.99 0.55 -60.73
N THR F 175 -61.61 -0.62 -60.91
CA THR F 175 -60.87 -1.87 -60.80
C THR F 175 -59.85 -2.00 -61.94
N ALA F 176 -60.19 -1.47 -63.13
CA ALA F 176 -59.24 -1.45 -64.23
C ALA F 176 -58.06 -0.54 -63.93
N VAL F 177 -58.31 0.59 -63.26
CA VAL F 177 -57.25 1.52 -62.89
C VAL F 177 -56.30 0.88 -61.87
N GLN F 178 -56.85 0.19 -60.88
CA GLN F 178 -55.99 -0.40 -59.86
C GLN F 178 -55.24 -1.62 -60.37
N MET F 179 -55.84 -2.38 -61.29
CA MET F 179 -55.11 -3.49 -61.88
C MET F 179 -54.03 -3.02 -62.83
N ALA F 180 -54.27 -1.90 -63.54
CA ALA F 180 -53.23 -1.33 -64.38
C ALA F 180 -52.07 -0.75 -63.56
N VAL F 181 -52.38 -0.22 -62.37
CA VAL F 181 -51.34 0.27 -61.49
C VAL F 181 -50.47 -0.87 -60.99
N LEU F 182 -51.09 -2.00 -60.61
CA LEU F 182 -50.33 -3.16 -60.14
C LEU F 182 -49.48 -3.77 -61.26
N ILE F 183 -50.02 -3.80 -62.48
CA ILE F 183 -49.29 -4.34 -63.62
C ILE F 183 -48.06 -3.49 -63.93
N HIS F 184 -48.24 -2.16 -63.96
CA HIS F 184 -47.12 -1.27 -64.27
C HIS F 184 -46.07 -1.26 -63.17
N ASN F 185 -46.47 -1.43 -61.90
CA ASN F 185 -45.50 -1.35 -60.83
C ASN F 185 -44.71 -2.64 -60.64
N PHE F 186 -45.36 -3.81 -60.75
CA PHE F 186 -44.68 -5.06 -60.39
C PHE F 186 -44.58 -6.09 -61.51
N LYS F 187 -45.17 -5.85 -62.69
CA LYS F 187 -45.16 -6.83 -63.75
C LYS F 187 -44.50 -6.36 -65.03
N ARG F 188 -43.89 -5.18 -65.03
CA ARG F 188 -43.21 -4.64 -66.21
C ARG F 188 -41.75 -4.44 -65.84
N LYS F 189 -40.92 -5.45 -66.10
CA LYS F 189 -39.49 -5.37 -65.83
C LYS F 189 -38.73 -4.99 -67.09
N GLY F 190 -37.80 -4.07 -66.95
CA GLY F 190 -36.97 -3.62 -68.05
C GLY F 190 -35.75 -2.90 -67.52
N GLY F 191 -35.38 -1.82 -68.20
CA GLY F 191 -34.29 -0.99 -67.71
C GLY F 191 -32.92 -1.62 -67.94
N ILE F 192 -32.00 -1.26 -67.06
CA ILE F 192 -30.61 -1.70 -67.16
C ILE F 192 -30.44 -3.01 -66.42
N GLY F 193 -30.68 -3.00 -65.11
CA GLY F 193 -30.44 -4.18 -64.29
C GLY F 193 -31.48 -5.24 -64.43
N GLY F 194 -32.65 -4.91 -64.99
CA GLY F 194 -33.73 -5.88 -65.10
C GLY F 194 -34.69 -5.78 -63.94
N TYR F 195 -34.89 -4.58 -63.42
CA TYR F 195 -35.73 -4.35 -62.26
C TYR F 195 -37.02 -3.63 -62.68
N SER F 196 -38.05 -3.78 -61.87
CA SER F 196 -39.30 -3.06 -62.06
C SER F 196 -39.19 -1.72 -61.34
N ALA F 197 -40.32 -1.00 -61.24
CA ALA F 197 -40.28 0.33 -60.63
C ALA F 197 -40.23 0.26 -59.11
N GLY F 198 -40.88 -0.75 -58.52
CA GLY F 198 -40.92 -0.83 -57.06
C GLY F 198 -39.58 -1.17 -56.44
N GLU F 199 -38.82 -2.02 -57.10
CA GLU F 199 -37.49 -2.36 -56.60
C GLU F 199 -36.53 -1.17 -56.74
N ARG F 200 -36.72 -0.37 -57.80
CA ARG F 200 -35.92 0.83 -57.97
C ARG F 200 -36.21 1.87 -56.89
N ILE F 201 -37.48 2.11 -56.57
CA ILE F 201 -37.78 3.14 -55.57
C ILE F 201 -37.37 2.68 -54.17
N ILE F 202 -37.46 1.37 -53.89
CA ILE F 202 -37.03 0.86 -52.59
C ILE F 202 -35.52 0.97 -52.43
N ASP F 203 -34.77 0.66 -53.49
CA ASP F 203 -33.31 0.73 -53.41
C ASP F 203 -32.82 2.16 -53.29
N ILE F 204 -33.50 3.11 -53.95
CA ILE F 204 -33.10 4.51 -53.92
C ILE F 204 -33.27 5.11 -52.53
N ILE F 205 -34.45 4.92 -51.92
CA ILE F 205 -34.69 5.51 -50.61
C ILE F 205 -33.86 4.81 -49.53
N ALA F 206 -33.59 3.50 -49.70
CA ALA F 206 -32.75 2.79 -48.74
C ALA F 206 -31.31 3.30 -48.73
N SER F 207 -30.75 3.58 -49.91
CA SER F 207 -29.37 4.04 -49.97
C SER F 207 -29.21 5.45 -49.40
N ASP F 208 -30.18 6.33 -49.68
CA ASP F 208 -30.13 7.68 -49.12
C ASP F 208 -30.23 7.68 -47.59
N LEU F 209 -31.13 6.85 -47.06
CA LEU F 209 -31.28 6.72 -45.61
C LEU F 209 -30.01 6.19 -44.96
N GLN F 210 -29.33 5.24 -45.62
CA GLN F 210 -28.11 4.66 -45.06
C GLN F 210 -27.00 5.70 -44.94
N THR F 211 -26.91 6.62 -45.89
CA THR F 211 -25.89 7.68 -45.85
C THR F 211 -26.09 8.59 -44.64
N THR F 212 -27.29 9.18 -44.51
CA THR F 212 -27.51 10.15 -43.44
C THR F 212 -27.48 9.50 -42.05
N LYS F 213 -28.03 8.28 -41.94
CA LYS F 213 -27.97 7.61 -40.66
C LYS F 213 -26.57 7.16 -40.28
N LEU F 214 -25.68 6.93 -41.25
CA LEU F 214 -24.28 6.63 -40.92
C LEU F 214 -23.63 7.77 -40.16
N GLN F 215 -23.84 9.00 -40.66
CA GLN F 215 -23.21 10.15 -40.02
C GLN F 215 -23.78 10.41 -38.64
N ASN F 216 -25.02 10.00 -38.36
CA ASN F 216 -25.52 10.15 -36.99
C ASN F 216 -25.11 8.99 -36.08
N GLN F 217 -24.99 7.77 -36.63
CA GLN F 217 -24.76 6.59 -35.80
C GLN F 217 -23.36 6.56 -35.21
N ILE F 218 -22.39 7.23 -35.85
CA ILE F 218 -21.03 7.24 -35.29
C ILE F 218 -21.00 8.00 -33.96
N SER F 219 -21.64 9.17 -33.90
CA SER F 219 -21.70 9.92 -32.65
C SER F 219 -22.53 9.20 -31.61
N LYS F 220 -23.59 8.49 -32.05
CA LYS F 220 -24.38 7.68 -31.14
C LYS F 220 -23.56 6.58 -30.47
N ILE F 221 -22.65 5.95 -31.22
CA ILE F 221 -21.83 4.91 -30.60
C ILE F 221 -20.71 5.50 -29.78
N GLN F 222 -20.33 6.75 -29.99
CA GLN F 222 -19.30 7.37 -29.18
C GLN F 222 -19.85 8.04 -27.93
N ASN F 223 -21.16 7.93 -27.68
CA ASN F 223 -21.74 8.43 -26.44
C ASN F 223 -21.77 7.40 -25.30
N PHE F 224 -20.94 6.37 -25.35
CA PHE F 224 -20.82 5.40 -24.26
C PHE F 224 -19.56 5.69 -23.45
N ARG F 225 -19.49 5.11 -22.26
CA ARG F 225 -18.39 5.34 -21.34
C ARG F 225 -17.80 4.01 -20.90
N VAL F 226 -16.46 3.94 -20.80
CA VAL F 226 -15.73 2.71 -20.54
C VAL F 226 -14.90 2.88 -19.27
N TYR F 227 -15.01 1.93 -18.35
CA TYR F 227 -14.15 1.82 -17.18
C TYR F 227 -13.21 0.64 -17.40
N PHE F 228 -11.92 0.89 -17.36
CA PHE F 228 -10.94 -0.11 -17.75
C PHE F 228 -9.88 -0.29 -16.68
N ARG F 229 -9.05 -1.30 -16.86
CA ARG F 229 -7.95 -1.60 -15.95
C ARG F 229 -6.66 -1.74 -16.74
N GLU F 230 -5.60 -1.13 -16.26
CA GLU F 230 -4.28 -1.27 -16.87
C GLU F 230 -3.52 -2.40 -16.17
N GLY F 231 -2.22 -2.50 -16.43
CA GLY F 231 -1.45 -3.61 -15.90
C GLY F 231 -0.82 -3.34 -14.54
N ARG F 232 -0.99 -4.31 -13.64
CA ARG F 232 -0.45 -4.30 -12.27
C ARG F 232 -0.90 -3.08 -11.48
N ASP F 233 -2.16 -2.72 -11.62
CA ASP F 233 -2.83 -1.74 -10.77
C ASP F 233 -4.27 -2.20 -10.62
N GLN F 234 -4.75 -2.24 -9.38
CA GLN F 234 -6.01 -2.92 -9.08
C GLN F 234 -7.19 -1.98 -8.92
N GLN F 235 -7.10 -0.77 -9.46
CA GLN F 235 -8.21 0.18 -9.39
C GLN F 235 -8.73 0.47 -10.79
N TRP F 236 -10.04 0.71 -10.89
CA TRP F 236 -10.68 0.87 -12.18
C TRP F 236 -10.56 2.31 -12.63
N LYS F 237 -9.93 2.52 -13.79
CA LYS F 237 -9.64 3.86 -14.27
C LYS F 237 -10.89 4.51 -14.85
N GLY F 238 -10.79 5.82 -15.08
CA GLY F 238 -11.94 6.65 -15.23
C GLY F 238 -12.63 6.49 -16.56
N PRO F 239 -13.68 7.29 -16.78
CA PRO F 239 -14.56 7.08 -17.93
C PRO F 239 -14.00 7.55 -19.26
N ALA F 240 -13.24 6.71 -19.95
CA ALA F 240 -12.84 7.00 -21.32
C ALA F 240 -14.03 6.86 -22.26
N THR F 241 -13.84 7.21 -23.53
CA THR F 241 -14.92 7.12 -24.51
C THR F 241 -14.70 5.92 -25.42
N LEU F 242 -15.79 5.23 -25.74
CA LEU F 242 -15.73 4.07 -26.61
C LEU F 242 -15.56 4.51 -28.06
N ILE F 243 -14.76 3.75 -28.82
CA ILE F 243 -14.61 3.97 -30.26
C ILE F 243 -15.04 2.74 -31.05
N TRP F 244 -14.51 1.57 -30.72
CA TRP F 244 -14.94 0.35 -31.37
C TRP F 244 -14.81 -0.80 -30.40
N LYS F 245 -15.82 -1.67 -30.40
CA LYS F 245 -15.86 -2.84 -29.53
C LYS F 245 -15.69 -4.08 -30.39
N GLY F 246 -14.61 -4.83 -30.17
CA GLY F 246 -14.33 -6.01 -30.94
C GLY F 246 -14.74 -7.29 -30.24
N GLU F 247 -14.11 -8.38 -30.65
CA GLU F 247 -14.39 -9.67 -30.04
C GLU F 247 -13.38 -10.00 -28.95
N GLY F 248 -12.17 -9.46 -29.03
CA GLY F 248 -11.17 -9.70 -28.03
C GLY F 248 -10.47 -8.44 -27.59
N ALA F 249 -10.82 -7.31 -28.18
CA ALA F 249 -10.18 -6.05 -27.86
C ALA F 249 -11.19 -4.92 -27.95
N VAL F 250 -10.89 -3.81 -27.27
CA VAL F 250 -11.75 -2.64 -27.23
C VAL F 250 -10.86 -1.41 -27.43
N VAL F 251 -11.20 -0.59 -28.41
CA VAL F 251 -10.47 0.65 -28.68
C VAL F 251 -11.17 1.79 -27.96
N ILE F 252 -10.44 2.51 -27.12
CA ILE F 252 -10.99 3.63 -26.39
C ILE F 252 -10.12 4.86 -26.64
N GLN F 253 -10.73 6.02 -26.44
CA GLN F 253 -10.03 7.30 -26.43
C GLN F 253 -10.02 7.81 -25.00
N ASP F 254 -8.83 7.98 -24.45
CA ASP F 254 -8.65 8.38 -23.06
C ASP F 254 -7.65 9.51 -23.01
N GLY F 255 -8.13 10.71 -22.67
CA GLY F 255 -7.32 11.90 -22.57
C GLY F 255 -6.55 12.24 -23.84
N GLN F 256 -7.27 12.20 -24.97
CA GLN F 256 -6.70 12.35 -26.32
C GLN F 256 -5.60 11.34 -26.61
N ASP F 257 -5.76 10.11 -26.11
CA ASP F 257 -4.83 9.02 -26.44
C ASP F 257 -5.66 7.80 -26.81
N LEU F 258 -5.51 7.34 -28.05
CA LEU F 258 -6.20 6.14 -28.49
C LEU F 258 -5.42 4.92 -28.04
N LYS F 259 -6.08 4.02 -27.30
CA LYS F 259 -5.40 2.83 -26.83
C LYS F 259 -6.32 1.63 -26.94
N VAL F 260 -5.71 0.44 -26.89
CA VAL F 260 -6.39 -0.82 -27.08
C VAL F 260 -6.29 -1.63 -25.79
N VAL F 261 -7.43 -2.01 -25.24
CA VAL F 261 -7.50 -2.78 -23.99
C VAL F 261 -8.10 -4.14 -24.32
N PRO F 262 -7.75 -5.21 -23.61
CA PRO F 262 -8.46 -6.48 -23.78
C PRO F 262 -9.91 -6.39 -23.32
N ARG F 263 -10.71 -7.36 -23.77
CA ARG F 263 -12.15 -7.34 -23.51
C ARG F 263 -12.47 -7.68 -22.06
N ARG F 264 -11.65 -8.51 -21.42
CA ARG F 264 -11.91 -8.94 -20.06
C ARG F 264 -11.45 -7.92 -19.01
N LYS F 265 -11.01 -6.74 -19.43
CA LYS F 265 -10.55 -5.71 -18.50
C LYS F 265 -11.34 -4.40 -18.67
N CYS F 266 -12.55 -4.48 -19.20
CA CYS F 266 -13.36 -3.31 -19.53
C CYS F 266 -14.78 -3.49 -19.02
N LYS F 267 -15.45 -2.36 -18.79
CA LYS F 267 -16.87 -2.30 -18.45
C LYS F 267 -17.49 -1.14 -19.20
N ILE F 268 -18.45 -1.41 -20.06
CA ILE F 268 -19.05 -0.40 -20.93
C ILE F 268 -20.44 -0.06 -20.40
N ILE F 269 -20.61 1.18 -19.92
CA ILE F 269 -21.83 1.68 -19.33
C ILE F 269 -22.31 2.85 -20.19
N LYS F 270 -23.61 3.16 -20.08
CA LYS F 270 -24.14 4.42 -20.58
C LYS F 270 -24.17 5.50 -19.52
N ASP F 271 -24.25 5.13 -18.24
CA ASP F 271 -23.99 5.99 -17.08
C ASP F 271 -24.96 7.18 -17.02
N TYR F 272 -26.22 6.85 -16.74
CA TYR F 272 -27.23 7.88 -16.55
C TYR F 272 -26.99 8.64 -15.25
N GLY F 273 -26.21 9.72 -15.31
CA GLY F 273 -25.85 10.46 -14.12
C GLY F 273 -24.66 11.40 -14.32
N GLY G 5 -22.03 -25.52 -39.89
CA GLY G 5 -23.14 -24.93 -40.61
C GLY G 5 -24.41 -25.75 -40.51
N ILE G 6 -24.54 -26.73 -41.40
CA ILE G 6 -25.74 -27.56 -41.43
C ILE G 6 -25.78 -28.49 -40.23
N GLU G 7 -24.62 -29.03 -39.84
CA GLU G 7 -24.55 -29.86 -38.65
C GLU G 7 -24.79 -29.04 -37.38
N LYS G 8 -24.33 -27.79 -37.36
CA LYS G 8 -24.59 -26.92 -36.22
C LYS G 8 -26.07 -26.57 -36.11
N ALA G 9 -26.73 -26.33 -37.24
CA ALA G 9 -28.16 -26.10 -37.23
C ALA G 9 -28.93 -27.35 -36.82
N GLN G 10 -28.43 -28.53 -37.18
CA GLN G 10 -29.08 -29.76 -36.76
C GLN G 10 -28.94 -29.98 -35.26
N GLU G 11 -27.80 -29.59 -34.68
CA GLU G 11 -27.64 -29.66 -33.24
C GLU G 11 -28.55 -28.67 -32.52
N GLU G 12 -28.71 -27.48 -33.09
CA GLU G 12 -29.57 -26.47 -32.48
C GLU G 12 -31.03 -26.86 -32.56
N HIS G 13 -31.47 -27.42 -33.69
CA HIS G 13 -32.85 -27.86 -33.78
C HIS G 13 -33.09 -29.13 -32.98
N GLU G 14 -32.05 -29.94 -32.76
CA GLU G 14 -32.20 -31.11 -31.89
C GLU G 14 -32.45 -30.70 -30.45
N LYS G 15 -31.71 -29.70 -29.97
CA LYS G 15 -31.89 -29.27 -28.58
C LYS G 15 -33.12 -28.39 -28.42
N TYR G 16 -33.19 -27.28 -29.15
CA TYR G 16 -34.09 -26.19 -28.84
C TYR G 16 -35.28 -26.04 -29.78
N HIS G 17 -35.27 -26.74 -30.92
CA HIS G 17 -36.34 -26.74 -31.92
C HIS G 17 -36.61 -25.34 -32.48
N ASN G 18 -35.58 -24.75 -33.06
CA ASN G 18 -35.74 -23.48 -33.75
C ASN G 18 -36.49 -23.69 -35.05
N ASN G 19 -37.11 -22.61 -35.55
CA ASN G 19 -37.77 -22.68 -36.84
C ASN G 19 -36.76 -22.41 -37.95
N TRP G 20 -37.22 -22.51 -39.21
CA TRP G 20 -36.30 -22.46 -40.33
C TRP G 20 -35.80 -21.05 -40.61
N ARG G 21 -36.60 -20.02 -40.32
CA ARG G 21 -36.16 -18.66 -40.55
C ARG G 21 -35.09 -18.23 -39.55
N ALA G 22 -35.23 -18.65 -38.28
CA ALA G 22 -34.25 -18.28 -37.27
C ALA G 22 -32.93 -19.00 -37.51
N MET G 23 -32.98 -20.25 -37.98
CA MET G 23 -31.75 -20.97 -38.30
C MET G 23 -31.08 -20.38 -39.55
N ALA G 24 -31.88 -19.98 -40.55
CA ALA G 24 -31.31 -19.37 -41.75
C ALA G 24 -30.73 -18.01 -41.45
N GLU G 25 -31.26 -17.30 -40.46
CA GLU G 25 -30.69 -16.01 -40.08
C GLU G 25 -29.40 -16.20 -39.28
N ASP G 26 -29.46 -16.96 -38.19
CA ASP G 26 -28.33 -17.04 -37.26
C ASP G 26 -27.19 -17.89 -37.77
N PHE G 27 -27.43 -18.77 -38.75
CA PHE G 27 -26.36 -19.65 -39.23
C PHE G 27 -26.00 -19.43 -40.69
N GLN G 28 -26.74 -18.60 -41.41
CA GLN G 28 -26.48 -18.22 -42.81
C GLN G 28 -26.44 -19.44 -43.73
N ILE G 29 -27.57 -20.13 -43.80
CA ILE G 29 -27.75 -21.33 -44.62
C ILE G 29 -28.84 -20.98 -45.63
N PRO G 30 -28.82 -21.53 -46.85
CA PRO G 30 -29.96 -21.37 -47.76
C PRO G 30 -31.25 -21.96 -47.18
N GLN G 31 -32.37 -21.32 -47.52
CA GLN G 31 -33.64 -21.56 -46.86
C GLN G 31 -34.24 -22.93 -47.19
N VAL G 32 -33.83 -23.55 -48.30
CA VAL G 32 -34.34 -24.89 -48.59
C VAL G 32 -33.72 -25.92 -47.66
N VAL G 33 -32.47 -25.67 -47.23
CA VAL G 33 -31.82 -26.56 -46.27
C VAL G 33 -32.50 -26.46 -44.90
N ALA G 34 -32.82 -25.23 -44.48
CA ALA G 34 -33.48 -25.02 -43.20
C ALA G 34 -34.90 -25.56 -43.22
N LYS G 35 -35.59 -25.43 -44.37
CA LYS G 35 -36.92 -26.01 -44.51
C LYS G 35 -36.87 -27.54 -44.45
N GLU G 36 -35.83 -28.15 -45.02
CA GLU G 36 -35.72 -29.60 -44.96
C GLU G 36 -35.35 -30.08 -43.56
N ILE G 37 -34.54 -29.31 -42.83
CA ILE G 37 -34.19 -29.66 -41.46
C ILE G 37 -35.41 -29.59 -40.54
N VAL G 38 -36.24 -28.57 -40.73
CA VAL G 38 -37.46 -28.47 -39.94
C VAL G 38 -38.48 -29.53 -40.34
N ALA G 39 -38.57 -29.85 -41.64
CA ALA G 39 -39.49 -30.88 -42.11
C ALA G 39 -39.08 -32.28 -41.70
N GLN G 40 -37.79 -32.52 -41.46
CA GLN G 40 -37.31 -33.82 -41.03
C GLN G 40 -37.54 -34.08 -39.54
N CYS G 41 -37.97 -33.07 -38.77
CA CYS G 41 -38.22 -33.37 -37.36
C CYS G 41 -39.69 -33.72 -37.16
N PRO G 42 -39.97 -34.88 -36.56
CA PRO G 42 -41.38 -35.27 -36.36
C PRO G 42 -42.10 -34.47 -35.32
N LYS G 43 -41.38 -33.82 -34.39
CA LYS G 43 -42.00 -33.10 -33.28
C LYS G 43 -42.64 -31.79 -33.70
N CYS G 44 -42.35 -31.29 -34.89
CA CYS G 44 -42.86 -29.99 -35.32
C CYS G 44 -43.95 -30.15 -36.37
N SER G 58 -41.72 -13.70 -41.85
CA SER G 58 -41.84 -13.39 -43.27
C SER G 58 -41.98 -11.88 -43.47
N PRO G 59 -41.30 -11.35 -44.50
CA PRO G 59 -41.36 -9.92 -44.76
C PRO G 59 -42.56 -9.47 -45.58
N LYS G 60 -43.61 -10.29 -45.72
CA LYS G 60 -44.79 -9.89 -46.46
C LYS G 60 -46.09 -10.31 -45.77
N THR G 61 -46.11 -10.34 -44.43
CA THR G 61 -47.31 -10.70 -43.69
C THR G 61 -48.07 -9.42 -43.33
N TRP G 62 -49.32 -9.34 -43.74
CA TRP G 62 -50.16 -8.17 -43.50
C TRP G 62 -51.41 -8.58 -42.75
N GLN G 63 -51.69 -7.91 -41.64
CA GLN G 63 -52.91 -8.14 -40.88
C GLN G 63 -53.91 -7.03 -41.14
N MET G 64 -55.19 -7.35 -41.10
CA MET G 64 -56.22 -6.34 -41.31
C MET G 64 -57.29 -6.40 -40.22
N ASP G 65 -57.96 -5.27 -40.02
CA ASP G 65 -59.03 -5.15 -39.04
C ASP G 65 -59.90 -3.97 -39.39
N CYS G 66 -61.06 -3.89 -38.72
CA CYS G 66 -61.99 -2.79 -38.87
C CYS G 66 -62.52 -2.37 -37.51
N THR G 67 -62.68 -1.07 -37.31
CA THR G 67 -63.14 -0.53 -36.04
C THR G 67 -64.06 0.66 -36.32
N HIS G 68 -64.64 1.20 -35.24
CA HIS G 68 -65.63 2.27 -35.33
C HIS G 68 -65.16 3.48 -34.53
N LEU G 69 -65.44 4.67 -35.06
CA LEU G 69 -65.11 5.92 -34.36
C LEU G 69 -66.01 7.01 -34.91
N GLU G 70 -66.71 7.72 -34.01
CA GLU G 70 -67.64 8.81 -34.33
C GLU G 70 -68.76 8.36 -35.27
N GLY G 71 -69.18 7.10 -35.15
CA GLY G 71 -70.17 6.54 -36.03
C GLY G 71 -69.66 6.14 -37.40
N LYS G 72 -68.40 6.43 -37.72
CA LYS G 72 -67.78 6.06 -38.98
C LYS G 72 -67.09 4.72 -38.84
N VAL G 73 -66.71 4.15 -39.99
CA VAL G 73 -66.01 2.87 -40.04
C VAL G 73 -64.60 3.13 -40.55
N ILE G 74 -63.60 2.75 -39.75
CA ILE G 74 -62.19 2.89 -40.13
C ILE G 74 -61.65 1.49 -40.34
N ILE G 75 -60.95 1.29 -41.46
CA ILE G 75 -60.32 0.02 -41.77
C ILE G 75 -58.80 0.20 -41.72
N VAL G 76 -58.12 -0.66 -40.98
CA VAL G 76 -56.70 -0.52 -40.69
C VAL G 76 -55.97 -1.79 -41.11
N ALA G 77 -54.95 -1.63 -41.95
CA ALA G 77 -54.03 -2.70 -42.33
C ALA G 77 -52.68 -2.41 -41.70
N VAL G 78 -51.97 -3.45 -41.28
CA VAL G 78 -50.70 -3.29 -40.59
C VAL G 78 -49.70 -4.29 -41.15
N HIS G 79 -48.53 -3.78 -41.54
CA HIS G 79 -47.39 -4.64 -41.86
C HIS G 79 -46.66 -4.98 -40.57
N VAL G 80 -46.50 -6.29 -40.33
CA VAL G 80 -46.20 -6.80 -38.99
C VAL G 80 -44.71 -6.73 -38.66
N ALA G 81 -43.83 -6.96 -39.64
CA ALA G 81 -42.39 -6.95 -39.38
C ALA G 81 -41.85 -5.56 -39.09
N SER G 82 -42.62 -4.51 -39.34
CA SER G 82 -42.19 -3.15 -39.08
C SER G 82 -43.19 -2.31 -38.30
N GLY G 83 -44.47 -2.65 -38.30
CA GLY G 83 -45.47 -1.83 -37.65
C GLY G 83 -46.03 -0.75 -38.55
N TYR G 84 -45.95 -0.93 -39.86
CA TYR G 84 -46.32 0.11 -40.82
C TYR G 84 -47.84 0.10 -41.00
N ILE G 85 -48.46 1.27 -40.90
CA ILE G 85 -49.92 1.35 -40.86
C ILE G 85 -50.46 1.84 -42.19
N GLU G 86 -51.72 1.53 -42.44
CA GLU G 86 -52.48 2.11 -43.56
C GLU G 86 -53.95 2.10 -43.18
N ALA G 87 -54.59 3.27 -43.19
CA ALA G 87 -55.96 3.39 -42.73
C ALA G 87 -56.82 4.05 -43.79
N GLU G 88 -58.13 3.78 -43.73
CA GLU G 88 -59.08 4.38 -44.65
C GLU G 88 -60.44 4.52 -43.97
N VAL G 89 -61.20 5.52 -44.41
CA VAL G 89 -62.53 5.81 -43.87
C VAL G 89 -63.58 5.28 -44.86
N LEU G 90 -64.57 4.55 -44.34
CA LEU G 90 -65.56 3.98 -45.24
C LEU G 90 -66.96 4.47 -44.90
N PRO G 91 -67.78 4.73 -45.93
CA PRO G 91 -69.21 5.00 -45.68
C PRO G 91 -70.05 3.74 -45.48
N ALA G 92 -69.50 2.56 -45.77
CA ALA G 92 -70.23 1.32 -45.60
C ALA G 92 -69.26 0.20 -45.30
N GLU G 93 -69.76 -0.86 -44.67
CA GLU G 93 -68.96 -2.02 -44.29
C GLU G 93 -69.24 -3.22 -45.18
N THR G 94 -69.44 -2.97 -46.47
CA THR G 94 -69.72 -4.03 -47.43
C THR G 94 -68.43 -4.78 -47.80
N GLY G 95 -68.52 -5.63 -48.81
CA GLY G 95 -67.37 -6.38 -49.25
C GLY G 95 -66.64 -5.71 -50.40
N LYS G 96 -67.35 -4.87 -51.15
CA LYS G 96 -66.76 -4.23 -52.32
C LYS G 96 -65.74 -3.18 -51.93
N GLU G 97 -66.02 -2.39 -50.89
CA GLU G 97 -65.05 -1.38 -50.47
C GLU G 97 -63.86 -2.02 -49.77
N THR G 98 -64.07 -3.13 -49.07
CA THR G 98 -62.95 -3.87 -48.51
C THR G 98 -62.09 -4.49 -49.60
N ALA G 99 -62.72 -4.96 -50.67
CA ALA G 99 -61.98 -5.46 -51.82
C ALA G 99 -61.21 -4.34 -52.52
N HIS G 100 -61.78 -3.14 -52.57
CA HIS G 100 -61.07 -2.02 -53.17
C HIS G 100 -59.87 -1.60 -52.33
N PHE G 101 -60.03 -1.62 -50.99
CA PHE G 101 -58.92 -1.34 -50.09
C PHE G 101 -57.80 -2.36 -50.26
N LEU G 102 -58.14 -3.65 -50.32
CA LEU G 102 -57.12 -4.68 -50.48
C LEU G 102 -56.46 -4.62 -51.85
N LEU G 103 -57.21 -4.24 -52.88
CA LEU G 103 -56.63 -4.14 -54.22
C LEU G 103 -55.67 -2.97 -54.33
N LYS G 104 -55.99 -1.84 -53.70
CA LYS G 104 -55.07 -0.71 -53.70
C LYS G 104 -53.84 -1.01 -52.87
N LEU G 105 -53.99 -1.73 -51.76
CA LEU G 105 -52.84 -2.11 -50.96
C LEU G 105 -51.92 -3.06 -51.70
N ALA G 106 -52.49 -4.01 -52.46
CA ALA G 106 -51.67 -4.90 -53.25
C ALA G 106 -51.04 -4.20 -54.44
N ALA G 107 -51.70 -3.17 -54.96
CA ALA G 107 -51.12 -2.37 -56.04
C ALA G 107 -50.03 -1.43 -55.57
N ARG G 108 -49.96 -1.14 -54.27
CA ARG G 108 -48.93 -0.25 -53.73
C ARG G 108 -47.74 -0.99 -53.13
N TRP G 109 -48.00 -2.01 -52.32
CA TRP G 109 -46.96 -2.77 -51.65
C TRP G 109 -47.08 -4.25 -52.01
N PRO G 110 -45.97 -5.00 -52.00
CA PRO G 110 -46.07 -6.44 -52.28
C PRO G 110 -46.73 -7.21 -51.15
N VAL G 111 -47.97 -7.65 -51.38
CA VAL G 111 -48.76 -8.37 -50.38
C VAL G 111 -48.81 -9.84 -50.77
N LYS G 112 -48.42 -10.71 -49.84
CA LYS G 112 -48.35 -12.13 -50.08
C LYS G 112 -49.14 -12.98 -49.09
N HIS G 113 -49.15 -12.63 -47.81
CA HIS G 113 -49.76 -13.47 -46.78
C HIS G 113 -50.64 -12.60 -45.90
N LEU G 114 -51.95 -12.71 -46.09
CA LEU G 114 -52.93 -11.87 -45.42
C LEU G 114 -53.49 -12.61 -44.22
N HIS G 115 -53.69 -11.90 -43.12
CA HIS G 115 -54.21 -12.46 -41.88
C HIS G 115 -55.38 -11.59 -41.41
N THR G 116 -56.50 -12.23 -41.12
CA THR G 116 -57.70 -11.51 -40.67
C THR G 116 -58.37 -12.29 -39.55
N ASP G 117 -59.60 -11.87 -39.23
CA ASP G 117 -60.43 -12.53 -38.25
C ASP G 117 -61.70 -13.06 -38.90
N ASN G 118 -62.59 -13.59 -38.06
CA ASN G 118 -63.86 -14.14 -38.51
C ASN G 118 -64.89 -13.01 -38.58
N GLY G 119 -64.83 -12.26 -39.69
CA GLY G 119 -65.72 -11.15 -39.92
C GLY G 119 -66.75 -11.45 -41.00
N ASP G 120 -67.60 -10.45 -41.23
CA ASP G 120 -68.65 -10.57 -42.23
C ASP G 120 -68.20 -10.10 -43.61
N ASN G 121 -67.27 -9.14 -43.66
CA ASN G 121 -66.75 -8.66 -44.93
C ASN G 121 -65.52 -9.42 -45.37
N PHE G 122 -64.80 -10.04 -44.44
CA PHE G 122 -63.57 -10.77 -44.75
C PHE G 122 -63.83 -12.15 -45.35
N THR G 123 -65.08 -12.56 -45.46
CA THR G 123 -65.48 -13.77 -46.19
C THR G 123 -66.53 -13.31 -47.20
N SER G 124 -66.08 -12.96 -48.40
CA SER G 124 -66.96 -12.43 -49.41
C SER G 124 -66.44 -12.80 -50.79
N SER G 125 -67.33 -12.70 -51.78
CA SER G 125 -66.99 -13.11 -53.15
C SER G 125 -66.04 -12.12 -53.80
N ALA G 126 -66.22 -10.82 -53.54
CA ALA G 126 -65.33 -9.82 -54.11
C ALA G 126 -63.94 -9.89 -53.49
N VAL G 127 -63.86 -10.14 -52.18
CA VAL G 127 -62.58 -10.30 -51.51
C VAL G 127 -61.89 -11.57 -51.98
N GLN G 128 -62.66 -12.63 -52.23
CA GLN G 128 -62.10 -13.87 -52.75
C GLN G 128 -61.59 -13.70 -54.18
N ALA G 129 -62.30 -12.92 -55.00
CA ALA G 129 -61.83 -12.64 -56.35
C ALA G 129 -60.57 -11.79 -56.35
N VAL G 130 -60.47 -10.84 -55.41
CA VAL G 130 -59.28 -10.00 -55.31
C VAL G 130 -58.08 -10.80 -54.85
N CYS G 131 -58.28 -11.68 -53.87
CA CYS G 131 -57.19 -12.54 -53.38
C CYS G 131 -56.74 -13.53 -54.46
N TRP G 132 -57.68 -14.02 -55.27
CA TRP G 132 -57.32 -14.93 -56.35
C TRP G 132 -56.57 -14.21 -57.47
N TRP G 133 -56.98 -12.99 -57.81
CA TRP G 133 -56.32 -12.24 -58.85
C TRP G 133 -54.93 -11.76 -58.42
N ALA G 134 -54.76 -11.42 -57.16
CA ALA G 134 -53.51 -10.88 -56.65
C ALA G 134 -52.60 -11.92 -56.03
N GLN G 135 -53.05 -13.18 -55.97
CA GLN G 135 -52.27 -14.33 -55.48
C GLN G 135 -51.84 -14.14 -54.02
N ILE G 136 -52.83 -13.96 -53.15
CA ILE G 136 -52.61 -13.74 -51.73
C ILE G 136 -53.17 -14.93 -50.97
N GLU G 137 -52.40 -15.44 -50.00
CA GLU G 137 -52.85 -16.52 -49.14
C GLU G 137 -53.57 -15.93 -47.93
N HIS G 138 -54.87 -16.16 -47.86
CA HIS G 138 -55.72 -15.58 -46.83
C HIS G 138 -55.87 -16.55 -45.67
N THR G 139 -55.39 -16.17 -44.49
CA THR G 139 -55.48 -16.97 -43.28
C THR G 139 -56.29 -16.23 -42.23
N PHE G 140 -56.87 -17.00 -41.31
CA PHE G 140 -57.82 -16.48 -40.35
C PHE G 140 -57.33 -16.76 -38.93
N SER G 141 -57.79 -15.96 -37.98
CA SER G 141 -57.48 -16.17 -36.58
C SER G 141 -58.74 -16.52 -35.79
N GLY G 150 -52.62 -9.22 -30.80
CA GLY G 150 -51.70 -8.57 -29.88
C GLY G 150 -50.94 -7.42 -30.52
N VAL G 151 -50.95 -7.38 -31.85
CA VAL G 151 -50.29 -6.33 -32.61
C VAL G 151 -51.29 -5.35 -33.21
N VAL G 152 -52.38 -5.88 -33.78
CA VAL G 152 -53.38 -5.02 -34.43
C VAL G 152 -54.16 -4.23 -33.41
N GLU G 153 -54.43 -4.82 -32.23
CA GLU G 153 -55.12 -4.09 -31.17
C GLU G 153 -54.25 -2.97 -30.63
N SER G 154 -52.94 -3.23 -30.50
CA SER G 154 -52.00 -2.20 -30.06
C SER G 154 -51.89 -1.07 -31.07
N MET G 155 -51.87 -1.38 -32.36
CA MET G 155 -51.75 -0.33 -33.37
C MET G 155 -53.03 0.48 -33.50
N ASN G 156 -54.19 -0.16 -33.29
CA ASN G 156 -55.45 0.57 -33.27
C ASN G 156 -55.53 1.50 -32.07
N HIS G 157 -55.04 1.04 -30.91
CA HIS G 157 -55.01 1.86 -29.70
C HIS G 157 -54.09 3.07 -29.88
N GLN G 158 -52.91 2.86 -30.48
CA GLN G 158 -51.97 3.96 -30.70
C GLN G 158 -52.52 4.97 -31.70
N LEU G 159 -53.19 4.47 -32.76
CA LEU G 159 -53.78 5.37 -33.75
C LEU G 159 -54.92 6.19 -33.15
N LYS G 160 -55.71 5.58 -32.26
CA LYS G 160 -56.79 6.33 -31.62
C LYS G 160 -56.25 7.39 -30.67
N THR G 161 -55.13 7.12 -29.99
CA THR G 161 -54.55 8.14 -29.13
C THR G 161 -53.99 9.31 -29.92
N ILE G 162 -53.41 9.05 -31.10
CA ILE G 162 -52.94 10.14 -31.95
C ILE G 162 -54.12 10.94 -32.50
N ILE G 163 -55.22 10.26 -32.84
CA ILE G 163 -56.41 10.92 -33.37
C ILE G 163 -57.02 11.85 -32.32
N THR G 164 -57.14 11.39 -31.07
CA THR G 164 -57.62 12.28 -30.01
C THR G 164 -56.59 13.32 -29.63
N GLN G 165 -55.32 13.12 -29.97
CA GLN G 165 -54.31 14.13 -29.65
C GLN G 165 -54.37 15.33 -30.59
N ILE G 166 -54.62 15.12 -31.89
CA ILE G 166 -54.60 16.23 -32.84
C ILE G 166 -55.94 16.42 -33.53
N ARG G 167 -57.04 16.15 -32.81
CA ARG G 167 -58.37 16.19 -33.42
C ARG G 167 -58.78 17.62 -33.79
N ASP G 168 -58.38 18.60 -32.99
CA ASP G 168 -58.84 19.97 -33.16
C ASP G 168 -58.00 20.76 -34.18
N GLN G 169 -57.19 20.10 -34.99
CA GLN G 169 -56.47 20.77 -36.06
C GLN G 169 -57.13 20.59 -37.41
N ALA G 170 -58.14 19.72 -37.52
CA ALA G 170 -58.81 19.47 -38.78
C ALA G 170 -60.31 19.48 -38.54
N GLU G 171 -61.05 19.85 -39.58
CA GLU G 171 -62.51 19.90 -39.47
C GLU G 171 -63.14 18.53 -39.66
N LYS G 172 -62.89 17.90 -40.80
CA LYS G 172 -63.45 16.59 -41.09
C LYS G 172 -62.65 15.50 -40.39
N ILE G 173 -63.26 14.33 -40.26
CA ILE G 173 -62.61 13.22 -39.57
C ILE G 173 -61.52 12.58 -40.44
N GLU G 174 -61.67 12.59 -41.77
CA GLU G 174 -60.75 11.87 -42.63
C GLU G 174 -59.40 12.59 -42.73
N THR G 175 -59.42 13.91 -42.64
CA THR G 175 -58.17 14.66 -42.56
C THR G 175 -57.41 14.34 -41.29
N ALA G 176 -58.12 14.18 -40.17
CA ALA G 176 -57.47 13.81 -38.91
C ALA G 176 -56.94 12.39 -38.96
N VAL G 177 -57.62 11.50 -39.69
CA VAL G 177 -57.16 10.12 -39.82
C VAL G 177 -55.86 10.07 -40.63
N GLN G 178 -55.81 10.78 -41.76
CA GLN G 178 -54.61 10.75 -42.59
C GLN G 178 -53.44 11.49 -41.93
N MET G 179 -53.72 12.53 -41.14
CA MET G 179 -52.64 13.18 -40.40
C MET G 179 -52.13 12.29 -39.27
N ALA G 180 -53.01 11.51 -38.64
CA ALA G 180 -52.55 10.53 -37.66
C ALA G 180 -51.69 9.44 -38.29
N VAL G 181 -52.00 9.06 -39.53
CA VAL G 181 -51.19 8.06 -40.24
C VAL G 181 -49.81 8.61 -40.56
N LEU G 182 -49.73 9.88 -40.97
CA LEU G 182 -48.43 10.51 -41.21
C LEU G 182 -47.59 10.62 -39.95
N ILE G 183 -48.22 11.04 -38.84
CA ILE G 183 -47.50 11.20 -37.57
C ILE G 183 -47.07 9.85 -37.03
N HIS G 184 -47.87 8.80 -37.24
CA HIS G 184 -47.49 7.47 -36.76
C HIS G 184 -46.37 6.88 -37.60
N ASN G 185 -46.36 7.11 -38.90
CA ASN G 185 -45.37 6.47 -39.75
C ASN G 185 -44.03 7.18 -39.75
N PHE G 186 -44.02 8.52 -39.67
CA PHE G 186 -42.76 9.23 -39.87
C PHE G 186 -42.35 10.14 -38.73
N LYS G 187 -43.11 10.21 -37.64
CA LYS G 187 -42.77 11.11 -36.55
C LYS G 187 -42.62 10.41 -35.19
N ARG G 188 -42.78 9.09 -35.14
CA ARG G 188 -42.68 8.35 -33.87
C ARG G 188 -41.52 7.37 -33.96
N LYS G 189 -40.34 7.80 -33.51
CA LYS G 189 -39.14 6.97 -33.54
C LYS G 189 -38.94 6.35 -32.18
N GLY G 190 -39.69 5.27 -31.91
CA GLY G 190 -39.63 4.59 -30.64
C GLY G 190 -39.15 3.16 -30.81
N GLY G 191 -39.22 2.41 -29.71
CA GLY G 191 -38.90 1.00 -29.71
C GLY G 191 -37.47 0.75 -29.28
N ILE G 192 -36.98 -0.43 -29.67
CA ILE G 192 -35.63 -0.83 -29.27
C ILE G 192 -34.57 -0.19 -30.16
N GLY G 193 -34.69 -0.34 -31.47
CA GLY G 193 -33.67 0.13 -32.39
C GLY G 193 -33.60 1.63 -32.54
N GLY G 194 -34.74 2.30 -32.38
CA GLY G 194 -34.80 3.75 -32.55
C GLY G 194 -35.07 4.14 -33.99
N TYR G 195 -36.02 3.45 -34.62
CA TYR G 195 -36.37 3.69 -36.01
C TYR G 195 -37.88 3.86 -36.15
N SER G 196 -38.28 4.69 -37.09
CA SER G 196 -39.70 4.83 -37.40
C SER G 196 -40.14 3.70 -38.33
N ALA G 197 -41.44 3.67 -38.60
CA ALA G 197 -42.01 2.52 -39.31
C ALA G 197 -41.66 2.54 -40.80
N GLY G 198 -41.58 3.73 -41.41
CA GLY G 198 -41.32 3.80 -42.84
C GLY G 198 -39.90 3.43 -43.20
N GLU G 199 -38.92 3.91 -42.42
CA GLU G 199 -37.53 3.52 -42.62
C GLU G 199 -37.34 2.03 -42.32
N ARG G 200 -38.10 1.49 -41.38
CA ARG G 200 -38.00 0.07 -41.06
C ARG G 200 -38.50 -0.79 -42.21
N ILE G 201 -39.66 -0.46 -42.79
CA ILE G 201 -40.22 -1.31 -43.84
C ILE G 201 -39.39 -1.20 -45.12
N ILE G 202 -38.80 -0.03 -45.38
CA ILE G 202 -37.95 0.13 -46.55
C ILE G 202 -36.66 -0.68 -46.41
N ASP G 203 -36.05 -0.64 -45.22
CA ASP G 203 -34.82 -1.40 -45.01
C ASP G 203 -35.07 -2.90 -44.98
N ILE G 204 -36.25 -3.32 -44.50
CA ILE G 204 -36.56 -4.74 -44.41
C ILE G 204 -36.78 -5.34 -45.81
N ILE G 205 -37.55 -4.66 -46.64
CA ILE G 205 -37.82 -5.21 -47.97
C ILE G 205 -36.58 -5.10 -48.87
N ALA G 206 -35.76 -4.07 -48.69
CA ALA G 206 -34.51 -3.98 -49.45
C ALA G 206 -33.53 -5.08 -49.07
N SER G 207 -33.43 -5.41 -47.78
CA SER G 207 -32.52 -6.45 -47.35
C SER G 207 -33.01 -7.83 -47.75
N ASP G 208 -34.33 -8.05 -47.73
CA ASP G 208 -34.89 -9.30 -48.21
C ASP G 208 -34.68 -9.48 -49.70
N LEU G 209 -34.77 -8.39 -50.47
CA LEU G 209 -34.55 -8.45 -51.90
C LEU G 209 -33.10 -8.78 -52.23
N GLN G 210 -32.15 -8.20 -51.47
CA GLN G 210 -30.75 -8.53 -51.67
C GLN G 210 -30.45 -9.97 -51.29
N THR G 211 -31.12 -10.49 -50.26
CA THR G 211 -30.91 -11.89 -49.86
C THR G 211 -31.44 -12.85 -50.92
N THR G 212 -32.60 -12.53 -51.51
CA THR G 212 -33.12 -13.37 -52.59
C THR G 212 -32.27 -13.30 -53.84
N LYS G 213 -31.66 -12.14 -54.11
CA LYS G 213 -30.75 -12.03 -55.25
C LYS G 213 -29.49 -12.85 -55.03
N LEU G 214 -28.94 -12.82 -53.81
CA LEU G 214 -27.74 -13.61 -53.53
C LEU G 214 -28.03 -15.10 -53.51
N GLN G 215 -29.22 -15.50 -53.04
CA GLN G 215 -29.58 -16.91 -53.08
C GLN G 215 -29.88 -17.39 -54.50
N ASN G 216 -30.32 -16.50 -55.39
CA ASN G 216 -30.49 -16.89 -56.78
C ASN G 216 -29.15 -16.91 -57.52
N GLN G 217 -28.21 -16.03 -57.14
CA GLN G 217 -26.94 -15.95 -57.85
C GLN G 217 -25.99 -17.04 -57.40
N ILE G 218 -26.02 -17.40 -56.12
CA ILE G 218 -25.19 -18.46 -55.60
C ILE G 218 -25.94 -19.79 -55.60
N PHE H 2 -28.55 27.35 -31.40
CA PHE H 2 -29.05 26.95 -30.09
C PHE H 2 -30.50 27.36 -29.93
N LEU H 3 -30.73 28.68 -29.87
CA LEU H 3 -32.09 29.22 -29.77
C LEU H 3 -32.88 28.91 -31.02
N ASP H 4 -32.22 28.81 -32.18
CA ASP H 4 -32.88 28.34 -33.38
C ASP H 4 -33.34 26.90 -33.23
N GLY H 5 -32.53 26.07 -32.58
CA GLY H 5 -32.94 24.71 -32.28
C GLY H 5 -34.12 24.63 -31.34
N ILE H 6 -34.17 25.53 -30.36
CA ILE H 6 -35.30 25.55 -29.42
C ILE H 6 -36.57 26.02 -30.12
N GLU H 7 -36.46 27.01 -31.02
CA GLU H 7 -37.62 27.51 -31.74
C GLU H 7 -38.16 26.48 -32.73
N LYS H 8 -37.26 25.79 -33.43
CA LYS H 8 -37.70 24.73 -34.34
C LYS H 8 -38.30 23.55 -33.59
N ALA H 9 -37.76 23.25 -32.39
CA ALA H 9 -38.32 22.18 -31.59
C ALA H 9 -39.72 22.51 -31.08
N GLN H 10 -39.96 23.76 -30.72
CA GLN H 10 -41.29 24.14 -30.24
C GLN H 10 -42.30 24.17 -31.37
N GLU H 11 -41.90 24.61 -32.56
CA GLU H 11 -42.83 24.63 -33.70
C GLU H 11 -43.14 23.22 -34.18
N GLU H 12 -42.13 22.34 -34.21
CA GLU H 12 -42.35 20.97 -34.63
C GLU H 12 -43.19 20.20 -33.61
N HIS H 13 -43.00 20.47 -32.31
CA HIS H 13 -43.88 19.86 -31.32
C HIS H 13 -45.28 20.43 -31.38
N GLU H 14 -45.43 21.69 -31.77
CA GLU H 14 -46.76 22.27 -31.90
C GLU H 14 -47.51 21.63 -33.06
N LYS H 15 -46.80 21.21 -34.10
CA LYS H 15 -47.44 20.49 -35.20
C LYS H 15 -47.71 19.03 -34.86
N TYR H 16 -46.66 18.29 -34.47
CA TYR H 16 -46.69 16.83 -34.47
C TYR H 16 -46.65 16.19 -33.08
N HIS H 17 -46.32 16.94 -32.02
CA HIS H 17 -46.26 16.46 -30.64
C HIS H 17 -45.26 15.32 -30.45
N ASN H 18 -43.99 15.62 -30.71
CA ASN H 18 -42.95 14.61 -30.61
C ASN H 18 -42.57 14.36 -29.16
N ASN H 19 -41.90 13.23 -28.92
CA ASN H 19 -41.38 12.89 -27.60
C ASN H 19 -40.04 13.58 -27.39
N TRP H 20 -39.54 13.52 -26.16
CA TRP H 20 -38.37 14.34 -25.83
C TRP H 20 -37.06 13.71 -26.28
N ARG H 21 -36.99 12.38 -26.37
CA ARG H 21 -35.77 11.74 -26.84
C ARG H 21 -35.52 12.05 -28.31
N ALA H 22 -36.58 12.01 -29.12
CA ALA H 22 -36.45 12.30 -30.54
C ALA H 22 -36.12 13.76 -30.79
N MET H 23 -36.73 14.67 -30.01
CA MET H 23 -36.45 16.09 -30.20
C MET H 23 -35.03 16.44 -29.78
N ALA H 24 -34.53 15.82 -28.71
CA ALA H 24 -33.16 16.04 -28.28
C ALA H 24 -32.16 15.48 -29.29
N GLU H 25 -32.47 14.33 -29.90
CA GLU H 25 -31.54 13.77 -30.87
C GLU H 25 -31.59 14.48 -32.21
N ASP H 26 -32.75 15.01 -32.60
CA ASP H 26 -32.87 15.71 -33.86
C ASP H 26 -32.31 17.12 -33.80
N PHE H 27 -32.86 17.97 -32.92
CA PHE H 27 -32.58 19.39 -32.94
C PHE H 27 -31.35 19.76 -32.12
N GLN H 28 -30.65 18.77 -31.54
CA GLN H 28 -29.36 18.93 -30.88
C GLN H 28 -29.44 19.89 -29.68
N ILE H 29 -30.42 19.63 -28.82
CA ILE H 29 -30.62 20.39 -27.60
C ILE H 29 -30.47 19.42 -26.43
N PRO H 30 -30.13 19.90 -25.23
CA PRO H 30 -30.04 19.00 -24.08
C PRO H 30 -31.41 18.47 -23.67
N GLN H 31 -31.36 17.36 -22.92
CA GLN H 31 -32.56 16.58 -22.65
C GLN H 31 -33.50 17.26 -21.66
N VAL H 32 -32.97 18.09 -20.77
CA VAL H 32 -33.82 18.78 -19.80
C VAL H 32 -34.66 19.85 -20.47
N VAL H 33 -34.14 20.47 -21.54
CA VAL H 33 -34.89 21.47 -22.29
C VAL H 33 -36.03 20.81 -23.07
N ALA H 34 -35.75 19.66 -23.69
CA ALA H 34 -36.77 18.95 -24.45
C ALA H 34 -37.83 18.38 -23.54
N LYS H 35 -37.44 17.93 -22.34
CA LYS H 35 -38.44 17.44 -21.39
C LYS H 35 -39.31 18.57 -20.86
N GLU H 36 -38.75 19.78 -20.76
CA GLU H 36 -39.58 20.93 -20.37
C GLU H 36 -40.57 21.31 -21.48
N ILE H 37 -40.14 21.21 -22.74
CA ILE H 37 -41.03 21.49 -23.88
C ILE H 37 -42.19 20.51 -23.90
N VAL H 38 -41.94 19.24 -23.59
CA VAL H 38 -43.01 18.26 -23.51
C VAL H 38 -43.89 18.53 -22.29
N ALA H 39 -43.29 18.93 -21.16
CA ALA H 39 -44.05 19.11 -19.93
C ALA H 39 -44.90 20.38 -19.93
N GLN H 40 -44.62 21.33 -20.81
CA GLN H 40 -45.43 22.55 -20.91
C GLN H 40 -46.65 22.39 -21.80
N CYS H 41 -46.83 21.24 -22.44
CA CYS H 41 -47.93 21.08 -23.39
C CYS H 41 -49.17 20.56 -22.66
N PRO H 42 -50.35 21.11 -22.93
CA PRO H 42 -51.56 20.65 -22.23
C PRO H 42 -52.08 19.31 -22.69
N LYS H 43 -51.88 18.93 -23.95
CA LYS H 43 -52.41 17.68 -24.47
C LYS H 43 -51.52 16.48 -24.18
N CYS H 44 -50.28 16.71 -23.75
CA CYS H 44 -49.36 15.63 -23.44
C CYS H 44 -49.30 15.31 -21.95
N GLN H 45 -50.33 15.69 -21.20
CA GLN H 45 -50.38 15.41 -19.78
C GLN H 45 -51.83 15.38 -19.29
N SER H 58 -47.38 -0.79 -17.51
CA SER H 58 -46.39 -0.30 -16.56
C SER H 58 -45.20 -1.25 -16.53
N PRO H 59 -43.99 -0.71 -16.34
CA PRO H 59 -42.80 -1.55 -16.37
C PRO H 59 -42.55 -2.34 -15.09
N LYS H 60 -43.42 -2.30 -14.09
CA LYS H 60 -43.18 -3.04 -12.85
C LYS H 60 -44.41 -3.80 -12.38
N THR H 61 -45.26 -4.25 -13.30
CA THR H 61 -46.43 -5.03 -12.97
C THR H 61 -46.23 -6.49 -13.37
N TRP H 62 -46.64 -7.39 -12.48
CA TRP H 62 -46.52 -8.82 -12.73
C TRP H 62 -47.88 -9.47 -12.49
N GLN H 63 -48.09 -10.63 -13.10
CA GLN H 63 -49.28 -11.45 -12.87
C GLN H 63 -48.88 -12.84 -12.40
N MET H 64 -49.69 -13.44 -11.54
CA MET H 64 -49.38 -14.79 -11.05
C MET H 64 -50.57 -15.73 -11.18
N ASP H 65 -50.27 -17.03 -11.31
CA ASP H 65 -51.29 -18.05 -11.40
C ASP H 65 -50.68 -19.40 -11.04
N CYS H 66 -51.54 -20.36 -10.69
CA CYS H 66 -51.15 -21.74 -10.47
C CYS H 66 -51.86 -22.63 -11.49
N THR H 67 -51.25 -23.78 -11.79
CA THR H 67 -51.83 -24.73 -12.73
C THR H 67 -51.37 -26.13 -12.37
N HIS H 68 -51.91 -27.12 -13.09
CA HIS H 68 -51.65 -28.51 -12.80
C HIS H 68 -51.11 -29.22 -14.04
N LEU H 69 -50.18 -30.15 -13.80
CA LEU H 69 -49.60 -30.94 -14.88
C LEU H 69 -49.02 -32.21 -14.26
N GLU H 70 -49.54 -33.37 -14.68
CA GLU H 70 -49.08 -34.70 -14.24
C GLU H 70 -49.21 -34.87 -12.72
N GLY H 71 -50.26 -34.29 -12.15
CA GLY H 71 -50.47 -34.34 -10.71
C GLY H 71 -49.66 -33.37 -9.91
N LYS H 72 -48.84 -32.54 -10.53
CA LYS H 72 -48.01 -31.55 -9.86
C LYS H 72 -48.70 -30.20 -9.87
N VAL H 73 -48.15 -29.27 -9.12
CA VAL H 73 -48.61 -27.88 -9.10
C VAL H 73 -47.50 -27.02 -9.65
N ILE H 74 -47.77 -26.31 -10.75
CA ILE H 74 -46.82 -25.39 -11.35
C ILE H 74 -47.32 -23.98 -11.12
N ILE H 75 -46.50 -23.13 -10.48
CA ILE H 75 -46.84 -21.74 -10.28
C ILE H 75 -46.04 -20.91 -11.29
N VAL H 76 -46.73 -19.95 -11.91
CA VAL H 76 -46.20 -19.18 -13.03
C VAL H 76 -46.37 -17.70 -12.72
N ALA H 77 -45.31 -16.92 -12.93
CA ALA H 77 -45.36 -15.47 -12.87
C ALA H 77 -44.92 -14.91 -14.21
N VAL H 78 -45.62 -13.88 -14.68
CA VAL H 78 -45.37 -13.32 -16.01
C VAL H 78 -45.29 -11.80 -15.93
N HIS H 79 -44.19 -11.26 -16.44
CA HIS H 79 -44.05 -9.83 -16.69
C HIS H 79 -44.88 -9.48 -17.92
N VAL H 80 -45.75 -8.48 -17.75
CA VAL H 80 -46.88 -8.26 -18.66
C VAL H 80 -46.45 -7.50 -19.91
N ALA H 81 -45.64 -6.45 -19.74
CA ALA H 81 -45.28 -5.61 -20.88
C ALA H 81 -44.30 -6.27 -21.83
N SER H 82 -43.61 -7.33 -21.40
CA SER H 82 -42.65 -8.02 -22.25
C SER H 82 -42.96 -9.49 -22.48
N GLY H 83 -43.73 -10.14 -21.63
CA GLY H 83 -43.99 -11.55 -21.79
C GLY H 83 -42.94 -12.45 -21.19
N TYR H 84 -42.42 -12.10 -20.02
CA TYR H 84 -41.28 -12.82 -19.45
C TYR H 84 -41.75 -13.74 -18.33
N ILE H 85 -41.34 -15.02 -18.40
CA ILE H 85 -41.91 -16.07 -17.57
C ILE H 85 -40.90 -16.52 -16.53
N GLU H 86 -41.35 -16.65 -15.28
CA GLU H 86 -40.64 -17.37 -14.23
C GLU H 86 -41.58 -18.41 -13.63
N ALA H 87 -41.16 -19.67 -13.57
CA ALA H 87 -42.04 -20.75 -13.14
C ALA H 87 -41.34 -21.67 -12.15
N GLU H 88 -42.15 -22.39 -11.37
CA GLU H 88 -41.62 -23.34 -10.40
C GLU H 88 -42.65 -24.43 -10.14
N VAL H 89 -42.20 -25.50 -9.50
CA VAL H 89 -43.04 -26.65 -9.15
C VAL H 89 -43.23 -26.63 -7.64
N LEU H 90 -44.47 -26.66 -7.19
CA LEU H 90 -44.65 -26.58 -5.76
C LEU H 90 -44.98 -27.95 -5.17
N PRO H 91 -44.56 -28.22 -3.93
CA PRO H 91 -44.96 -29.47 -3.30
C PRO H 91 -46.39 -29.48 -2.80
N ALA H 92 -47.00 -28.31 -2.63
CA ALA H 92 -48.36 -28.21 -2.13
C ALA H 92 -48.99 -26.95 -2.72
N GLU H 93 -50.09 -26.49 -2.12
CA GLU H 93 -50.69 -25.24 -2.54
C GLU H 93 -51.11 -24.43 -1.31
N THR H 94 -50.23 -24.36 -0.31
CA THR H 94 -50.50 -23.57 0.88
C THR H 94 -50.12 -22.12 0.61
N GLY H 95 -50.28 -21.28 1.62
CA GLY H 95 -49.94 -19.88 1.50
C GLY H 95 -48.49 -19.61 1.80
N LYS H 96 -47.84 -20.53 2.50
CA LYS H 96 -46.44 -20.35 2.84
C LYS H 96 -45.53 -20.57 1.64
N GLU H 97 -45.88 -21.52 0.78
CA GLU H 97 -45.08 -21.74 -0.42
C GLU H 97 -45.31 -20.66 -1.46
N THR H 98 -46.54 -20.14 -1.57
CA THR H 98 -46.79 -19.00 -2.44
C THR H 98 -46.09 -17.75 -1.93
N ALA H 99 -46.01 -17.60 -0.60
CA ALA H 99 -45.28 -16.47 -0.03
C ALA H 99 -43.78 -16.59 -0.26
N HIS H 100 -43.25 -17.82 -0.25
CA HIS H 100 -41.82 -17.98 -0.52
C HIS H 100 -41.50 -17.72 -1.99
N PHE H 101 -42.40 -18.12 -2.90
CA PHE H 101 -42.18 -17.83 -4.31
C PHE H 101 -42.26 -16.34 -4.59
N LEU H 102 -43.18 -15.63 -3.94
CA LEU H 102 -43.29 -14.19 -4.13
C LEU H 102 -42.09 -13.45 -3.53
N LEU H 103 -41.55 -13.95 -2.43
CA LEU H 103 -40.37 -13.31 -1.84
C LEU H 103 -39.13 -13.50 -2.69
N LYS H 104 -38.97 -14.69 -3.31
CA LYS H 104 -37.84 -14.90 -4.22
C LYS H 104 -37.97 -14.04 -5.46
N LEU H 105 -39.18 -13.92 -6.00
CA LEU H 105 -39.38 -13.09 -7.19
C LEU H 105 -39.12 -11.63 -6.90
N ALA H 106 -39.62 -11.11 -5.77
CA ALA H 106 -39.38 -9.73 -5.41
C ALA H 106 -37.92 -9.46 -5.04
N ALA H 107 -37.17 -10.48 -4.64
CA ALA H 107 -35.76 -10.31 -4.37
C ALA H 107 -34.92 -10.32 -5.63
N ARG H 108 -35.45 -10.81 -6.75
CA ARG H 108 -34.66 -10.86 -7.97
C ARG H 108 -35.02 -9.78 -8.99
N TRP H 109 -36.28 -9.43 -9.14
CA TRP H 109 -36.73 -8.40 -10.05
C TRP H 109 -37.48 -7.31 -9.30
N PRO H 110 -37.45 -6.06 -9.77
CA PRO H 110 -38.21 -5.00 -9.07
C PRO H 110 -39.71 -5.10 -9.29
N VAL H 111 -40.44 -5.56 -8.26
CA VAL H 111 -41.87 -5.80 -8.33
C VAL H 111 -42.57 -4.73 -7.52
N LYS H 112 -43.52 -4.03 -8.15
CA LYS H 112 -44.26 -2.97 -7.50
C LYS H 112 -45.76 -3.17 -7.49
N HIS H 113 -46.31 -4.00 -8.37
CA HIS H 113 -47.75 -4.15 -8.51
C HIS H 113 -48.06 -5.57 -8.96
N LEU H 114 -48.75 -6.33 -8.10
CA LEU H 114 -49.01 -7.73 -8.33
C LEU H 114 -50.49 -7.93 -8.61
N HIS H 115 -50.81 -8.66 -9.69
CA HIS H 115 -52.17 -8.90 -10.11
C HIS H 115 -52.44 -10.41 -10.07
N THR H 116 -53.46 -10.80 -9.31
CA THR H 116 -53.80 -12.22 -9.14
C THR H 116 -55.31 -12.37 -9.21
N ASP H 117 -55.78 -13.60 -9.01
CA ASP H 117 -57.20 -13.87 -8.93
C ASP H 117 -57.58 -14.18 -7.49
N ASN H 118 -58.86 -14.51 -7.28
CA ASN H 118 -59.40 -14.66 -5.94
C ASN H 118 -59.31 -16.10 -5.45
N GLY H 119 -58.13 -16.71 -5.54
CA GLY H 119 -57.92 -18.04 -5.03
C GLY H 119 -57.79 -18.03 -3.52
N ASP H 120 -57.57 -19.22 -2.97
CA ASP H 120 -57.42 -19.31 -1.52
C ASP H 120 -56.02 -18.94 -1.08
N ASN H 121 -55.00 -19.57 -1.69
CA ASN H 121 -53.61 -19.35 -1.33
C ASN H 121 -53.13 -17.94 -1.63
N PHE H 122 -53.75 -17.24 -2.58
CA PHE H 122 -53.41 -15.87 -2.83
C PHE H 122 -54.09 -14.90 -1.85
N THR H 123 -55.19 -15.31 -1.23
CA THR H 123 -55.84 -14.51 -0.20
C THR H 123 -55.46 -15.10 1.14
N SER H 124 -54.28 -14.73 1.63
CA SER H 124 -53.75 -15.36 2.82
C SER H 124 -52.95 -14.35 3.63
N SER H 125 -52.76 -14.68 4.91
CA SER H 125 -52.02 -13.82 5.82
C SER H 125 -50.53 -13.85 5.53
N ALA H 126 -50.01 -14.97 5.05
CA ALA H 126 -48.58 -15.06 4.76
C ALA H 126 -48.22 -14.23 3.53
N VAL H 127 -49.07 -14.29 2.50
CA VAL H 127 -48.87 -13.45 1.32
C VAL H 127 -49.08 -11.98 1.66
N GLN H 128 -49.99 -11.69 2.60
CA GLN H 128 -50.19 -10.30 3.02
C GLN H 128 -48.99 -9.77 3.79
N ALA H 129 -48.35 -10.62 4.59
CA ALA H 129 -47.17 -10.20 5.33
C ALA H 129 -45.98 -9.98 4.40
N VAL H 130 -45.88 -10.80 3.34
CA VAL H 130 -44.79 -10.63 2.37
C VAL H 130 -45.00 -9.35 1.57
N CYS H 131 -46.23 -9.06 1.17
CA CYS H 131 -46.50 -7.81 0.45
C CYS H 131 -46.33 -6.59 1.35
N TRP H 132 -46.56 -6.73 2.65
CA TRP H 132 -46.28 -5.62 3.56
C TRP H 132 -44.79 -5.37 3.70
N TRP H 133 -43.99 -6.43 3.79
CA TRP H 133 -42.56 -6.23 4.01
C TRP H 133 -41.86 -5.74 2.76
N ALA H 134 -42.26 -6.24 1.59
CA ALA H 134 -41.60 -5.86 0.36
C ALA H 134 -42.27 -4.71 -0.37
N GLN H 135 -43.37 -4.18 0.17
CA GLN H 135 -44.09 -2.99 -0.32
C GLN H 135 -44.60 -3.19 -1.75
N ILE H 136 -45.48 -4.17 -1.89
CA ILE H 136 -46.13 -4.50 -3.16
C ILE H 136 -47.61 -4.19 -3.03
N GLU H 137 -48.21 -3.70 -4.11
CA GLU H 137 -49.65 -3.44 -4.16
C GLU H 137 -50.35 -4.63 -4.80
N HIS H 138 -51.13 -5.34 -4.00
CA HIS H 138 -51.80 -6.55 -4.45
C HIS H 138 -53.21 -6.21 -4.94
N THR H 139 -53.58 -6.75 -6.09
CA THR H 139 -54.87 -6.46 -6.71
C THR H 139 -55.50 -7.76 -7.21
N PHE H 140 -56.73 -8.02 -6.80
CA PHE H 140 -57.46 -9.21 -7.21
C PHE H 140 -58.40 -8.89 -8.36
N SER H 141 -58.52 -9.84 -9.28
CA SER H 141 -59.40 -9.67 -10.43
C SER H 141 -60.71 -10.40 -10.20
N VAL H 151 -53.85 -13.08 -19.89
CA VAL H 151 -52.44 -13.11 -20.27
C VAL H 151 -51.78 -14.38 -19.74
N VAL H 152 -52.09 -14.71 -18.48
CA VAL H 152 -51.48 -15.89 -17.87
C VAL H 152 -52.09 -17.16 -18.42
N GLU H 153 -53.33 -17.11 -18.92
CA GLU H 153 -53.91 -18.28 -19.56
C GLU H 153 -53.19 -18.61 -20.87
N SER H 154 -52.87 -17.58 -21.65
CA SER H 154 -52.09 -17.78 -22.86
C SER H 154 -50.67 -18.25 -22.53
N MET H 155 -50.11 -17.77 -21.42
CA MET H 155 -48.77 -18.21 -21.06
C MET H 155 -48.75 -19.64 -20.53
N ASN H 156 -49.81 -20.05 -19.83
CA ASN H 156 -49.91 -21.45 -19.41
C ASN H 156 -50.07 -22.38 -20.61
N HIS H 157 -50.83 -21.96 -21.62
CA HIS H 157 -50.99 -22.78 -22.81
C HIS H 157 -49.70 -22.88 -23.61
N GLN H 158 -48.96 -21.77 -23.72
CA GLN H 158 -47.70 -21.78 -24.46
C GLN H 158 -46.64 -22.60 -23.75
N LEU H 159 -46.57 -22.49 -22.43
CA LEU H 159 -45.61 -23.27 -21.67
C LEU H 159 -45.93 -24.75 -21.72
N LYS H 160 -47.22 -25.12 -21.71
CA LYS H 160 -47.58 -26.53 -21.79
C LYS H 160 -47.27 -27.13 -23.16
N THR H 161 -47.38 -26.34 -24.24
CA THR H 161 -47.00 -26.86 -25.55
C THR H 161 -45.49 -27.08 -25.66
N ILE H 162 -44.69 -26.19 -25.06
CA ILE H 162 -43.23 -26.41 -25.11
C ILE H 162 -42.84 -27.60 -24.23
N ILE H 163 -43.51 -27.77 -23.07
CA ILE H 163 -43.22 -28.88 -22.16
C ILE H 163 -43.52 -30.22 -22.83
N THR H 164 -44.64 -30.31 -23.56
CA THR H 164 -44.90 -31.53 -24.32
C THR H 164 -43.97 -31.68 -25.51
N GLN H 165 -43.40 -30.58 -26.02
CA GLN H 165 -42.50 -30.68 -27.15
C GLN H 165 -41.13 -31.22 -26.77
N ILE H 166 -40.72 -31.06 -25.51
CA ILE H 166 -39.37 -31.50 -25.12
C ILE H 166 -39.36 -32.50 -23.96
N ARG H 167 -40.46 -33.24 -23.78
CA ARG H 167 -40.62 -34.06 -22.59
C ARG H 167 -39.72 -35.30 -22.61
N ASP H 168 -39.37 -35.80 -23.79
CA ASP H 168 -38.57 -37.01 -23.88
C ASP H 168 -37.08 -36.80 -23.61
N GLN H 169 -36.65 -35.58 -23.32
CA GLN H 169 -35.26 -35.29 -23.03
C GLN H 169 -34.97 -35.19 -21.54
N ALA H 170 -35.99 -35.27 -20.69
CA ALA H 170 -35.82 -35.10 -19.26
C ALA H 170 -36.41 -36.28 -18.53
N GLU H 171 -35.85 -36.55 -17.35
CA GLU H 171 -36.32 -37.65 -16.51
C GLU H 171 -37.42 -37.20 -15.57
N LYS H 172 -37.27 -36.04 -14.96
CA LYS H 172 -38.25 -35.51 -14.01
C LYS H 172 -38.99 -34.34 -14.63
N ILE H 173 -40.07 -33.92 -13.97
CA ILE H 173 -40.89 -32.84 -14.49
C ILE H 173 -40.26 -31.48 -14.24
N GLU H 174 -39.41 -31.36 -13.21
CA GLU H 174 -38.79 -30.10 -12.86
C GLU H 174 -37.76 -29.68 -13.91
N THR H 175 -37.02 -30.64 -14.43
CA THR H 175 -36.07 -30.35 -15.50
C THR H 175 -36.78 -29.91 -16.77
N ALA H 176 -37.90 -30.55 -17.10
CA ALA H 176 -38.65 -30.18 -18.30
C ALA H 176 -39.28 -28.81 -18.16
N VAL H 177 -39.71 -28.44 -16.96
CA VAL H 177 -40.27 -27.11 -16.73
C VAL H 177 -39.21 -26.04 -16.93
N GLN H 178 -38.01 -26.23 -16.35
CA GLN H 178 -36.99 -25.19 -16.49
C GLN H 178 -36.39 -25.15 -17.89
N MET H 179 -36.33 -26.27 -18.59
CA MET H 179 -35.91 -26.25 -19.99
C MET H 179 -36.91 -25.53 -20.87
N ALA H 180 -38.20 -25.68 -20.59
CA ALA H 180 -39.21 -24.93 -21.34
C ALA H 180 -39.17 -23.44 -21.05
N VAL H 181 -38.84 -23.05 -19.80
CA VAL H 181 -38.72 -21.63 -19.48
C VAL H 181 -37.54 -21.02 -20.23
N LEU H 182 -36.44 -21.75 -20.34
CA LEU H 182 -35.28 -21.26 -21.09
C LEU H 182 -35.57 -21.11 -22.57
N ILE H 183 -36.29 -22.08 -23.16
CA ILE H 183 -36.61 -22.00 -24.59
C ILE H 183 -37.61 -20.88 -24.85
N HIS H 184 -38.55 -20.65 -23.92
CA HIS H 184 -39.49 -19.56 -24.08
C HIS H 184 -38.82 -18.20 -23.98
N ASN H 185 -37.88 -18.04 -23.05
CA ASN H 185 -37.32 -16.72 -22.78
C ASN H 185 -36.25 -16.32 -23.78
N PHE H 186 -35.45 -17.27 -24.27
CA PHE H 186 -34.28 -16.89 -25.06
C PHE H 186 -34.25 -17.44 -26.47
N LYS H 187 -35.06 -18.44 -26.79
CA LYS H 187 -34.96 -19.08 -28.10
C LYS H 187 -36.09 -18.75 -29.05
N ARG H 188 -37.23 -18.27 -28.57
CA ARG H 188 -38.35 -17.91 -29.42
C ARG H 188 -38.30 -16.42 -29.71
N LYS H 189 -38.43 -16.06 -30.98
CA LYS H 189 -38.39 -14.67 -31.44
C LYS H 189 -39.70 -14.30 -32.10
N GLY H 190 -40.16 -13.10 -31.85
CA GLY H 190 -41.38 -12.63 -32.48
C GLY H 190 -41.55 -11.14 -32.33
N GLY H 191 -42.79 -10.69 -32.50
CA GLY H 191 -43.09 -9.29 -32.30
C GLY H 191 -42.68 -8.43 -33.50
N ILE H 192 -42.40 -7.15 -33.20
CA ILE H 192 -42.12 -6.18 -34.25
C ILE H 192 -40.72 -6.42 -34.84
N GLY H 193 -39.69 -6.30 -34.01
CA GLY H 193 -38.35 -6.38 -34.55
C GLY H 193 -37.71 -7.74 -34.50
N GLY H 194 -38.43 -8.76 -34.05
CA GLY H 194 -37.85 -10.07 -33.91
C GLY H 194 -36.95 -10.19 -32.69
N TYR H 195 -37.48 -9.84 -31.53
CA TYR H 195 -36.75 -9.92 -30.27
C TYR H 195 -37.35 -11.01 -29.39
N SER H 196 -36.53 -11.54 -28.50
CA SER H 196 -37.01 -12.48 -27.51
C SER H 196 -37.55 -11.71 -26.30
N ALA H 197 -38.04 -12.44 -25.30
CA ALA H 197 -38.64 -11.81 -24.14
C ALA H 197 -37.59 -11.20 -23.21
N GLY H 198 -36.39 -11.77 -23.17
CA GLY H 198 -35.34 -11.23 -22.30
C GLY H 198 -34.82 -9.89 -22.78
N GLU H 199 -34.67 -9.72 -24.09
CA GLU H 199 -34.25 -8.44 -24.62
C GLU H 199 -35.32 -7.37 -24.40
N ARG H 200 -36.59 -7.76 -24.47
CA ARG H 200 -37.66 -6.79 -24.29
C ARG H 200 -37.76 -6.32 -22.84
N ILE H 201 -37.62 -7.23 -21.87
CA ILE H 201 -37.72 -6.81 -20.47
C ILE H 201 -36.51 -5.96 -20.08
N ILE H 202 -35.34 -6.23 -20.64
CA ILE H 202 -34.15 -5.45 -20.29
C ILE H 202 -34.23 -4.05 -20.89
N ASP H 203 -34.73 -3.93 -22.12
CA ASP H 203 -34.87 -2.62 -22.74
C ASP H 203 -35.93 -1.76 -22.04
N ILE H 204 -37.02 -2.39 -21.56
CA ILE H 204 -38.09 -1.66 -20.89
C ILE H 204 -37.61 -1.11 -19.55
N ILE H 205 -36.95 -1.94 -18.75
CA ILE H 205 -36.49 -1.48 -17.43
C ILE H 205 -35.36 -0.47 -17.55
N ALA H 206 -34.52 -0.59 -18.58
CA ALA H 206 -33.43 0.38 -18.77
C ALA H 206 -33.97 1.76 -19.17
N SER H 207 -35.01 1.79 -20.00
CA SER H 207 -35.62 3.06 -20.37
C SER H 207 -36.28 3.74 -19.17
N ASP H 208 -36.88 2.96 -18.28
CA ASP H 208 -37.46 3.54 -17.07
C ASP H 208 -36.40 4.08 -16.13
N LEU H 209 -35.24 3.42 -16.07
CA LEU H 209 -34.14 3.90 -15.23
C LEU H 209 -33.59 5.23 -15.72
N GLN H 210 -33.48 5.39 -17.05
CA GLN H 210 -33.04 6.65 -17.63
C GLN H 210 -33.99 7.80 -17.30
N THR H 211 -35.29 7.50 -17.34
CA THR H 211 -36.30 8.51 -17.00
C THR H 211 -36.19 8.98 -15.55
N THR H 212 -36.01 8.05 -14.60
CA THR H 212 -35.96 8.46 -13.19
C THR H 212 -34.69 9.24 -12.85
N LYS H 213 -33.56 8.89 -13.48
CA LYS H 213 -32.33 9.64 -13.22
C LYS H 213 -32.41 11.06 -13.76
N LEU H 214 -33.01 11.23 -14.94
CA LEU H 214 -33.18 12.57 -15.48
C LEU H 214 -34.16 13.40 -14.66
N GLN H 215 -35.16 12.75 -14.05
CA GLN H 215 -36.11 13.49 -13.22
C GLN H 215 -35.45 14.00 -11.93
N ASN H 216 -34.50 13.23 -11.39
CA ASN H 216 -33.75 13.70 -10.22
C ASN H 216 -32.91 14.93 -10.55
N GLN H 217 -32.24 14.91 -11.72
CA GLN H 217 -31.49 16.09 -12.15
C GLN H 217 -32.38 17.30 -12.36
N ILE H 218 -33.59 17.09 -12.88
CA ILE H 218 -34.51 18.19 -13.18
C ILE H 218 -34.95 18.90 -11.91
N SER H 219 -35.30 18.13 -10.86
CA SER H 219 -35.73 18.77 -9.62
C SER H 219 -34.60 19.52 -8.94
N LYS H 220 -33.39 18.95 -8.97
CA LYS H 220 -32.25 19.61 -8.33
C LYS H 220 -31.86 20.90 -9.04
N ILE H 221 -31.99 20.94 -10.38
CA ILE H 221 -31.74 22.19 -11.09
C ILE H 221 -32.83 23.21 -10.80
N GLN H 222 -34.09 22.78 -10.80
CA GLN H 222 -35.22 23.71 -10.67
C GLN H 222 -35.43 24.24 -9.27
N ASN H 223 -34.56 23.92 -8.31
CA ASN H 223 -34.60 24.62 -7.02
C ASN H 223 -33.82 25.96 -7.00
N PHE H 224 -33.59 26.61 -8.14
CA PHE H 224 -32.86 27.88 -8.21
C PHE H 224 -33.76 28.98 -8.77
N ARG H 225 -33.16 30.16 -8.99
CA ARG H 225 -33.88 31.33 -9.45
C ARG H 225 -32.90 32.28 -10.11
N VAL H 226 -33.38 33.04 -11.10
CA VAL H 226 -32.50 33.83 -11.97
C VAL H 226 -33.05 35.26 -12.11
N TYR H 227 -32.21 36.24 -11.79
CA TYR H 227 -32.46 37.64 -12.13
C TYR H 227 -31.58 38.01 -13.32
N PHE H 228 -32.20 38.40 -14.43
CA PHE H 228 -31.48 38.66 -15.65
C PHE H 228 -31.69 40.10 -16.10
N ARG H 229 -30.70 40.61 -16.82
CA ARG H 229 -30.68 42.00 -17.28
C ARG H 229 -30.63 42.00 -18.81
N GLU H 230 -31.66 42.56 -19.43
CA GLU H 230 -31.73 42.60 -20.89
C GLU H 230 -30.78 43.65 -21.44
N GLY H 231 -30.65 43.66 -22.78
CA GLY H 231 -29.79 44.63 -23.43
C GLY H 231 -30.39 46.01 -23.40
N ARG H 232 -29.51 47.04 -23.39
CA ARG H 232 -29.87 48.46 -23.38
C ARG H 232 -30.73 48.82 -22.17
N ASP H 233 -30.38 48.25 -21.01
CA ASP H 233 -31.04 48.57 -19.76
C ASP H 233 -30.07 48.27 -18.62
N GLN H 234 -30.30 48.91 -17.47
CA GLN H 234 -29.47 48.72 -16.29
C GLN H 234 -30.18 47.99 -15.18
N GLN H 235 -31.48 47.74 -15.33
CA GLN H 235 -32.30 47.17 -14.27
C GLN H 235 -32.46 45.68 -14.47
N TRP H 236 -32.69 44.97 -13.37
CA TRP H 236 -32.89 43.53 -13.41
C TRP H 236 -34.38 43.21 -13.58
N LYS H 237 -34.68 42.20 -14.37
CA LYS H 237 -36.05 41.81 -14.65
C LYS H 237 -36.56 40.89 -13.54
N GLY H 238 -37.72 40.29 -13.74
CA GLY H 238 -38.36 39.47 -12.74
C GLY H 238 -37.63 38.15 -12.51
N PRO H 239 -38.01 37.43 -11.46
CA PRO H 239 -37.35 36.16 -11.14
C PRO H 239 -37.79 35.06 -12.10
N ALA H 240 -36.92 34.69 -13.03
CA ALA H 240 -37.17 33.61 -13.97
C ALA H 240 -36.58 32.34 -13.44
N THR H 241 -37.18 31.20 -13.78
CA THR H 241 -36.69 29.93 -13.27
C THR H 241 -35.63 29.37 -14.19
N LEU H 242 -34.53 28.89 -13.59
CA LEU H 242 -33.45 28.30 -14.35
C LEU H 242 -33.84 26.92 -14.83
N ILE H 243 -33.57 26.63 -16.10
CA ILE H 243 -33.82 25.32 -16.68
C ILE H 243 -32.51 24.59 -16.96
N TRP H 244 -31.56 25.27 -17.57
CA TRP H 244 -30.27 24.67 -17.88
C TRP H 244 -29.19 25.73 -17.74
N LYS H 245 -28.10 25.38 -17.06
CA LYS H 245 -27.00 26.30 -16.82
C LYS H 245 -25.74 25.71 -17.45
N GLY H 246 -25.37 26.23 -18.62
CA GLY H 246 -24.24 25.72 -19.36
C GLY H 246 -22.94 26.40 -18.97
N GLU H 247 -21.98 26.34 -19.90
CA GLU H 247 -20.68 26.95 -19.63
C GLU H 247 -20.66 28.42 -20.03
N GLY H 248 -21.42 28.79 -21.05
CA GLY H 248 -21.44 30.17 -21.49
C GLY H 248 -22.82 30.79 -21.65
N ALA H 249 -23.86 29.96 -21.62
CA ALA H 249 -25.22 30.42 -21.81
C ALA H 249 -26.11 29.86 -20.71
N VAL H 250 -27.31 30.45 -20.60
CA VAL H 250 -28.26 30.10 -19.55
C VAL H 250 -29.66 30.11 -20.16
N VAL H 251 -30.39 29.01 -19.99
CA VAL H 251 -31.74 28.89 -20.51
C VAL H 251 -32.71 29.08 -19.35
N ILE H 252 -33.66 30.00 -19.51
CA ILE H 252 -34.60 30.31 -18.44
C ILE H 252 -36.03 30.21 -18.96
N GLN H 253 -36.95 29.95 -18.04
CA GLN H 253 -38.38 30.05 -18.29
C GLN H 253 -38.89 31.32 -17.63
N ASP H 254 -39.54 32.17 -18.42
CA ASP H 254 -40.11 33.41 -17.94
C ASP H 254 -41.31 33.77 -18.80
N GLY H 255 -42.44 34.05 -18.16
CA GLY H 255 -43.65 34.48 -18.85
C GLY H 255 -44.20 33.46 -19.83
N GLN H 256 -44.10 32.17 -19.49
CA GLN H 256 -44.41 31.04 -20.38
C GLN H 256 -43.62 31.13 -21.68
N ASP H 257 -42.35 31.50 -21.57
CA ASP H 257 -41.47 31.62 -22.72
C ASP H 257 -40.07 31.16 -22.33
N LEU H 258 -39.47 30.32 -23.16
CA LEU H 258 -38.12 29.83 -22.93
C LEU H 258 -37.14 30.68 -23.73
N LYS H 259 -36.11 31.20 -23.06
CA LYS H 259 -35.18 32.08 -23.74
C LYS H 259 -33.77 31.89 -23.21
N VAL H 260 -32.81 32.26 -24.05
CA VAL H 260 -31.39 32.02 -23.79
C VAL H 260 -30.71 33.36 -23.53
N VAL H 261 -30.12 33.50 -22.35
CA VAL H 261 -29.42 34.71 -21.94
C VAL H 261 -27.95 34.37 -21.76
N PRO H 262 -27.01 35.25 -22.13
CA PRO H 262 -25.61 35.02 -21.81
C PRO H 262 -25.36 35.13 -20.31
N ARG H 263 -24.23 34.55 -19.88
CA ARG H 263 -23.96 34.40 -18.46
C ARG H 263 -23.49 35.69 -17.80
N ARG H 264 -23.06 36.68 -18.58
CA ARG H 264 -22.59 37.92 -17.99
C ARG H 264 -23.71 38.89 -17.65
N LYS H 265 -24.94 38.57 -18.01
CA LYS H 265 -26.09 39.42 -17.71
C LYS H 265 -27.07 38.73 -16.77
N CYS H 266 -26.56 37.79 -15.97
CA CYS H 266 -27.41 36.95 -15.13
C CYS H 266 -26.90 36.92 -13.71
N LYS H 267 -27.81 36.65 -12.78
CA LYS H 267 -27.47 36.32 -11.41
C LYS H 267 -28.36 35.17 -10.96
N ILE H 268 -27.73 34.07 -10.56
CA ILE H 268 -28.46 32.90 -10.11
C ILE H 268 -28.39 32.85 -8.59
N ILE H 269 -29.55 32.84 -7.94
CA ILE H 269 -29.65 32.76 -6.50
C ILE H 269 -30.52 31.58 -6.11
N LYS H 270 -30.32 31.09 -4.89
CA LYS H 270 -31.14 30.02 -4.36
C LYS H 270 -32.55 30.51 -4.07
N ASP H 271 -33.51 29.59 -4.16
CA ASP H 271 -34.92 29.91 -3.97
C ASP H 271 -35.50 29.05 -2.86
N TYR H 272 -36.34 29.66 -2.04
CA TYR H 272 -37.03 28.98 -0.94
C TYR H 272 -38.51 29.30 -1.06
N GLY H 273 -39.21 28.51 -1.86
CA GLY H 273 -40.61 28.74 -2.12
C GLY H 273 -41.46 27.49 -1.97
N ARG H 274 -41.14 26.67 -0.97
CA ARG H 274 -41.83 25.40 -0.75
C ARG H 274 -43.27 25.60 -0.31
N GLY I 1 43.61 -10.95 -5.25
CA GLY I 1 42.38 -11.23 -5.98
C GLY I 1 41.29 -11.71 -5.05
N PHE I 2 40.23 -12.30 -5.62
CA PHE I 2 39.15 -12.81 -4.79
C PHE I 2 38.69 -14.21 -5.19
N LEU I 3 39.48 -14.94 -5.98
CA LEU I 3 39.05 -16.25 -6.43
C LEU I 3 39.12 -17.27 -5.29
N ASP I 4 40.12 -17.14 -4.43
CA ASP I 4 40.16 -17.96 -3.21
C ASP I 4 39.04 -17.58 -2.26
N GLY I 5 38.63 -16.32 -2.28
CA GLY I 5 37.46 -15.91 -1.52
C GLY I 5 36.18 -16.51 -2.06
N ILE I 6 36.12 -16.75 -3.38
CA ILE I 6 34.95 -17.43 -3.96
C ILE I 6 34.88 -18.86 -3.47
N GLU I 7 36.03 -19.55 -3.40
CA GLU I 7 36.03 -20.94 -2.92
C GLU I 7 35.66 -21.02 -1.44
N LYS I 8 36.19 -20.12 -0.62
CA LYS I 8 35.86 -20.11 0.80
C LYS I 8 34.41 -19.71 1.04
N ALA I 9 33.84 -18.86 0.17
CA ALA I 9 32.45 -18.48 0.31
C ALA I 9 31.51 -19.63 -0.02
N GLN I 10 31.89 -20.47 -0.98
CA GLN I 10 31.06 -21.63 -1.29
C GLN I 10 31.06 -22.65 -0.16
N GLU I 11 32.22 -22.87 0.48
CA GLU I 11 32.27 -23.75 1.64
C GLU I 11 31.50 -23.18 2.82
N GLU I 12 31.56 -21.86 3.00
CA GLU I 12 30.84 -21.21 4.09
C GLU I 12 29.33 -21.32 3.90
N HIS I 13 28.83 -21.10 2.68
CA HIS I 13 27.40 -21.25 2.43
C HIS I 13 26.96 -22.70 2.54
N GLU I 14 27.84 -23.65 2.23
CA GLU I 14 27.49 -25.05 2.36
C GLU I 14 27.29 -25.45 3.81
N LYS I 15 27.97 -24.77 4.73
CA LYS I 15 27.79 -25.11 6.14
C LYS I 15 26.71 -24.26 6.81
N TYR I 16 26.70 -22.94 6.58
CA TYR I 16 25.93 -22.00 7.39
C TYR I 16 24.73 -21.40 6.67
N HIS I 17 24.69 -21.46 5.34
CA HIS I 17 23.63 -20.87 4.50
C HIS I 17 23.48 -19.37 4.70
N ASN I 18 24.55 -18.63 4.39
CA ASN I 18 24.52 -17.18 4.47
C ASN I 18 23.64 -16.59 3.37
N ASN I 19 23.22 -15.35 3.57
CA ASN I 19 22.62 -14.61 2.48
C ASN I 19 23.74 -13.90 1.74
N TRP I 20 23.41 -13.16 0.68
CA TRP I 20 24.47 -12.70 -0.20
C TRP I 20 25.25 -11.52 0.38
N ARG I 21 24.63 -10.71 1.24
CA ARG I 21 25.34 -9.56 1.77
C ARG I 21 26.40 -9.97 2.79
N ALA I 22 26.17 -11.05 3.51
CA ALA I 22 27.15 -11.55 4.47
C ALA I 22 28.40 -12.05 3.77
N MET I 23 28.23 -12.80 2.68
CA MET I 23 29.39 -13.31 1.95
C MET I 23 30.10 -12.21 1.18
N ALA I 24 29.34 -11.28 0.59
CA ALA I 24 29.95 -10.19 -0.15
C ALA I 24 30.68 -9.22 0.73
N GLU I 25 30.36 -9.17 2.03
CA GLU I 25 31.11 -8.29 2.93
C GLU I 25 32.25 -9.00 3.62
N ASP I 26 32.13 -10.29 3.90
CA ASP I 26 33.18 -10.95 4.67
C ASP I 26 34.29 -11.52 3.81
N PHE I 27 34.02 -11.78 2.53
CA PHE I 27 35.03 -12.34 1.65
C PHE I 27 35.47 -11.37 0.56
N GLN I 28 34.81 -10.21 0.46
CA GLN I 28 35.16 -9.12 -0.46
C GLN I 28 35.13 -9.56 -1.92
N ILE I 29 34.08 -10.29 -2.29
CA ILE I 29 33.81 -10.67 -3.66
C ILE I 29 32.76 -9.71 -4.20
N PRO I 30 32.63 -9.54 -5.52
CA PRO I 30 31.53 -8.70 -6.03
C PRO I 30 30.18 -9.35 -5.81
N GLN I 31 29.14 -8.51 -5.85
CA GLN I 31 27.81 -8.94 -5.42
C GLN I 31 27.14 -9.89 -6.40
N VAL I 32 27.56 -9.91 -7.67
CA VAL I 32 26.97 -10.82 -8.62
C VAL I 32 27.38 -12.26 -8.32
N VAL I 33 28.60 -12.45 -7.82
CA VAL I 33 29.07 -13.78 -7.48
C VAL I 33 28.35 -14.30 -6.23
N ALA I 34 28.11 -13.43 -5.25
CA ALA I 34 27.42 -13.83 -4.04
C ALA I 34 25.96 -14.17 -4.31
N LYS I 35 25.32 -13.40 -5.19
CA LYS I 35 23.96 -13.72 -5.60
C LYS I 35 23.88 -15.03 -6.36
N GLU I 36 24.90 -15.37 -7.14
CA GLU I 36 24.90 -16.64 -7.85
C GLU I 36 25.11 -17.82 -6.91
N ILE I 37 25.96 -17.64 -5.88
CA ILE I 37 26.18 -18.69 -4.88
C ILE I 37 24.88 -19.01 -4.15
N VAL I 38 24.12 -17.98 -3.80
CA VAL I 38 22.84 -18.21 -3.12
C VAL I 38 21.83 -18.82 -4.09
N ALA I 39 21.85 -18.39 -5.36
CA ALA I 39 20.87 -18.87 -6.34
C ALA I 39 21.11 -20.31 -6.78
N GLN I 40 22.27 -20.90 -6.49
CA GLN I 40 22.51 -22.30 -6.81
C GLN I 40 22.30 -23.23 -5.62
N CYS I 41 21.51 -22.83 -4.63
CA CYS I 41 21.28 -23.67 -3.46
C CYS I 41 19.81 -24.08 -3.40
N PRO I 42 19.51 -25.38 -3.34
CA PRO I 42 18.11 -25.80 -3.26
C PRO I 42 17.51 -25.76 -1.87
N LYS I 43 18.31 -25.70 -0.80
CA LYS I 43 17.75 -25.58 0.54
C LYS I 43 17.19 -24.20 0.79
N CYS I 44 17.70 -23.20 0.07
CA CYS I 44 17.10 -21.89 -0.05
C CYS I 44 16.04 -21.95 -1.13
N GLN I 45 15.65 -20.81 -1.70
CA GLN I 45 14.54 -20.66 -2.66
C GLN I 45 13.22 -21.08 -2.02
N VAL I 46 12.85 -20.37 -0.96
CA VAL I 46 11.51 -20.54 -0.40
C VAL I 46 10.86 -19.17 -0.24
N LYS I 47 10.35 -18.62 -1.35
CA LYS I 47 9.72 -17.31 -1.41
C LYS I 47 9.11 -17.08 -2.78
N GLY I 48 7.88 -16.55 -2.84
CA GLY I 48 7.25 -16.21 -4.10
C GLY I 48 7.70 -14.85 -4.61
N GLU I 49 7.05 -14.39 -5.68
CA GLU I 49 7.53 -13.22 -6.39
C GLU I 49 6.76 -11.94 -6.09
N ALA I 50 5.74 -12.01 -5.21
CA ALA I 50 5.07 -10.84 -4.62
C ALA I 50 4.37 -9.95 -5.65
N MET I 51 3.34 -10.51 -6.27
CA MET I 51 2.41 -9.76 -7.11
C MET I 51 1.05 -10.41 -7.05
N HIS I 52 0.06 -9.77 -7.66
CA HIS I 52 -1.28 -10.34 -7.80
C HIS I 52 -1.71 -10.25 -9.26
N GLY I 53 -2.62 -11.14 -9.64
CA GLY I 53 -3.23 -11.12 -10.96
C GLY I 53 -4.60 -10.48 -10.94
N GLN I 54 -5.31 -10.63 -12.06
CA GLN I 54 -6.60 -10.00 -12.27
C GLN I 54 -7.55 -10.95 -12.96
N VAL I 55 -8.69 -11.22 -12.34
CA VAL I 55 -9.67 -12.19 -12.85
C VAL I 55 -10.40 -11.67 -14.08
N ASP I 56 -11.16 -12.55 -14.73
CA ASP I 56 -11.94 -12.22 -15.91
C ASP I 56 -13.22 -11.49 -15.53
N ALA I 57 -13.55 -10.43 -16.28
CA ALA I 57 -14.72 -9.59 -16.01
C ALA I 57 -15.51 -9.34 -17.29
N SER I 58 -15.74 -10.40 -18.06
CA SER I 58 -16.53 -10.30 -19.27
C SER I 58 -18.01 -10.16 -18.91
N PRO I 59 -18.85 -9.60 -19.82
CA PRO I 59 -20.24 -9.33 -19.44
C PRO I 59 -21.18 -10.52 -19.34
N LYS I 60 -20.68 -11.75 -19.45
CA LYS I 60 -21.54 -12.92 -19.32
C LYS I 60 -20.86 -14.00 -18.47
N THR I 61 -20.02 -13.59 -17.53
CA THR I 61 -19.26 -14.49 -16.67
C THR I 61 -19.89 -14.53 -15.28
N TRP I 62 -20.03 -15.73 -14.73
CA TRP I 62 -20.58 -15.94 -13.40
C TRP I 62 -19.62 -16.78 -12.57
N GLN I 63 -19.65 -16.57 -11.25
CA GLN I 63 -18.84 -17.37 -10.33
C GLN I 63 -19.71 -17.96 -9.25
N MET I 64 -19.35 -19.16 -8.78
CA MET I 64 -20.24 -19.91 -7.90
C MET I 64 -19.48 -20.58 -6.77
N ASP I 65 -20.07 -20.61 -5.58
CA ASP I 65 -19.44 -21.22 -4.41
C ASP I 65 -20.53 -21.59 -3.41
N CYS I 66 -20.16 -22.37 -2.40
CA CYS I 66 -21.05 -22.79 -1.34
C CYS I 66 -20.52 -22.36 0.02
N THR I 67 -21.43 -22.01 0.92
CA THR I 67 -21.06 -21.63 2.28
C THR I 67 -22.02 -22.27 3.27
N HIS I 68 -21.69 -22.16 4.56
CA HIS I 68 -22.45 -22.82 5.61
C HIS I 68 -22.86 -21.80 6.66
N LEU I 69 -24.07 -21.96 7.20
CA LEU I 69 -24.60 -21.03 8.19
C LEU I 69 -25.69 -21.73 8.99
N GLU I 70 -25.48 -21.84 10.31
CA GLU I 70 -26.42 -22.43 11.27
C GLU I 70 -26.77 -23.87 10.91
N GLY I 71 -25.79 -24.63 10.44
CA GLY I 71 -26.01 -26.01 10.07
C GLY I 71 -26.63 -26.22 8.72
N LYS I 72 -26.79 -25.17 7.92
CA LYS I 72 -27.39 -25.24 6.60
C LYS I 72 -26.31 -25.07 5.53
N VAL I 73 -26.71 -25.28 4.28
CA VAL I 73 -25.82 -25.12 3.14
C VAL I 73 -26.43 -24.11 2.19
N ILE I 74 -25.78 -22.96 2.05
CA ILE I 74 -26.20 -21.90 1.13
C ILE I 74 -25.35 -22.04 -0.12
N ILE I 75 -25.94 -21.76 -1.29
CA ILE I 75 -25.19 -21.72 -2.54
C ILE I 75 -25.36 -20.34 -3.14
N VAL I 76 -24.23 -19.69 -3.45
CA VAL I 76 -24.18 -18.30 -3.88
C VAL I 76 -23.63 -18.27 -5.30
N ALA I 77 -24.24 -17.44 -6.15
CA ALA I 77 -23.75 -17.16 -7.49
C ALA I 77 -23.72 -15.66 -7.71
N VAL I 78 -22.63 -15.16 -8.30
CA VAL I 78 -22.45 -13.73 -8.49
C VAL I 78 -22.19 -13.45 -9.97
N HIS I 79 -22.82 -12.37 -10.47
CA HIS I 79 -22.47 -11.78 -11.75
C HIS I 79 -21.35 -10.79 -11.51
N VAL I 80 -20.25 -11.00 -12.23
CA VAL I 80 -18.95 -10.44 -11.87
C VAL I 80 -18.86 -8.97 -12.29
N ALA I 81 -19.36 -8.63 -13.47
CA ALA I 81 -19.21 -7.28 -13.97
C ALA I 81 -20.12 -6.28 -13.26
N SER I 82 -21.15 -6.75 -12.57
CA SER I 82 -22.10 -5.87 -11.90
C SER I 82 -22.20 -6.10 -10.40
N GLY I 83 -21.99 -7.32 -9.92
CA GLY I 83 -22.13 -7.60 -8.51
C GLY I 83 -23.47 -8.18 -8.13
N TYR I 84 -24.16 -8.83 -9.06
CA TYR I 84 -25.55 -9.24 -8.85
C TYR I 84 -25.59 -10.63 -8.26
N ILE I 85 -26.42 -10.84 -7.24
CA ILE I 85 -26.36 -12.03 -6.40
C ILE I 85 -27.64 -12.84 -6.54
N GLU I 86 -27.49 -14.15 -6.74
CA GLU I 86 -28.56 -15.11 -6.50
C GLU I 86 -28.08 -16.10 -5.44
N ALA I 87 -29.00 -16.58 -4.61
CA ALA I 87 -28.63 -17.47 -3.53
C ALA I 87 -29.79 -18.40 -3.20
N GLU I 88 -29.46 -19.57 -2.65
CA GLU I 88 -30.48 -20.54 -2.29
C GLU I 88 -29.97 -21.40 -1.14
N VAL I 89 -30.91 -22.08 -0.48
CA VAL I 89 -30.60 -23.02 0.60
C VAL I 89 -30.81 -24.43 0.08
N LEU I 90 -29.77 -25.24 0.09
CA LEU I 90 -29.84 -26.60 -0.42
C LEU I 90 -30.12 -27.58 0.70
N PRO I 91 -30.90 -28.63 0.42
CA PRO I 91 -31.06 -29.70 1.42
C PRO I 91 -29.83 -30.57 1.56
N ALA I 92 -28.98 -30.64 0.53
CA ALA I 92 -27.76 -31.42 0.57
C ALA I 92 -26.76 -30.80 -0.38
N GLU I 93 -25.50 -31.16 -0.20
CA GLU I 93 -24.40 -30.60 -1.00
C GLU I 93 -24.01 -31.54 -2.14
N THR I 94 -24.98 -32.19 -2.77
CA THR I 94 -24.69 -33.15 -3.82
C THR I 94 -24.60 -32.44 -5.17
N GLY I 95 -24.56 -33.23 -6.24
CA GLY I 95 -24.45 -32.69 -7.58
C GLY I 95 -25.79 -32.48 -8.24
N LYS I 96 -26.83 -33.14 -7.73
CA LYS I 96 -28.17 -32.99 -8.29
C LYS I 96 -28.73 -31.60 -8.00
N GLU I 97 -28.62 -31.13 -6.76
CA GLU I 97 -29.12 -29.81 -6.41
C GLU I 97 -28.30 -28.71 -7.05
N THR I 98 -27.00 -28.92 -7.23
CA THR I 98 -26.17 -27.92 -7.90
C THR I 98 -26.51 -27.83 -9.38
N ALA I 99 -26.82 -28.98 -10.00
CA ALA I 99 -27.24 -28.97 -11.39
C ALA I 99 -28.60 -28.30 -11.57
N HIS I 100 -29.49 -28.45 -10.58
CA HIS I 100 -30.80 -27.81 -10.71
C HIS I 100 -30.72 -26.30 -10.48
N PHE I 101 -29.87 -25.87 -9.53
CA PHE I 101 -29.65 -24.44 -9.32
C PHE I 101 -29.04 -23.79 -10.56
N LEU I 102 -28.08 -24.47 -11.19
CA LEU I 102 -27.48 -23.94 -12.41
C LEU I 102 -28.47 -23.91 -13.57
N LEU I 103 -29.37 -24.88 -13.64
CA LEU I 103 -30.36 -24.89 -14.71
C LEU I 103 -31.37 -23.75 -14.56
N LYS I 104 -31.83 -23.48 -13.33
CA LYS I 104 -32.74 -22.37 -13.12
C LYS I 104 -32.07 -21.03 -13.38
N LEU I 105 -30.80 -20.89 -12.97
CA LEU I 105 -30.07 -19.66 -13.22
C LEU I 105 -29.86 -19.43 -14.71
N ALA I 106 -29.55 -20.48 -15.46
CA ALA I 106 -29.36 -20.33 -16.90
C ALA I 106 -30.67 -20.10 -17.64
N ALA I 107 -31.80 -20.51 -17.04
CA ALA I 107 -33.09 -20.18 -17.62
C ALA I 107 -33.50 -18.73 -17.38
N ARG I 108 -33.02 -18.11 -16.31
CA ARG I 108 -33.42 -16.75 -15.99
C ARG I 108 -32.53 -15.68 -16.64
N TRP I 109 -31.22 -15.83 -16.59
CA TRP I 109 -30.27 -14.86 -17.08
C TRP I 109 -29.35 -15.52 -18.09
N PRO I 110 -28.79 -14.76 -19.04
CA PRO I 110 -27.86 -15.34 -20.02
C PRO I 110 -26.50 -15.65 -19.44
N VAL I 111 -26.15 -16.94 -19.41
CA VAL I 111 -24.89 -17.43 -18.85
C VAL I 111 -24.10 -18.07 -19.98
N LYS I 112 -22.83 -17.66 -20.14
CA LYS I 112 -21.95 -18.25 -21.13
C LYS I 112 -20.64 -18.77 -20.57
N HIS I 113 -20.22 -18.31 -19.39
CA HIS I 113 -18.97 -18.74 -18.80
C HIS I 113 -19.15 -18.85 -17.30
N LEU I 114 -18.73 -19.96 -16.71
CA LEU I 114 -18.91 -20.25 -15.30
C LEU I 114 -17.56 -20.61 -14.69
N HIS I 115 -17.25 -20.03 -13.52
CA HIS I 115 -16.00 -20.28 -12.84
C HIS I 115 -16.28 -20.80 -11.43
N THR I 116 -15.63 -21.92 -11.08
CA THR I 116 -15.88 -22.58 -9.80
C THR I 116 -14.57 -23.09 -9.22
N ASP I 117 -14.63 -23.58 -7.99
CA ASP I 117 -13.52 -24.31 -7.39
C ASP I 117 -13.69 -25.80 -7.68
N ASN I 118 -12.87 -26.63 -7.04
CA ASN I 118 -12.80 -28.05 -7.34
C ASN I 118 -13.52 -28.89 -6.30
N GLY I 119 -14.63 -28.41 -5.75
CA GLY I 119 -15.41 -29.21 -4.84
C GLY I 119 -16.11 -30.35 -5.55
N ASP I 120 -16.59 -31.31 -4.76
CA ASP I 120 -17.12 -32.55 -5.33
C ASP I 120 -18.44 -32.36 -6.04
N ASN I 121 -19.19 -31.30 -5.70
CA ASN I 121 -20.44 -31.05 -6.37
C ASN I 121 -20.27 -30.32 -7.70
N PHE I 122 -19.21 -29.55 -7.87
CA PHE I 122 -19.02 -28.81 -9.11
C PHE I 122 -18.30 -29.63 -10.16
N THR I 123 -17.53 -30.63 -9.77
CA THR I 123 -16.91 -31.56 -10.71
C THR I 123 -17.75 -32.85 -10.74
N SER I 124 -18.90 -32.77 -11.40
CA SER I 124 -19.85 -33.87 -11.39
C SER I 124 -20.47 -34.02 -12.77
N SER I 125 -21.02 -35.21 -13.03
CA SER I 125 -21.56 -35.52 -14.34
C SER I 125 -22.90 -34.82 -14.56
N ALA I 126 -23.65 -34.55 -13.49
CA ALA I 126 -24.92 -33.84 -13.63
C ALA I 126 -24.69 -32.39 -14.03
N VAL I 127 -23.72 -31.73 -13.41
CA VAL I 127 -23.36 -30.36 -13.78
C VAL I 127 -22.75 -30.34 -15.17
N GLN I 128 -22.06 -31.42 -15.54
CA GLN I 128 -21.49 -31.53 -16.88
C GLN I 128 -22.57 -31.64 -17.95
N ALA I 129 -23.62 -32.41 -17.67
CA ALA I 129 -24.71 -32.56 -18.64
C ALA I 129 -25.54 -31.29 -18.76
N VAL I 130 -25.71 -30.55 -17.67
CA VAL I 130 -26.44 -29.29 -17.71
C VAL I 130 -25.65 -28.23 -18.49
N CYS I 131 -24.32 -28.17 -18.27
CA CYS I 131 -23.50 -27.24 -19.03
C CYS I 131 -23.43 -27.60 -20.51
N TRP I 132 -23.51 -28.89 -20.83
CA TRP I 132 -23.56 -29.29 -22.23
C TRP I 132 -24.86 -28.88 -22.89
N TRP I 133 -25.99 -29.08 -22.21
CA TRP I 133 -27.28 -28.78 -22.84
C TRP I 133 -27.50 -27.28 -22.96
N ALA I 134 -27.06 -26.50 -21.97
CA ALA I 134 -27.28 -25.07 -21.98
C ALA I 134 -26.12 -24.28 -22.55
N GLN I 135 -25.05 -24.95 -23.01
CA GLN I 135 -23.93 -24.36 -23.76
C GLN I 135 -23.17 -23.32 -22.93
N ILE I 136 -22.61 -23.78 -21.82
CA ILE I 136 -21.81 -22.98 -20.91
C ILE I 136 -20.38 -23.52 -20.92
N GLU I 137 -19.39 -22.63 -20.84
CA GLU I 137 -18.00 -23.03 -20.66
C GLU I 137 -17.69 -23.06 -19.17
N HIS I 138 -17.36 -24.23 -18.65
CA HIS I 138 -17.07 -24.40 -17.24
C HIS I 138 -15.56 -24.46 -17.04
N THR I 139 -15.03 -23.54 -16.23
CA THR I 139 -13.62 -23.54 -15.90
C THR I 139 -13.44 -23.59 -14.39
N PHE I 140 -12.36 -24.24 -13.97
CA PHE I 140 -12.06 -24.53 -12.59
C PHE I 140 -10.80 -23.80 -12.16
N SER I 141 -10.72 -23.45 -10.88
CA SER I 141 -9.56 -22.74 -10.38
C SER I 141 -8.41 -23.71 -10.16
N VAL I 142 -7.22 -23.13 -9.99
CA VAL I 142 -6.05 -23.86 -9.48
C VAL I 142 -6.38 -24.39 -8.10
N PRO I 143 -6.08 -25.65 -7.79
CA PRO I 143 -6.54 -26.24 -6.52
C PRO I 143 -5.90 -25.61 -5.29
N TYR I 144 -6.74 -25.39 -4.28
CA TYR I 144 -6.39 -24.75 -3.01
C TYR I 144 -5.85 -23.33 -3.22
N ASN I 145 -6.54 -22.57 -4.06
CA ASN I 145 -6.20 -21.17 -4.32
C ASN I 145 -7.52 -20.43 -4.43
N PRO I 146 -8.05 -19.91 -3.33
CA PRO I 146 -9.35 -19.23 -3.38
C PRO I 146 -9.30 -17.83 -3.94
N GLN I 147 -8.11 -17.31 -4.27
CA GLN I 147 -8.04 -15.98 -4.85
C GLN I 147 -8.44 -15.96 -6.31
N SER I 148 -8.58 -17.13 -6.95
CA SER I 148 -8.95 -17.17 -8.36
C SER I 148 -10.40 -16.81 -8.57
N HIS I 149 -11.24 -16.98 -7.55
CA HIS I 149 -12.61 -16.50 -7.55
C HIS I 149 -12.81 -15.64 -6.31
N GLY I 150 -12.41 -14.38 -6.37
CA GLY I 150 -12.44 -13.54 -5.20
C GLY I 150 -13.75 -12.83 -5.02
N VAL I 151 -14.53 -12.71 -6.10
CA VAL I 151 -15.79 -11.98 -6.05
C VAL I 151 -16.83 -12.76 -5.27
N VAL I 152 -16.91 -14.07 -5.48
CA VAL I 152 -17.92 -14.85 -4.79
C VAL I 152 -17.58 -15.07 -3.31
N GLU I 153 -16.30 -15.06 -2.94
CA GLU I 153 -15.98 -15.20 -1.53
C GLU I 153 -16.17 -13.89 -0.78
N SER I 154 -15.92 -12.76 -1.45
CA SER I 154 -16.27 -11.46 -0.88
C SER I 154 -17.77 -11.32 -0.69
N MET I 155 -18.56 -11.87 -1.62
CA MET I 155 -20.01 -11.78 -1.49
C MET I 155 -20.55 -12.75 -0.44
N ASN I 156 -19.82 -13.83 -0.14
CA ASN I 156 -20.13 -14.65 1.04
C ASN I 156 -20.03 -13.82 2.31
N HIS I 157 -19.00 -12.97 2.40
CA HIS I 157 -18.84 -12.09 3.56
C HIS I 157 -19.98 -11.08 3.67
N GLN I 158 -20.33 -10.42 2.56
CA GLN I 158 -21.38 -9.40 2.60
C GLN I 158 -22.74 -10.01 2.94
N LEU I 159 -23.01 -11.22 2.43
CA LEU I 159 -24.27 -11.87 2.71
C LEU I 159 -24.41 -12.23 4.18
N LYS I 160 -23.33 -12.71 4.81
CA LYS I 160 -23.41 -13.07 6.22
C LYS I 160 -23.57 -11.86 7.13
N THR I 161 -22.98 -10.71 6.78
CA THR I 161 -23.17 -9.51 7.60
C THR I 161 -24.61 -9.00 7.51
N ILE I 162 -25.21 -9.02 6.32
CA ILE I 162 -26.60 -8.58 6.19
C ILE I 162 -27.54 -9.54 6.94
N ILE I 163 -27.26 -10.84 6.89
CA ILE I 163 -28.12 -11.83 7.56
C ILE I 163 -28.09 -11.62 9.07
N THR I 164 -26.93 -11.29 9.64
CA THR I 164 -26.93 -10.95 11.06
C THR I 164 -27.62 -9.62 11.37
N GLN I 165 -27.71 -8.71 10.39
CA GLN I 165 -28.43 -7.47 10.66
C GLN I 165 -29.94 -7.68 10.73
N ILE I 166 -30.50 -8.52 9.86
CA ILE I 166 -31.96 -8.65 9.80
C ILE I 166 -32.44 -10.01 10.30
N ARG I 167 -31.72 -10.62 11.24
CA ARG I 167 -32.06 -11.97 11.66
C ARG I 167 -33.31 -12.01 12.52
N ASP I 168 -33.57 -10.96 13.28
CA ASP I 168 -34.69 -10.93 14.21
C ASP I 168 -36.01 -10.52 13.58
N GLN I 169 -36.04 -10.27 12.28
CA GLN I 169 -37.28 -9.96 11.59
C GLN I 169 -37.89 -11.18 10.92
N ALA I 170 -37.24 -12.34 10.98
CA ALA I 170 -37.73 -13.55 10.35
C ALA I 170 -37.64 -14.71 11.32
N GLU I 171 -38.28 -15.81 10.95
CA GLU I 171 -38.33 -16.98 11.81
C GLU I 171 -37.37 -18.07 11.37
N LYS I 172 -37.37 -18.41 10.09
CA LYS I 172 -36.49 -19.43 9.54
C LYS I 172 -35.25 -18.79 8.91
N ILE I 173 -34.38 -19.64 8.35
CA ILE I 173 -33.16 -19.13 7.76
C ILE I 173 -33.32 -18.89 6.26
N GLU I 174 -34.25 -19.59 5.60
CA GLU I 174 -34.49 -19.38 4.18
C GLU I 174 -35.13 -18.02 3.93
N THR I 175 -36.02 -17.61 4.84
CA THR I 175 -36.61 -16.27 4.77
C THR I 175 -35.55 -15.19 4.91
N ALA I 176 -34.64 -15.35 5.87
CA ALA I 176 -33.60 -14.35 6.09
C ALA I 176 -32.59 -14.31 4.94
N VAL I 177 -32.37 -15.44 4.27
CA VAL I 177 -31.51 -15.45 3.09
C VAL I 177 -32.13 -14.63 1.97
N GLN I 178 -33.42 -14.81 1.70
CA GLN I 178 -34.04 -14.06 0.60
C GLN I 178 -34.22 -12.58 0.93
N MET I 179 -34.42 -12.25 2.21
CA MET I 179 -34.45 -10.85 2.59
C MET I 179 -33.07 -10.19 2.44
N ALA I 180 -32.00 -10.93 2.72
CA ALA I 180 -30.66 -10.39 2.53
C ALA I 180 -30.32 -10.20 1.05
N VAL I 181 -30.84 -11.06 0.18
CA VAL I 181 -30.61 -10.90 -1.26
C VAL I 181 -31.33 -9.66 -1.78
N LEU I 182 -32.55 -9.39 -1.30
CA LEU I 182 -33.26 -8.18 -1.69
C LEU I 182 -32.55 -6.92 -1.20
N ILE I 183 -32.04 -6.94 0.03
CA ILE I 183 -31.37 -5.77 0.59
C ILE I 183 -30.05 -5.49 -0.14
N HIS I 184 -29.31 -6.54 -0.53
CA HIS I 184 -28.07 -6.33 -1.27
C HIS I 184 -28.34 -5.83 -2.68
N ASN I 185 -29.30 -6.42 -3.38
CA ASN I 185 -29.53 -6.09 -4.78
C ASN I 185 -30.15 -4.71 -4.98
N PHE I 186 -31.03 -4.28 -4.08
CA PHE I 186 -31.81 -3.08 -4.35
C PHE I 186 -31.69 -1.95 -3.34
N LYS I 187 -31.18 -2.19 -2.13
CA LYS I 187 -31.20 -1.16 -1.10
C LYS I 187 -29.82 -0.63 -0.75
N ARG I 188 -28.77 -1.04 -1.44
CA ARG I 188 -27.43 -0.55 -1.21
C ARG I 188 -26.90 0.05 -2.50
N LYS I 189 -26.43 1.29 -2.44
CA LYS I 189 -25.88 1.97 -3.60
C LYS I 189 -24.43 2.37 -3.33
N GLY I 190 -23.75 2.77 -4.40
CA GLY I 190 -22.35 3.09 -4.32
C GLY I 190 -21.50 2.16 -5.16
N GLY I 191 -20.56 2.69 -5.92
CA GLY I 191 -19.74 1.82 -6.75
C GLY I 191 -19.23 2.50 -8.01
N ILE I 192 -19.48 1.89 -9.16
CA ILE I 192 -18.97 2.44 -10.42
C ILE I 192 -19.77 3.67 -10.83
N GLY I 193 -21.07 3.50 -11.04
CA GLY I 193 -21.89 4.61 -11.47
C GLY I 193 -22.80 5.19 -10.42
N GLY I 194 -22.56 4.91 -9.14
CA GLY I 194 -23.52 5.26 -8.11
C GLY I 194 -24.75 4.40 -8.12
N TYR I 195 -24.71 3.25 -8.79
CA TYR I 195 -25.84 2.36 -8.97
C TYR I 195 -25.94 1.37 -7.82
N SER I 196 -27.04 0.65 -7.78
CA SER I 196 -27.10 -0.60 -7.06
C SER I 196 -26.72 -1.73 -8.00
N ALA I 197 -26.80 -2.97 -7.53
CA ALA I 197 -26.42 -4.09 -8.37
C ALA I 197 -27.45 -4.40 -9.43
N GLY I 198 -28.74 -4.21 -9.13
CA GLY I 198 -29.78 -4.45 -10.12
C GLY I 198 -29.75 -3.43 -11.25
N GLU I 199 -29.53 -2.16 -10.92
CA GLU I 199 -29.39 -1.14 -11.96
C GLU I 199 -28.15 -1.37 -12.80
N ARG I 200 -27.07 -1.87 -12.20
CA ARG I 200 -25.84 -2.09 -12.94
C ARG I 200 -25.93 -3.27 -13.89
N ILE I 201 -26.62 -4.35 -13.51
CA ILE I 201 -26.73 -5.46 -14.44
C ILE I 201 -27.67 -5.12 -15.60
N ILE I 202 -28.69 -4.29 -15.34
CA ILE I 202 -29.57 -3.83 -16.41
C ILE I 202 -28.81 -2.96 -17.40
N ASP I 203 -27.99 -2.03 -16.89
CA ASP I 203 -27.21 -1.14 -17.74
C ASP I 203 -26.16 -1.90 -18.56
N ILE I 204 -25.51 -2.89 -17.96
CA ILE I 204 -24.44 -3.61 -18.65
C ILE I 204 -24.99 -4.46 -19.80
N ILE I 205 -26.08 -5.18 -19.57
CA ILE I 205 -26.59 -6.07 -20.62
C ILE I 205 -27.28 -5.27 -21.73
N ALA I 206 -27.99 -4.20 -21.36
CA ALA I 206 -28.63 -3.35 -22.37
C ALA I 206 -27.59 -2.63 -23.22
N SER I 207 -26.48 -2.21 -22.62
CA SER I 207 -25.43 -1.54 -23.37
C SER I 207 -24.73 -2.50 -24.33
N ASP I 208 -24.60 -3.77 -23.93
CA ASP I 208 -24.01 -4.79 -24.81
C ASP I 208 -24.82 -4.97 -26.09
N LEU I 209 -26.14 -5.15 -25.94
CA LEU I 209 -26.99 -5.37 -27.11
C LEU I 209 -27.07 -4.14 -28.01
N GLN I 210 -27.16 -2.95 -27.40
CA GLN I 210 -27.27 -1.72 -28.19
C GLN I 210 -26.01 -1.45 -28.99
N THR I 211 -24.83 -1.70 -28.42
CA THR I 211 -23.63 -1.38 -29.16
C THR I 211 -23.33 -2.41 -30.26
N THR I 212 -23.80 -3.65 -30.13
CA THR I 212 -23.67 -4.59 -31.26
C THR I 212 -24.56 -4.19 -32.43
N LYS I 213 -25.80 -3.74 -32.14
CA LYS I 213 -26.68 -3.35 -33.23
C LYS I 213 -26.19 -2.08 -33.94
N LEU I 214 -25.67 -1.12 -33.18
CA LEU I 214 -25.17 0.12 -33.76
C LEU I 214 -23.97 -0.13 -34.66
N GLN I 215 -22.99 -0.91 -34.20
CA GLN I 215 -21.84 -1.06 -35.07
C GLN I 215 -22.04 -2.07 -36.18
N ASN I 216 -23.07 -2.93 -36.10
CA ASN I 216 -23.47 -3.70 -37.29
C ASN I 216 -23.99 -2.80 -38.38
N GLN I 217 -24.86 -1.84 -38.02
CA GLN I 217 -25.39 -0.91 -39.01
C GLN I 217 -24.32 0.01 -39.57
N ILE I 218 -23.31 0.36 -38.77
CA ILE I 218 -22.20 1.18 -39.27
C ILE I 218 -21.35 0.37 -40.24
N SER I 219 -20.96 -0.84 -39.85
CA SER I 219 -19.99 -1.58 -40.64
C SER I 219 -20.58 -2.22 -41.88
N LYS I 220 -21.90 -2.24 -42.05
CA LYS I 220 -22.42 -2.86 -43.27
C LYS I 220 -22.36 -1.94 -44.49
N ILE I 221 -21.98 -0.67 -44.34
CA ILE I 221 -21.95 0.25 -45.47
C ILE I 221 -20.59 0.93 -45.61
N GLN I 222 -19.53 0.25 -45.18
CA GLN I 222 -18.22 0.88 -45.11
C GLN I 222 -17.39 0.63 -46.38
N ASN I 223 -16.36 1.46 -46.52
CA ASN I 223 -15.46 1.48 -47.67
C ASN I 223 -14.16 2.14 -47.20
N PHE I 224 -13.37 2.65 -48.15
CA PHE I 224 -12.09 3.34 -47.93
C PHE I 224 -11.08 2.42 -47.24
N ARG I 225 -10.63 1.42 -48.00
CA ARG I 225 -9.59 0.50 -47.53
C ARG I 225 -8.28 1.23 -47.27
N VAL I 226 -7.40 0.59 -46.51
CA VAL I 226 -6.15 1.19 -46.06
C VAL I 226 -5.03 0.16 -46.22
N TYR I 227 -3.96 0.56 -46.89
CA TYR I 227 -2.73 -0.21 -46.96
C TYR I 227 -1.70 0.42 -46.04
N PHE I 228 -1.10 -0.39 -45.18
CA PHE I 228 -0.28 0.11 -44.09
C PHE I 228 1.06 -0.60 -44.06
N ARG I 229 2.04 0.04 -43.42
CA ARG I 229 3.40 -0.46 -43.33
C ARG I 229 3.80 -0.50 -41.87
N GLU I 230 4.09 -1.70 -41.36
CA GLU I 230 4.44 -1.87 -39.96
C GLU I 230 5.41 -3.04 -39.83
N GLY I 231 5.79 -3.36 -38.60
CA GLY I 231 6.67 -4.47 -38.31
C GLY I 231 8.12 -4.04 -38.18
N ARG I 232 8.95 -5.02 -37.81
CA ARG I 232 10.40 -4.79 -37.78
C ARG I 232 10.94 -4.62 -39.20
N ASP I 233 10.36 -5.33 -40.16
CA ASP I 233 10.69 -5.19 -41.57
C ASP I 233 9.65 -4.31 -42.23
N GLN I 234 10.11 -3.44 -43.14
CA GLN I 234 9.22 -2.47 -43.79
C GLN I 234 8.57 -3.15 -45.00
N GLN I 235 7.60 -4.01 -44.71
CA GLN I 235 6.79 -4.65 -45.73
C GLN I 235 5.46 -3.92 -45.82
N TRP I 236 4.58 -4.39 -46.71
CA TRP I 236 3.26 -3.81 -46.90
C TRP I 236 2.23 -4.93 -46.81
N LYS I 237 1.25 -4.76 -45.94
CA LYS I 237 0.18 -5.72 -45.77
C LYS I 237 -1.07 -5.28 -46.52
N GLY I 238 -1.95 -6.24 -46.79
CA GLY I 238 -2.96 -6.10 -47.81
C GLY I 238 -4.19 -5.31 -47.39
N PRO I 239 -5.37 -5.85 -47.72
CA PRO I 239 -6.62 -5.11 -47.45
C PRO I 239 -6.94 -5.08 -45.97
N ALA I 240 -6.95 -3.87 -45.41
CA ALA I 240 -7.37 -3.65 -44.03
C ALA I 240 -8.58 -2.72 -44.03
N THR I 241 -9.45 -2.90 -43.05
CA THR I 241 -10.70 -2.15 -42.98
C THR I 241 -10.52 -0.94 -42.08
N LEU I 242 -10.73 0.26 -42.64
CA LEU I 242 -10.65 1.47 -41.86
C LEU I 242 -11.89 1.61 -40.99
N ILE I 243 -11.69 1.89 -39.70
CA ILE I 243 -12.78 1.99 -38.73
C ILE I 243 -13.00 3.44 -38.29
N TRP I 244 -11.93 4.12 -37.88
CA TRP I 244 -12.06 5.50 -37.45
C TRP I 244 -10.75 6.23 -37.69
N LYS I 245 -10.83 7.32 -38.43
CA LYS I 245 -9.69 8.15 -38.78
C LYS I 245 -9.68 9.35 -37.87
N GLY I 246 -8.62 9.49 -37.07
CA GLY I 246 -8.56 10.47 -36.02
C GLY I 246 -7.40 11.44 -36.15
N GLU I 247 -7.42 12.45 -35.29
CA GLU I 247 -6.41 13.51 -35.27
C GLU I 247 -5.14 12.96 -34.64
N GLY I 248 -4.32 12.31 -35.46
CA GLY I 248 -3.05 11.79 -35.01
C GLY I 248 -2.77 10.38 -35.46
N ALA I 249 -3.80 9.56 -35.56
CA ALA I 249 -3.65 8.17 -35.96
C ALA I 249 -4.96 7.68 -36.56
N VAL I 250 -4.90 6.47 -37.12
CA VAL I 250 -6.09 5.79 -37.62
C VAL I 250 -6.21 4.44 -36.91
N VAL I 251 -7.41 3.89 -36.95
CA VAL I 251 -7.73 2.60 -36.36
C VAL I 251 -8.16 1.69 -37.50
N ILE I 252 -7.44 0.59 -37.68
CA ILE I 252 -7.71 -0.35 -38.76
C ILE I 252 -7.99 -1.72 -38.16
N GLN I 253 -8.69 -2.53 -38.94
CA GLN I 253 -8.91 -3.93 -38.61
C GLN I 253 -8.22 -4.78 -39.65
N ASP I 254 -7.35 -5.69 -39.20
CA ASP I 254 -6.57 -6.56 -40.06
C ASP I 254 -6.71 -7.98 -39.56
N GLY I 255 -7.35 -8.83 -40.36
CA GLY I 255 -7.52 -10.24 -40.04
C GLY I 255 -8.26 -10.50 -38.74
N GLN I 256 -9.33 -9.73 -38.50
CA GLN I 256 -10.04 -9.67 -37.22
C GLN I 256 -9.12 -9.37 -36.05
N ASP I 257 -8.24 -8.38 -36.22
CA ASP I 257 -7.46 -7.81 -35.12
C ASP I 257 -7.49 -6.29 -35.23
N LEU I 258 -7.68 -5.63 -34.09
CA LEU I 258 -7.73 -4.17 -34.05
C LEU I 258 -6.33 -3.60 -33.86
N LYS I 259 -6.00 -2.57 -34.65
CA LYS I 259 -4.68 -1.97 -34.60
C LYS I 259 -4.80 -0.45 -34.70
N VAL I 260 -3.87 0.25 -34.07
CA VAL I 260 -3.81 1.71 -34.09
C VAL I 260 -2.50 2.10 -34.75
N VAL I 261 -2.58 2.72 -35.93
CA VAL I 261 -1.41 3.04 -36.74
C VAL I 261 -1.41 4.53 -37.03
N PRO I 262 -0.30 5.25 -36.86
CA PRO I 262 -0.28 6.68 -37.17
C PRO I 262 -0.37 6.95 -38.66
N ARG I 263 -0.54 8.24 -39.00
CA ARG I 263 -0.86 8.62 -40.36
C ARG I 263 0.32 8.51 -41.32
N ARG I 264 1.54 8.43 -40.80
CA ARG I 264 2.71 8.43 -41.67
C ARG I 264 2.92 7.08 -42.35
N LYS I 265 2.33 6.02 -41.81
CA LYS I 265 2.59 4.66 -42.27
C LYS I 265 1.35 3.99 -42.84
N CYS I 266 0.44 4.76 -43.43
CA CYS I 266 -0.80 4.22 -43.98
C CYS I 266 -1.28 5.08 -45.13
N LYS I 267 -1.92 4.44 -46.11
CA LYS I 267 -2.45 5.12 -47.28
C LYS I 267 -3.85 4.60 -47.56
N ILE I 268 -4.78 5.53 -47.74
CA ILE I 268 -6.20 5.21 -47.90
C ILE I 268 -6.55 5.19 -49.38
N ILE I 269 -7.26 4.14 -49.80
CA ILE I 269 -7.71 3.97 -51.17
C ILE I 269 -9.22 3.77 -51.14
N LYS I 270 -9.94 4.60 -51.90
CA LYS I 270 -11.39 4.54 -51.97
C LYS I 270 -11.86 3.37 -52.82
N GLY L 1 24.73 -22.21 -13.12
CA GLY L 1 25.70 -21.29 -12.54
C GLY L 1 26.99 -21.25 -13.31
N PHE L 2 27.78 -20.19 -13.11
CA PHE L 2 29.04 -20.03 -13.80
C PHE L 2 30.25 -20.38 -12.94
N LEU L 3 30.06 -21.12 -11.85
CA LEU L 3 31.18 -21.43 -10.96
C LEU L 3 32.10 -22.49 -11.57
N ASP L 4 31.53 -23.50 -12.22
CA ASP L 4 32.33 -24.42 -13.02
C ASP L 4 32.97 -23.70 -14.20
N GLY L 5 32.31 -22.66 -14.72
CA GLY L 5 32.93 -21.85 -15.76
C GLY L 5 34.14 -21.09 -15.27
N ILE L 6 34.13 -20.68 -13.99
CA ILE L 6 35.30 -20.03 -13.40
C ILE L 6 36.47 -21.01 -13.31
N GLU L 7 36.20 -22.25 -12.88
CA GLU L 7 37.26 -23.25 -12.78
C GLU L 7 37.81 -23.65 -14.15
N LYS L 8 36.92 -23.84 -15.12
CA LYS L 8 37.34 -24.20 -16.47
C LYS L 8 38.11 -23.08 -17.14
N ALA L 9 37.73 -21.83 -16.93
CA ALA L 9 38.46 -20.70 -17.51
C ALA L 9 39.83 -20.54 -16.88
N GLN L 10 39.98 -20.90 -15.59
CA GLN L 10 41.30 -20.87 -14.99
C GLN L 10 42.22 -21.93 -15.59
N GLU L 11 41.70 -23.13 -15.85
CA GLU L 11 42.51 -24.16 -16.52
C GLU L 11 42.88 -23.75 -17.94
N GLU L 12 41.95 -23.10 -18.64
CA GLU L 12 42.19 -22.71 -20.03
C GLU L 12 43.19 -21.56 -20.13
N HIS L 13 43.14 -20.61 -19.19
CA HIS L 13 44.14 -19.55 -19.20
C HIS L 13 45.49 -20.06 -18.72
N GLU L 14 45.51 -21.08 -17.88
CA GLU L 14 46.78 -21.68 -17.50
C GLU L 14 47.45 -22.38 -18.68
N LYS L 15 46.67 -22.86 -19.64
CA LYS L 15 47.27 -23.40 -20.86
C LYS L 15 47.64 -22.32 -21.86
N TYR L 16 46.65 -21.58 -22.36
CA TYR L 16 46.84 -20.78 -23.58
C TYR L 16 46.98 -19.28 -23.34
N HIS L 17 46.76 -18.79 -22.12
CA HIS L 17 46.84 -17.38 -21.74
C HIS L 17 45.90 -16.51 -22.58
N ASN L 18 44.59 -16.77 -22.43
CA ASN L 18 43.59 -16.00 -23.13
C ASN L 18 43.50 -14.57 -22.58
N ASN L 19 42.77 -13.73 -23.30
CA ASN L 19 42.39 -12.42 -22.77
C ASN L 19 41.08 -12.55 -22.01
N TRP L 20 40.53 -11.41 -21.58
CA TRP L 20 39.38 -11.49 -20.71
C TRP L 20 38.05 -11.46 -21.45
N ARG L 21 37.99 -10.77 -22.60
CA ARG L 21 36.75 -10.78 -23.38
C ARG L 21 36.50 -12.14 -24.01
N ALA L 22 37.57 -12.85 -24.38
CA ALA L 22 37.43 -14.19 -24.93
C ALA L 22 36.89 -15.16 -23.90
N MET L 23 37.40 -15.11 -22.67
CA MET L 23 36.91 -16.01 -21.63
C MET L 23 35.50 -15.63 -21.18
N ALA L 24 35.20 -14.33 -21.17
CA ALA L 24 33.86 -13.89 -20.76
C ALA L 24 32.80 -14.24 -21.79
N GLU L 25 33.19 -14.36 -23.06
CA GLU L 25 32.24 -14.78 -24.08
C GLU L 25 32.18 -16.29 -24.24
N ASP L 26 33.30 -16.99 -24.07
CA ASP L 26 33.30 -18.43 -24.24
C ASP L 26 32.67 -19.15 -23.05
N PHE L 27 33.05 -18.77 -21.84
CA PHE L 27 32.66 -19.51 -20.65
C PHE L 27 31.45 -18.92 -19.93
N GLN L 28 30.95 -17.76 -20.40
CA GLN L 28 29.75 -17.11 -19.90
C GLN L 28 29.85 -16.76 -18.42
N ILE L 29 31.01 -16.23 -18.04
CA ILE L 29 31.22 -15.70 -16.70
C ILE L 29 31.16 -14.18 -16.80
N PRO L 30 30.87 -13.47 -15.71
CA PRO L 30 30.88 -12.01 -15.76
C PRO L 30 32.28 -11.45 -15.96
N GLN L 31 32.32 -10.18 -16.35
CA GLN L 31 33.57 -9.57 -16.79
C GLN L 31 34.56 -9.31 -15.67
N VAL L 32 34.07 -9.16 -14.43
CA VAL L 32 34.96 -8.84 -13.32
C VAL L 32 35.85 -10.03 -12.96
N VAL L 33 35.29 -11.24 -12.99
CA VAL L 33 36.10 -12.40 -12.63
C VAL L 33 37.06 -12.76 -13.76
N ALA L 34 36.70 -12.47 -15.01
CA ALA L 34 37.62 -12.72 -16.11
C ALA L 34 38.78 -11.74 -16.09
N LYS L 35 38.51 -10.47 -15.78
CA LYS L 35 39.58 -9.50 -15.57
C LYS L 35 40.45 -9.87 -14.38
N GLU L 36 39.88 -10.49 -13.35
CA GLU L 36 40.70 -10.90 -12.21
C GLU L 36 41.59 -12.10 -12.54
N ILE L 37 41.12 -12.99 -13.42
CA ILE L 37 41.94 -14.11 -13.86
C ILE L 37 43.13 -13.62 -14.66
N VAL L 38 42.91 -12.63 -15.53
CA VAL L 38 44.02 -12.05 -16.29
C VAL L 38 44.94 -11.24 -15.37
N ALA L 39 44.38 -10.64 -14.32
CA ALA L 39 45.19 -9.84 -13.40
C ALA L 39 46.09 -10.70 -12.52
N GLN L 40 45.66 -11.90 -12.16
CA GLN L 40 46.47 -12.74 -11.28
C GLN L 40 47.61 -13.44 -12.00
N CYS L 41 47.58 -13.54 -13.32
CA CYS L 41 48.69 -14.15 -14.04
C CYS L 41 49.87 -13.19 -14.05
N PRO L 42 51.07 -13.64 -13.68
CA PRO L 42 52.22 -12.71 -13.66
C PRO L 42 52.74 -12.40 -15.04
N LYS L 43 52.41 -13.20 -16.05
CA LYS L 43 52.94 -13.00 -17.39
C LYS L 43 52.07 -12.12 -18.27
N CYS L 44 50.77 -12.08 -18.02
CA CYS L 44 49.85 -11.32 -18.85
C CYS L 44 49.53 -9.98 -18.21
N GLN L 45 48.72 -9.21 -18.92
CA GLN L 45 48.27 -7.91 -18.46
C GLN L 45 46.92 -7.63 -19.11
N VAL L 46 46.00 -7.05 -18.34
CA VAL L 46 44.67 -6.76 -18.85
C VAL L 46 44.74 -5.48 -19.68
N LYS L 47 44.30 -5.57 -20.93
CA LYS L 47 44.33 -4.43 -21.84
C LYS L 47 43.32 -4.62 -22.97
N ILE M 204 -27.99 38.10 38.91
CA ILE M 204 -28.61 36.82 39.23
C ILE M 204 -28.90 36.05 37.95
N ILE M 205 -29.57 36.72 37.00
CA ILE M 205 -29.91 36.10 35.73
C ILE M 205 -28.67 35.91 34.87
N ALA M 206 -27.77 36.90 34.88
CA ALA M 206 -26.56 36.85 34.07
C ALA M 206 -25.63 35.74 34.51
N SER M 207 -25.61 35.44 35.81
CA SER M 207 -24.81 34.33 36.32
C SER M 207 -25.35 32.99 35.83
N ASP M 208 -26.67 32.86 35.68
CA ASP M 208 -27.24 31.64 35.14
C ASP M 208 -26.96 31.53 33.64
N LEU M 209 -26.87 32.67 32.95
CA LEU M 209 -26.48 32.64 31.55
C LEU M 209 -25.04 32.16 31.39
N GLN M 210 -24.13 32.63 32.24
CA GLN M 210 -22.75 32.19 32.20
C GLN M 210 -22.62 30.71 32.58
N THR M 211 -23.41 30.26 33.55
CA THR M 211 -23.36 28.87 33.98
C THR M 211 -23.89 27.94 32.89
N THR M 212 -24.96 28.34 32.19
CA THR M 212 -25.47 27.51 31.10
C THR M 212 -24.53 27.48 29.91
N LYS M 213 -23.83 28.58 29.63
CA LYS M 213 -22.85 28.59 28.54
C LYS M 213 -21.66 27.70 28.86
N LEU M 214 -21.14 27.78 30.08
CA LEU M 214 -20.00 26.96 30.47
C LEU M 214 -20.37 25.48 30.54
N GLN M 215 -21.58 25.17 31.03
CA GLN M 215 -22.03 23.79 31.06
C GLN M 215 -22.30 23.24 29.66
N ASN M 216 -22.71 24.10 28.73
CA ASN M 216 -22.87 23.67 27.34
C ASN M 216 -21.54 23.30 26.71
N GLN M 217 -20.50 24.11 26.96
CA GLN M 217 -19.17 23.79 26.41
C GLN M 217 -18.58 22.54 27.06
N ILE M 218 -18.77 22.39 28.37
CA ILE M 218 -18.29 21.20 29.09
C ILE M 218 -19.00 19.94 28.58
N SER M 219 -20.32 20.01 28.39
CA SER M 219 -21.06 18.86 27.89
C SER M 219 -20.75 18.55 26.43
N LYS M 220 -20.32 19.54 25.64
CA LYS M 220 -20.01 19.28 24.24
C LYS M 220 -18.54 18.93 23.99
N ILE M 221 -17.69 18.94 25.03
CA ILE M 221 -16.31 18.52 24.84
C ILE M 221 -16.21 17.01 24.63
N GLN M 222 -16.72 16.22 25.59
CA GLN M 222 -16.37 14.80 25.65
C GLN M 222 -17.59 13.91 25.88
N ASN M 223 -18.63 14.07 25.06
CA ASN M 223 -19.76 13.15 25.07
C ASN M 223 -19.67 12.23 23.84
N PHE M 224 -18.86 11.18 23.96
CA PHE M 224 -18.65 10.22 22.87
C PHE M 224 -19.18 8.84 23.23
N ARG M 225 -19.50 8.06 22.20
CA ARG M 225 -19.92 6.67 22.36
C ARG M 225 -18.94 5.76 21.64
N VAL M 226 -18.73 4.55 22.17
CA VAL M 226 -17.74 3.63 21.63
C VAL M 226 -18.40 2.27 21.41
N TYR M 227 -18.27 1.74 20.19
CA TYR M 227 -18.63 0.37 19.88
C TYR M 227 -17.36 -0.42 19.65
N PHE M 228 -17.08 -1.39 20.51
CA PHE M 228 -15.80 -2.08 20.52
C PHE M 228 -16.00 -3.54 20.14
N ARG M 229 -14.89 -4.24 20.00
CA ARG M 229 -14.86 -5.65 19.65
C ARG M 229 -13.82 -6.34 20.51
N GLU M 230 -14.24 -7.31 21.32
CA GLU M 230 -13.33 -7.89 22.29
C GLU M 230 -13.64 -9.37 22.48
N GLY M 231 -12.75 -10.05 23.19
CA GLY M 231 -12.95 -11.42 23.59
C GLY M 231 -12.19 -12.40 22.73
N ARG M 232 -12.42 -13.68 23.01
CA ARG M 232 -11.84 -14.73 22.19
C ARG M 232 -12.56 -14.84 20.86
N ASP M 233 -13.89 -14.99 20.91
CA ASP M 233 -14.73 -14.83 19.73
C ASP M 233 -15.08 -13.35 19.63
N GLN M 234 -14.47 -12.67 18.66
CA GLN M 234 -14.47 -11.22 18.63
C GLN M 234 -15.80 -10.73 18.08
N GLN M 235 -16.74 -10.47 19.00
CA GLN M 235 -18.06 -9.95 18.66
C GLN M 235 -18.12 -8.46 18.96
N TRP M 236 -19.07 -7.77 18.33
CA TRP M 236 -19.27 -6.35 18.58
C TRP M 236 -20.26 -6.16 19.72
N LYS M 237 -19.93 -5.26 20.63
CA LYS M 237 -20.72 -5.04 21.83
C LYS M 237 -21.17 -3.59 21.92
N GLY M 238 -22.07 -3.33 22.87
CA GLY M 238 -22.87 -2.14 22.91
C GLY M 238 -22.13 -0.88 23.26
N PRO M 239 -22.85 0.22 23.43
CA PRO M 239 -22.20 1.52 23.64
C PRO M 239 -21.57 1.62 25.02
N ALA M 240 -20.42 2.29 25.07
CA ALA M 240 -19.67 2.48 26.29
C ALA M 240 -19.11 3.89 26.25
N THR M 241 -18.53 4.32 27.37
CA THR M 241 -18.07 5.69 27.51
C THR M 241 -16.57 5.78 27.34
N LEU M 242 -16.13 6.72 26.51
CA LEU M 242 -14.71 6.92 26.27
C LEU M 242 -14.09 7.66 27.44
N ILE M 243 -12.91 7.22 27.89
CA ILE M 243 -12.19 7.84 29.00
C ILE M 243 -10.87 8.43 28.53
N TRP M 244 -10.02 7.62 27.93
CA TRP M 244 -8.71 8.05 27.47
C TRP M 244 -8.49 7.54 26.06
N LYS M 245 -7.96 8.40 25.20
CA LYS M 245 -7.70 8.06 23.81
C LYS M 245 -6.24 8.37 23.49
N GLY M 246 -5.42 7.34 23.41
CA GLY M 246 -4.06 7.48 22.93
C GLY M 246 -3.95 7.01 21.49
N GLU M 247 -2.73 7.11 20.96
CA GLU M 247 -2.47 6.62 19.62
C GLU M 247 -2.28 5.12 19.66
N GLY M 248 -3.22 4.37 19.08
CA GLY M 248 -3.15 2.94 19.02
C GLY M 248 -4.18 2.22 19.86
N ALA M 249 -4.54 2.78 21.01
CA ALA M 249 -5.52 2.13 21.89
C ALA M 249 -6.32 3.17 22.64
N VAL M 250 -7.47 2.73 23.16
CA VAL M 250 -8.39 3.56 23.94
C VAL M 250 -8.77 2.81 25.22
N VAL M 251 -9.18 3.58 26.22
CA VAL M 251 -9.70 3.05 27.48
C VAL M 251 -11.17 3.43 27.57
N ILE M 252 -12.03 2.42 27.72
CA ILE M 252 -13.46 2.64 27.76
C ILE M 252 -14.01 2.10 29.07
N GLN M 253 -15.15 2.66 29.48
CA GLN M 253 -15.88 2.21 30.64
C GLN M 253 -17.21 1.60 30.19
N ASP M 254 -17.42 0.34 30.53
CA ASP M 254 -18.59 -0.42 30.13
C ASP M 254 -19.09 -1.21 31.32
N GLY M 255 -20.31 -0.90 31.78
CA GLY M 255 -20.93 -1.65 32.86
C GLY M 255 -20.19 -1.57 34.18
N GLN M 256 -19.59 -0.41 34.47
CA GLN M 256 -18.64 -0.20 35.57
C GLN M 256 -17.49 -1.21 35.50
N ASP M 257 -16.92 -1.34 34.30
CA ASP M 257 -15.70 -2.11 34.08
C ASP M 257 -14.83 -1.37 33.09
N LEU M 258 -13.55 -1.19 33.42
CA LEU M 258 -12.62 -0.53 32.52
C LEU M 258 -11.96 -1.54 31.61
N LYS M 259 -11.93 -1.24 30.31
CA LYS M 259 -11.33 -2.11 29.32
C LYS M 259 -10.39 -1.30 28.44
N VAL M 260 -9.35 -1.95 27.94
CA VAL M 260 -8.42 -1.37 26.97
C VAL M 260 -8.63 -2.09 25.66
N VAL M 261 -9.01 -1.33 24.62
CA VAL M 261 -9.26 -1.87 23.30
C VAL M 261 -8.35 -1.14 22.32
N PRO M 262 -7.76 -1.79 21.32
CA PRO M 262 -7.04 -1.04 20.29
C PRO M 262 -7.97 -0.21 19.43
N ARG M 263 -7.42 0.82 18.79
CA ARG M 263 -8.21 1.69 17.93
C ARG M 263 -8.60 1.02 16.62
N ARG M 264 -8.01 -0.12 16.30
CA ARG M 264 -8.33 -0.89 15.11
C ARG M 264 -9.54 -1.80 15.32
N LYS M 265 -10.04 -1.91 16.55
CA LYS M 265 -11.17 -2.76 16.87
C LYS M 265 -12.28 -1.98 17.57
N CYS M 266 -12.44 -0.70 17.26
CA CYS M 266 -13.47 0.10 17.88
C CYS M 266 -13.84 1.25 16.97
N LYS M 267 -15.10 1.71 17.11
CA LYS M 267 -15.61 2.86 16.40
C LYS M 267 -16.13 3.87 17.40
N ILE M 268 -15.70 5.12 17.26
CA ILE M 268 -16.05 6.20 18.18
C ILE M 268 -17.00 7.15 17.46
N ILE M 269 -18.19 7.31 18.02
CA ILE M 269 -19.24 8.15 17.44
C ILE M 269 -19.36 9.42 18.26
N LYS M 270 -19.22 10.55 17.58
CA LYS M 270 -19.26 11.88 18.18
C LYS M 270 -20.69 12.41 18.11
N ASP M 271 -20.86 13.71 18.37
CA ASP M 271 -22.14 14.38 18.16
C ASP M 271 -21.91 15.59 17.26
N TYR M 272 -22.98 16.06 16.63
CA TYR M 272 -22.91 17.16 15.69
C TYR M 272 -22.61 18.48 16.40
N SER N 58 48.44 33.29 33.26
CA SER N 58 48.64 32.07 32.49
C SER N 58 48.70 30.85 33.41
N PRO N 59 47.97 29.79 33.06
CA PRO N 59 47.87 28.63 33.94
C PRO N 59 48.97 27.60 33.79
N LYS N 60 49.91 27.79 32.85
CA LYS N 60 51.00 26.84 32.67
C LYS N 60 52.34 27.54 32.58
N THR N 61 52.59 28.51 33.45
CA THR N 61 53.86 29.24 33.48
C THR N 61 54.66 28.79 34.70
N TRP N 62 55.89 28.39 34.46
CA TRP N 62 56.78 27.93 35.52
C TRP N 62 58.06 28.75 35.49
N GLN N 63 58.66 28.93 36.66
CA GLN N 63 59.92 29.66 36.78
C GLN N 63 60.93 28.78 37.49
N MET N 64 62.19 28.88 37.07
CA MET N 64 63.24 28.06 37.66
C MET N 64 64.41 28.89 38.15
N ASP N 65 65.05 28.43 39.22
CA ASP N 65 66.26 29.07 39.73
C ASP N 65 67.05 28.05 40.53
N CYS N 66 68.28 28.43 40.88
CA CYS N 66 69.16 27.64 41.74
C CYS N 66 69.64 28.52 42.88
N THR N 67 69.97 27.90 44.01
CA THR N 67 70.45 28.63 45.18
C THR N 67 71.42 27.75 45.95
N HIS N 68 72.09 28.35 46.93
CA HIS N 68 73.11 27.69 47.73
C HIS N 68 72.65 27.58 49.18
N LEU N 69 72.94 26.44 49.80
CA LEU N 69 72.63 26.22 51.21
C LEU N 69 73.54 25.14 51.74
N GLU N 70 74.31 25.47 52.79
CA GLU N 70 75.26 24.57 53.46
C GLU N 70 76.28 23.98 52.48
N GLY N 71 76.73 24.81 51.53
CA GLY N 71 77.69 24.36 50.55
C GLY N 71 77.13 23.50 49.43
N LYS N 72 75.81 23.31 49.38
CA LYS N 72 75.17 22.51 48.35
C LYS N 72 74.54 23.42 47.31
N VAL N 73 73.94 22.80 46.30
CA VAL N 73 73.20 23.50 45.27
C VAL N 73 71.80 22.93 45.25
N ILE N 74 70.80 23.74 45.58
CA ILE N 74 69.41 23.35 45.56
C ILE N 74 68.73 24.06 44.39
N ILE N 75 68.03 23.30 43.55
CA ILE N 75 67.33 23.87 42.40
C ILE N 75 65.84 23.86 42.70
N VAL N 76 65.17 24.98 42.42
CA VAL N 76 63.79 25.21 42.82
C VAL N 76 63.00 25.66 41.60
N ALA N 77 61.88 24.99 41.34
CA ALA N 77 60.93 25.36 40.29
C ALA N 77 59.60 25.71 40.91
N VAL N 78 59.01 26.81 40.44
CA VAL N 78 57.81 27.38 41.04
C VAL N 78 56.73 27.53 39.96
N HIS N 79 55.55 26.96 40.22
CA HIS N 79 54.36 27.30 39.47
C HIS N 79 53.83 28.64 39.97
N VAL N 80 53.68 29.58 39.04
CA VAL N 80 53.52 30.99 39.38
C VAL N 80 52.10 31.29 39.84
N ALA N 81 51.10 30.79 39.12
CA ALA N 81 49.72 31.15 39.37
C ALA N 81 49.16 30.53 40.65
N SER N 82 49.89 29.62 41.29
CA SER N 82 49.46 28.98 42.52
C SER N 82 50.48 29.04 43.63
N GLY N 83 51.76 29.26 43.31
CA GLY N 83 52.80 29.16 44.33
C GLY N 83 53.17 27.73 44.66
N TYR N 84 53.26 26.87 43.65
CA TYR N 84 53.55 25.46 43.88
C TYR N 84 55.04 25.22 43.72
N ILE N 85 55.63 24.46 44.65
CA ILE N 85 57.08 24.37 44.76
C ILE N 85 57.52 22.93 44.53
N GLU N 86 58.48 22.75 43.63
CA GLU N 86 59.25 21.52 43.53
C GLU N 86 60.72 21.86 43.65
N ALA N 87 61.49 20.99 44.30
CA ALA N 87 62.89 21.29 44.57
C ALA N 87 63.68 20.00 44.64
N GLU N 88 64.97 20.08 44.31
CA GLU N 88 65.86 18.93 44.39
C GLU N 88 67.28 19.40 44.69
N VAL N 89 68.12 18.44 45.06
CA VAL N 89 69.51 18.69 45.45
C VAL N 89 70.42 18.08 44.40
N LEU N 90 71.09 18.94 43.63
CA LEU N 90 71.97 18.44 42.58
C LEU N 90 73.40 18.28 43.10
N PRO N 91 74.14 17.28 42.59
CA PRO N 91 75.55 17.16 42.97
C PRO N 91 76.45 18.22 42.38
N ALA N 92 76.04 18.88 41.30
CA ALA N 92 76.85 19.92 40.68
C ALA N 92 75.92 20.92 39.99
N GLU N 93 76.51 21.75 39.15
CA GLU N 93 75.77 22.75 38.39
C GLU N 93 75.96 22.61 36.89
N THR N 94 76.25 21.40 36.43
CA THR N 94 76.41 21.17 35.00
C THR N 94 75.04 21.11 34.32
N GLY N 95 75.06 21.21 32.99
CA GLY N 95 73.81 21.26 32.23
C GLY N 95 73.06 19.96 32.19
N LYS N 96 73.73 18.84 32.46
CA LYS N 96 73.07 17.53 32.39
C LYS N 96 72.10 17.35 33.56
N GLU N 97 72.48 17.83 34.75
CA GLU N 97 71.59 17.69 35.90
C GLU N 97 70.42 18.65 35.83
N THR N 98 70.64 19.86 35.29
CA THR N 98 69.53 20.79 35.09
C THR N 98 68.56 20.28 34.04
N ALA N 99 69.08 19.66 32.97
CA ALA N 99 68.21 19.09 31.95
C ALA N 99 67.47 17.87 32.47
N HIS N 100 68.08 17.08 33.35
CA HIS N 100 67.37 15.93 33.91
C HIS N 100 66.28 16.35 34.87
N PHE N 101 66.53 17.42 35.65
CA PHE N 101 65.49 17.99 36.50
C PHE N 101 64.33 18.51 35.68
N LEU N 102 64.63 19.22 34.58
CA LEU N 102 63.57 19.73 33.72
C LEU N 102 62.80 18.61 33.02
N LEU N 103 63.46 17.49 32.72
CA LEU N 103 62.79 16.39 32.06
C LEU N 103 61.83 15.68 33.02
N LYS N 104 62.24 15.50 34.28
CA LYS N 104 61.34 14.92 35.27
C LYS N 104 60.17 15.84 35.57
N LEU N 105 60.42 17.15 35.60
CA LEU N 105 59.33 18.11 35.84
C LEU N 105 58.34 18.13 34.69
N ALA N 106 58.83 18.07 33.46
CA ALA N 106 57.93 18.06 32.31
C ALA N 106 57.19 16.74 32.17
N ALA N 107 57.76 15.64 32.69
CA ALA N 107 57.06 14.37 32.67
C ALA N 107 56.02 14.26 33.78
N ARG N 108 56.13 15.07 34.83
CA ARG N 108 55.15 15.00 35.90
C ARG N 108 53.97 15.94 35.71
N TRP N 109 54.22 17.19 35.32
CA TRP N 109 53.22 18.24 35.21
C TRP N 109 53.24 18.85 33.82
N PRO N 110 52.12 19.37 33.34
CA PRO N 110 52.11 20.04 32.03
C PRO N 110 52.83 21.38 32.04
N VAL N 111 53.98 21.44 31.39
CA VAL N 111 54.78 22.65 31.30
C VAL N 111 54.72 23.17 29.86
N LYS N 112 54.39 24.44 29.70
CA LYS N 112 54.24 25.01 28.37
C LYS N 112 55.07 26.27 28.20
N HIS N 113 55.19 27.06 29.27
CA HIS N 113 55.88 28.35 29.19
C HIS N 113 56.80 28.47 30.40
N LEU N 114 58.10 28.64 30.13
CA LEU N 114 59.13 28.60 31.17
C LEU N 114 59.90 29.91 31.19
N HIS N 115 60.20 30.40 32.40
CA HIS N 115 60.94 31.63 32.61
C HIS N 115 62.13 31.36 33.51
N THR N 116 63.30 31.85 33.11
CA THR N 116 64.54 31.63 33.84
C THR N 116 65.38 32.89 33.83
N ASP N 117 66.57 32.80 34.41
CA ASP N 117 67.54 33.86 34.38
C ASP N 117 68.60 33.57 33.33
N ASN N 118 69.64 34.40 33.29
CA ASN N 118 70.75 34.22 32.35
C ASN N 118 71.87 33.50 33.06
N GLY N 119 71.66 32.22 33.33
CA GLY N 119 72.62 31.39 34.03
C GLY N 119 73.58 30.69 33.08
N ASP N 120 74.46 29.89 33.67
CA ASP N 120 75.45 29.15 32.90
C ASP N 120 75.01 27.73 32.58
N ASN N 121 74.16 27.14 33.42
CA ASN N 121 73.56 25.85 33.09
C ASN N 121 72.19 25.99 32.44
N PHE N 122 71.47 27.08 32.71
CA PHE N 122 70.18 27.32 32.07
C PHE N 122 70.31 27.68 30.59
N THR N 123 71.45 28.22 30.17
CA THR N 123 71.73 28.49 28.76
C THR N 123 72.69 27.39 28.31
N SER N 124 72.13 26.26 27.89
CA SER N 124 72.94 25.11 27.55
C SER N 124 72.25 24.27 26.48
N SER N 125 73.05 23.46 25.80
CA SER N 125 72.54 22.66 24.68
C SER N 125 71.65 21.52 25.17
N ALA N 126 71.92 20.99 26.37
CA ALA N 126 71.08 19.93 26.92
C ALA N 126 69.70 20.46 27.27
N VAL N 127 69.64 21.64 27.88
CA VAL N 127 68.37 22.28 28.22
C VAL N 127 67.63 22.70 26.95
N GLN N 128 68.35 23.10 25.91
CA GLN N 128 67.71 23.43 24.65
C GLN N 128 67.15 22.18 23.96
N ALA N 129 67.85 21.05 24.07
CA ALA N 129 67.35 19.80 23.49
C ALA N 129 66.13 19.29 24.24
N VAL N 130 66.11 19.46 25.56
CA VAL N 130 64.96 19.05 26.36
C VAL N 130 63.75 19.92 26.03
N CYS N 131 63.94 21.23 25.87
CA CYS N 131 62.83 22.11 25.52
C CYS N 131 62.34 21.86 24.10
N TRP N 132 63.23 21.48 23.19
CA TRP N 132 62.78 21.13 21.84
C TRP N 132 61.99 19.85 21.83
N TRP N 133 62.41 18.85 22.61
CA TRP N 133 61.70 17.57 22.61
C TRP N 133 60.38 17.65 23.33
N ALA N 134 60.27 18.47 24.38
CA ALA N 134 59.05 18.55 25.16
C ALA N 134 58.18 19.75 24.81
N GLN N 135 58.56 20.53 23.79
CA GLN N 135 57.75 21.62 23.22
C GLN N 135 57.43 22.71 24.25
N ILE N 136 58.48 23.26 24.85
CA ILE N 136 58.34 24.33 25.84
C ILE N 136 58.87 25.62 25.24
N GLU N 137 58.23 26.74 25.57
CA GLU N 137 58.68 28.06 25.16
C GLU N 137 59.54 28.66 26.27
N HIS N 138 60.81 28.88 25.97
CA HIS N 138 61.79 29.32 26.97
C HIS N 138 62.03 30.82 26.84
N THR N 139 61.97 31.52 27.97
CA THR N 139 62.27 32.95 28.00
C THR N 139 63.22 33.22 29.16
N PHE N 140 64.20 34.09 28.90
CA PHE N 140 65.17 34.52 29.90
C PHE N 140 64.81 35.90 30.41
N SER N 141 65.29 36.23 31.60
CA SER N 141 65.07 37.55 32.17
C SER N 141 66.30 38.44 31.98
N VAL N 151 59.68 36.31 42.81
CA VAL N 151 58.78 35.21 43.13
C VAL N 151 59.57 34.01 43.61
N VAL N 152 60.55 33.58 42.80
CA VAL N 152 61.40 32.46 43.16
C VAL N 152 62.30 32.79 44.33
N GLU N 153 62.74 34.05 44.42
CA GLU N 153 63.52 34.50 45.57
C GLU N 153 62.69 34.49 46.84
N SER N 154 61.41 34.86 46.73
CA SER N 154 60.52 34.82 47.89
C SER N 154 60.26 33.38 48.33
N MET N 155 60.08 32.47 47.37
CA MET N 155 59.85 31.08 47.73
C MET N 155 61.12 30.42 48.26
N ASN N 156 62.29 30.88 47.81
CA ASN N 156 63.55 30.45 48.42
C ASN N 156 63.65 30.93 49.86
N HIS N 157 63.21 32.17 50.12
CA HIS N 157 63.17 32.70 51.48
C HIS N 157 62.26 31.88 52.39
N GLN N 158 61.07 31.54 51.88
CA GLN N 158 60.11 30.75 52.64
C GLN N 158 60.63 29.34 52.91
N LEU N 159 61.26 28.73 51.90
CA LEU N 159 61.76 27.36 52.07
C LEU N 159 62.96 27.32 53.01
N LYS N 160 63.79 28.38 53.01
CA LYS N 160 64.90 28.44 53.95
C LYS N 160 64.41 28.60 55.38
N THR N 161 63.35 29.39 55.59
CA THR N 161 62.80 29.54 56.93
C THR N 161 62.18 28.24 57.44
N ILE N 162 61.48 27.52 56.57
CA ILE N 162 60.89 26.24 56.98
C ILE N 162 61.97 25.21 57.25
N ILE N 163 63.06 25.25 56.47
CA ILE N 163 64.19 24.34 56.69
C ILE N 163 64.86 24.61 58.04
N THR N 164 65.00 25.89 58.40
CA THR N 164 65.53 26.21 59.72
C THR N 164 64.52 25.89 60.83
N GLN N 165 63.23 25.80 60.49
CA GLN N 165 62.25 25.44 61.51
C GLN N 165 62.32 23.97 61.88
N ILE N 166 62.44 23.08 60.89
CA ILE N 166 62.40 21.64 61.20
C ILE N 166 63.72 20.96 60.89
N ARG N 167 64.83 21.67 61.12
CA ARG N 167 66.16 21.12 60.80
C ARG N 167 66.53 19.96 61.70
N ASP N 168 66.08 19.96 62.96
CA ASP N 168 66.58 19.03 63.96
C ASP N 168 65.87 17.67 63.92
N GLN N 169 64.92 17.47 63.01
CA GLN N 169 64.25 16.17 62.89
C GLN N 169 64.94 15.23 61.92
N ALA N 170 65.85 15.73 61.09
CA ALA N 170 66.51 14.93 60.08
C ALA N 170 68.02 15.10 60.16
N GLU N 171 68.74 14.03 59.85
CA GLU N 171 70.20 14.06 59.89
C GLU N 171 70.77 14.80 58.67
N LYS N 172 70.44 14.34 57.48
CA LYS N 172 70.99 14.90 56.25
C LYS N 172 70.18 16.11 55.82
N ILE N 173 70.66 16.79 54.79
CA ILE N 173 69.97 17.95 54.26
C ILE N 173 68.78 17.54 53.39
N GLU N 174 68.84 16.36 52.76
CA GLU N 174 67.87 15.98 51.74
C GLU N 174 66.49 15.67 52.34
N THR N 175 66.48 14.98 53.48
CA THR N 175 65.21 14.73 54.17
C THR N 175 64.60 16.01 54.70
N ALA N 176 65.45 16.97 55.11
CA ALA N 176 64.95 18.28 55.52
C ALA N 176 64.34 19.03 54.35
N VAL N 177 64.94 18.91 53.17
CA VAL N 177 64.42 19.56 51.97
C VAL N 177 63.05 18.99 51.59
N GLN N 178 62.91 17.66 51.63
CA GLN N 178 61.64 17.06 51.23
C GLN N 178 60.55 17.28 52.27
N MET N 179 60.91 17.33 53.55
CA MET N 179 59.91 17.65 54.57
C MET N 179 59.49 19.11 54.51
N ALA N 180 60.42 20.00 54.16
CA ALA N 180 60.04 21.40 53.98
C ALA N 180 59.17 21.61 52.75
N VAL N 181 59.37 20.81 51.70
CA VAL N 181 58.52 20.87 50.52
C VAL N 181 57.10 20.42 50.86
N LEU N 182 56.98 19.33 51.63
CA LEU N 182 55.65 18.85 52.01
C LEU N 182 54.94 19.83 52.94
N ILE N 183 55.68 20.46 53.85
CA ILE N 183 55.09 21.44 54.76
C ILE N 183 54.58 22.66 53.99
N HIS N 184 55.39 23.18 53.06
CA HIS N 184 54.98 24.35 52.30
C HIS N 184 53.82 24.04 51.35
N ASN N 185 53.75 22.83 50.80
CA ASN N 185 52.70 22.53 49.84
C ASN N 185 51.37 22.21 50.49
N PHE N 186 51.35 21.46 51.60
CA PHE N 186 50.09 20.98 52.14
C PHE N 186 49.78 21.42 53.56
N LYS N 187 50.69 22.11 54.25
CA LYS N 187 50.46 22.46 55.64
C LYS N 187 50.49 23.97 55.90
N ARG N 188 50.55 24.79 54.86
CA ARG N 188 50.55 26.25 54.99
C ARG N 188 49.34 26.78 54.25
N LYS N 189 48.23 26.95 54.95
CA LYS N 189 47.01 27.47 54.36
C LYS N 189 46.88 28.95 54.64
N GLY N 190 46.53 29.72 53.63
CA GLY N 190 46.34 31.16 53.74
C GLY N 190 45.56 31.68 52.58
N GLY N 191 45.95 32.85 52.09
CA GLY N 191 45.33 33.38 50.89
C GLY N 191 43.94 33.95 51.14
N ILE N 192 43.12 33.90 50.09
CA ILE N 192 41.78 34.47 50.13
C ILE N 192 40.79 33.42 50.61
N GLY N 193 40.66 32.32 49.86
CA GLY N 193 39.68 31.31 50.19
C GLY N 193 40.05 30.42 51.36
N GLY N 194 41.32 30.42 51.74
CA GLY N 194 41.78 29.55 52.80
C GLY N 194 42.32 28.24 52.27
N TYR N 195 42.96 28.29 51.11
CA TYR N 195 43.47 27.11 50.44
C TYR N 195 45.00 27.10 50.49
N SER N 196 45.58 25.91 50.38
CA SER N 196 47.02 25.76 50.27
C SER N 196 47.42 25.86 48.80
N ALA N 197 48.67 25.55 48.49
CA ALA N 197 49.15 25.70 47.11
C ALA N 197 48.68 24.55 46.23
N GLY N 198 48.58 23.35 46.78
CA GLY N 198 48.20 22.20 45.97
C GLY N 198 46.75 22.24 45.51
N GLU N 199 45.87 22.74 46.34
CA GLU N 199 44.47 22.87 45.95
C GLU N 199 44.30 23.97 44.90
N ARG N 200 45.12 25.02 44.99
CA ARG N 200 45.09 26.07 43.99
C ARG N 200 45.56 25.58 42.63
N ILE N 201 46.65 24.82 42.58
CA ILE N 201 47.16 24.38 41.28
C ILE N 201 46.23 23.33 40.67
N ILE N 202 45.59 22.50 41.50
CA ILE N 202 44.66 21.50 40.98
C ILE N 202 43.42 22.18 40.40
N ASP N 203 42.90 23.20 41.10
CA ASP N 203 41.70 23.90 40.61
C ASP N 203 41.97 24.69 39.33
N ILE N 204 43.18 25.26 39.21
CA ILE N 204 43.52 26.05 38.04
C ILE N 204 43.60 25.18 36.78
N ILE N 205 44.33 24.07 36.87
CA ILE N 205 44.50 23.23 35.67
C ILE N 205 43.18 22.52 35.33
N ALA N 206 42.36 22.21 36.34
CA ALA N 206 41.07 21.58 36.08
C ALA N 206 40.12 22.51 35.32
N SER N 207 40.09 23.79 35.69
CA SER N 207 39.18 24.73 35.02
C SER N 207 39.60 24.99 33.58
N ASP N 208 40.92 25.11 33.33
CA ASP N 208 41.40 25.32 31.96
C ASP N 208 41.09 24.12 31.07
N LEU N 209 41.29 22.90 31.59
CA LEU N 209 40.98 21.69 30.85
C LEU N 209 39.49 21.60 30.52
N GLN N 210 38.63 22.00 31.46
CA GLN N 210 37.19 21.93 31.24
C GLN N 210 36.75 22.85 30.10
N THR N 211 37.37 24.01 29.97
CA THR N 211 37.03 24.95 28.88
C THR N 211 37.34 24.35 27.51
N THR N 212 38.60 23.92 27.30
CA THR N 212 38.98 23.44 25.97
C THR N 212 38.28 22.12 25.61
N LYS N 213 38.10 21.24 26.60
CA LYS N 213 37.41 19.99 26.31
C LYS N 213 35.92 20.20 26.05
N LEU N 214 35.31 21.28 26.58
CA LEU N 214 33.92 21.58 26.25
C LEU N 214 33.76 21.83 24.77
N GLN N 215 34.66 22.65 24.21
CA GLN N 215 34.54 22.99 22.79
C GLN N 215 34.79 21.78 21.89
N ASN N 216 35.55 20.79 22.35
CA ASN N 216 35.69 19.58 21.53
C ASN N 216 34.53 18.59 21.74
N GLN N 217 33.98 18.52 22.95
CA GLN N 217 32.99 17.49 23.27
C GLN N 217 31.66 17.73 22.57
N ILE N 218 31.34 18.98 22.22
CA ILE N 218 30.09 19.24 21.52
C ILE N 218 30.09 18.59 20.12
N SER N 219 31.18 18.74 19.38
CA SER N 219 31.29 18.10 18.07
C SER N 219 31.35 16.59 18.19
N LYS N 220 31.99 16.10 19.26
CA LYS N 220 32.03 14.66 19.52
C LYS N 220 30.62 14.09 19.71
N ILE N 221 29.75 14.81 20.42
CA ILE N 221 28.40 14.29 20.62
C ILE N 221 27.55 14.49 19.38
N GLN N 222 27.91 15.39 18.48
CA GLN N 222 27.15 15.56 17.24
C GLN N 222 27.63 14.64 16.13
N ASN N 223 28.58 13.76 16.40
CA ASN N 223 29.00 12.76 15.41
C ASN N 223 28.21 11.45 15.49
N PHE N 224 27.03 11.43 16.09
CA PHE N 224 26.18 10.25 16.11
C PHE N 224 25.07 10.39 15.08
N ARG N 225 24.42 9.27 14.77
CA ARG N 225 23.38 9.23 13.75
C ARG N 225 22.12 8.60 14.32
N VAL N 226 20.96 9.16 13.97
CA VAL N 226 19.67 8.78 14.54
C VAL N 226 18.74 8.31 13.43
N TYR N 227 18.13 7.15 13.62
CA TYR N 227 17.06 6.64 12.76
C TYR N 227 15.76 6.75 13.53
N PHE N 228 14.78 7.47 12.99
CA PHE N 228 13.58 7.80 13.73
C PHE N 228 12.34 7.44 12.93
N ARG N 229 11.19 7.54 13.59
CA ARG N 229 9.91 7.27 12.98
C ARG N 229 8.96 8.43 13.23
N GLU N 230 8.26 8.87 12.20
CA GLU N 230 7.25 9.91 12.34
C GLU N 230 5.88 9.27 12.56
N GLY N 231 4.81 10.05 12.47
CA GLY N 231 3.49 9.55 12.77
C GLY N 231 2.76 8.95 11.59
N ARG N 232 2.18 7.77 11.81
CA ARG N 232 1.39 7.01 10.82
C ARG N 232 2.16 6.74 9.54
N ASP N 233 3.43 6.37 9.68
CA ASP N 233 4.25 5.84 8.60
C ASP N 233 5.19 4.82 9.22
N GLN N 234 5.26 3.63 8.62
CA GLN N 234 5.88 2.49 9.28
C GLN N 234 7.29 2.21 8.78
N GLN N 235 7.95 3.18 8.18
CA GLN N 235 9.32 3.01 7.71
C GLN N 235 10.25 3.92 8.47
N TRP N 236 11.48 3.46 8.69
CA TRP N 236 12.43 4.18 9.53
C TRP N 236 13.16 5.23 8.69
N LYS N 237 13.03 6.49 9.08
CA LYS N 237 13.56 7.59 8.30
C LYS N 237 15.07 7.70 8.48
N GLY N 238 15.70 8.50 7.61
CA GLY N 238 17.12 8.40 7.37
C GLY N 238 17.95 8.99 8.50
N PRO N 239 19.27 8.99 8.29
CA PRO N 239 20.19 9.32 9.38
C PRO N 239 20.30 10.82 9.69
N ALA N 240 19.42 11.33 10.55
CA ALA N 240 19.59 12.68 11.07
C ALA N 240 20.75 12.74 12.05
N THR N 241 21.08 13.94 12.51
CA THR N 241 22.18 14.11 13.46
C THR N 241 21.64 14.37 14.85
N LEU N 242 22.29 13.77 15.85
CA LEU N 242 21.90 13.94 17.23
C LEU N 242 22.34 15.30 17.74
N ILE N 243 21.49 15.93 18.57
CA ILE N 243 21.84 17.17 19.25
C ILE N 243 21.80 17.02 20.76
N TRP N 244 20.69 16.52 21.29
CA TRP N 244 20.62 16.25 22.73
C TRP N 244 19.69 15.07 22.96
N LYS N 245 20.10 14.20 23.87
CA LYS N 245 19.34 13.00 24.22
C LYS N 245 18.80 13.19 25.64
N GLY N 246 17.48 13.22 25.78
CA GLY N 246 16.86 13.42 27.07
C GLY N 246 16.39 12.14 27.71
N GLU N 247 15.43 12.27 28.61
CA GLU N 247 14.87 11.11 29.28
C GLU N 247 13.59 10.64 28.60
N GLY N 248 12.88 11.54 27.94
CA GLY N 248 11.67 11.17 27.25
C GLY N 248 11.58 11.75 25.85
N ALA N 249 12.60 12.52 25.46
CA ALA N 249 12.60 13.14 24.15
C ALA N 249 14.02 13.20 23.62
N VAL N 250 14.15 13.33 22.30
CA VAL N 250 15.43 13.40 21.61
C VAL N 250 15.35 14.52 20.59
N VAL N 251 16.29 15.46 20.64
CA VAL N 251 16.36 16.56 19.70
C VAL N 251 17.33 16.18 18.59
N ILE N 252 16.85 16.23 17.34
CA ILE N 252 17.68 15.91 16.20
C ILE N 252 17.63 17.06 15.22
N GLN N 253 18.66 17.13 14.38
CA GLN N 253 18.70 18.04 13.24
C GLN N 253 18.59 17.20 11.98
N ASP N 254 17.53 17.45 11.20
CA ASP N 254 17.22 16.66 10.02
C ASP N 254 16.94 17.62 8.88
N GLY N 255 17.85 17.65 7.91
CA GLY N 255 17.73 18.51 6.74
C GLY N 255 17.59 19.99 7.06
N GLN N 256 18.45 20.47 7.97
CA GLN N 256 18.40 21.82 8.52
C GLN N 256 17.05 22.13 9.17
N ASP N 257 16.45 21.15 9.84
CA ASP N 257 15.23 21.35 10.61
C ASP N 257 15.41 20.69 11.96
N LEU N 258 15.38 21.49 13.03
CA LEU N 258 15.46 20.95 14.38
C LEU N 258 14.10 20.46 14.82
N LYS N 259 14.02 19.19 15.20
CA LYS N 259 12.75 18.65 15.64
C LYS N 259 12.95 17.74 16.84
N VAL N 260 11.85 17.48 17.54
CA VAL N 260 11.84 16.73 18.78
C VAL N 260 11.02 15.46 18.57
N VAL N 261 11.64 14.31 18.81
CA VAL N 261 11.00 13.01 18.65
C VAL N 261 10.92 12.35 20.02
N PRO N 262 9.91 11.52 20.30
CA PRO N 262 9.92 10.74 21.54
C PRO N 262 11.05 9.72 21.57
N ARG N 263 11.34 9.23 22.77
CA ARG N 263 12.48 8.34 22.97
C ARG N 263 12.22 6.95 22.43
N ARG N 264 10.97 6.50 22.44
CA ARG N 264 10.62 5.16 21.99
C ARG N 264 10.47 5.05 20.48
N LYS N 265 10.80 6.09 19.73
CA LYS N 265 10.69 6.09 18.28
C LYS N 265 12.02 6.40 17.61
N CYS N 266 13.13 6.16 18.30
CA CYS N 266 14.47 6.53 17.84
C CYS N 266 15.44 5.37 18.02
N LYS N 267 16.49 5.37 17.21
CA LYS N 267 17.61 4.43 17.33
C LYS N 267 18.89 5.21 17.07
N ILE N 268 19.78 5.26 18.05
CA ILE N 268 20.99 6.07 17.97
C ILE N 268 22.18 5.13 17.75
N ILE N 269 22.81 5.24 16.57
CA ILE N 269 23.93 4.41 16.15
C ILE N 269 25.12 5.33 15.92
N LYS N 270 26.32 4.75 15.95
CA LYS N 270 27.51 5.42 15.46
C LYS N 270 27.81 5.09 14.01
N ASP N 271 27.36 3.92 13.53
CA ASP N 271 27.27 3.57 12.11
C ASP N 271 28.64 3.57 11.44
N TYR N 272 29.46 2.59 11.83
CA TYR N 272 30.77 2.40 11.19
C TYR N 272 30.60 1.89 9.78
N GLY N 273 30.50 2.79 8.81
CA GLY N 273 30.27 2.41 7.42
C GLY N 273 29.79 3.55 6.54
N GLY O 5 15.91 7.72 49.12
CA GLY O 5 17.31 7.98 49.41
C GLY O 5 17.93 6.92 50.29
N ILE O 6 17.79 7.10 51.60
CA ILE O 6 18.39 6.15 52.56
C ILE O 6 17.65 4.82 52.52
N GLU O 7 16.32 4.86 52.40
CA GLU O 7 15.55 3.62 52.27
C GLU O 7 15.83 2.92 50.95
N LYS O 8 16.06 3.69 49.88
CA LYS O 8 16.42 3.09 48.59
C LYS O 8 17.79 2.44 48.64
N ALA O 9 18.74 3.07 49.33
CA ALA O 9 20.05 2.45 49.52
C ALA O 9 19.96 1.22 50.40
N GLN O 10 19.05 1.21 51.37
CA GLN O 10 18.88 0.03 52.22
C GLN O 10 18.27 -1.12 51.43
N GLU O 11 17.37 -0.82 50.48
CA GLU O 11 16.83 -1.85 49.61
C GLU O 11 17.89 -2.40 48.67
N GLU O 12 18.76 -1.53 48.16
CA GLU O 12 19.81 -1.97 47.25
C GLU O 12 20.86 -2.81 47.98
N HIS O 13 21.23 -2.41 49.20
CA HIS O 13 22.20 -3.23 49.94
C HIS O 13 21.57 -4.51 50.46
N GLU O 14 20.25 -4.51 50.67
CA GLU O 14 19.56 -5.75 51.05
C GLU O 14 19.61 -6.78 49.93
N LYS O 15 19.37 -6.33 48.70
CA LYS O 15 19.38 -7.27 47.57
C LYS O 15 20.80 -7.62 47.13
N TYR O 16 21.59 -6.61 46.77
CA TYR O 16 22.80 -6.80 45.99
C TYR O 16 24.09 -6.61 46.76
N HIS O 17 24.02 -6.06 47.98
CA HIS O 17 25.17 -5.84 48.87
C HIS O 17 26.23 -4.94 48.23
N ASN O 18 25.82 -3.74 47.87
CA ASN O 18 26.75 -2.74 47.38
C ASN O 18 27.60 -2.21 48.53
N ASN O 19 28.77 -1.68 48.18
CA ASN O 19 29.62 -1.06 49.19
C ASN O 19 29.19 0.38 49.42
N TRP O 20 29.85 1.06 50.36
CA TRP O 20 29.40 2.37 50.78
C TRP O 20 29.75 3.46 49.77
N ARG O 21 30.85 3.29 49.03
CA ARG O 21 31.22 4.29 48.03
C ARG O 21 30.28 4.24 46.82
N ALA O 22 29.88 3.05 46.40
CA ALA O 22 28.97 2.94 45.25
C ALA O 22 27.58 3.45 45.60
N MET O 23 27.13 3.22 46.83
CA MET O 23 25.84 3.76 47.26
C MET O 23 25.89 5.27 47.40
N ALA O 24 27.00 5.81 47.92
CA ALA O 24 27.14 7.25 48.04
C ALA O 24 27.26 7.93 46.69
N GLU O 25 27.80 7.24 45.69
CA GLU O 25 27.85 7.80 44.35
C GLU O 25 26.48 7.75 43.67
N ASP O 26 25.88 6.57 43.58
CA ASP O 26 24.67 6.39 42.79
C ASP O 26 23.42 6.95 43.45
N PHE O 27 23.44 7.19 44.76
CA PHE O 27 22.25 7.68 45.44
C PHE O 27 22.42 9.06 46.07
N GLN O 28 23.64 9.61 46.08
CA GLN O 28 23.97 10.94 46.59
C GLN O 28 23.56 11.11 48.06
N ILE O 29 24.18 10.30 48.90
CA ILE O 29 23.95 10.31 50.35
C ILE O 29 25.28 10.68 50.98
N PRO O 30 25.31 11.36 52.14
CA PRO O 30 26.57 11.55 52.86
C PRO O 30 27.20 10.23 53.27
N GLN O 31 28.54 10.22 53.30
CA GLN O 31 29.30 8.98 53.40
C GLN O 31 29.21 8.33 54.78
N VAL O 32 28.85 9.08 55.82
CA VAL O 32 28.68 8.46 57.13
C VAL O 32 27.42 7.62 57.17
N VAL O 33 26.39 8.01 56.41
CA VAL O 33 25.16 7.22 56.32
C VAL O 33 25.44 5.92 55.58
N ALA O 34 26.20 5.99 54.49
CA ALA O 34 26.52 4.78 53.72
C ALA O 34 27.46 3.86 54.50
N LYS O 35 28.37 4.44 55.28
CA LYS O 35 29.23 3.64 56.15
C LYS O 35 28.42 2.94 57.23
N GLU O 36 27.40 3.62 57.78
CA GLU O 36 26.57 2.99 58.80
C GLU O 36 25.67 1.91 58.22
N ILE O 37 25.19 2.09 56.99
CA ILE O 37 24.37 1.08 56.32
C ILE O 37 25.19 -0.16 56.02
N VAL O 38 26.44 0.01 55.59
CA VAL O 38 27.31 -1.14 55.33
C VAL O 38 27.73 -1.81 56.65
N ALA O 39 27.98 -1.02 57.70
CA ALA O 39 28.36 -1.58 58.99
C ALA O 39 27.20 -2.31 59.69
N GLN O 40 25.96 -1.94 59.39
CA GLN O 40 24.82 -2.62 59.98
C GLN O 40 24.49 -3.96 59.32
N CYS O 41 25.15 -4.30 58.21
CA CYS O 41 24.85 -5.61 57.65
C CYS O 41 25.85 -6.64 58.15
N PRO O 42 25.36 -7.74 58.73
CA PRO O 42 26.28 -8.75 59.27
C PRO O 42 27.02 -9.54 58.20
N LYS O 43 26.50 -9.59 56.98
CA LYS O 43 27.08 -10.42 55.93
C LYS O 43 28.37 -9.84 55.36
N CYS O 44 28.68 -8.58 55.63
CA CYS O 44 29.86 -7.94 55.05
C CYS O 44 30.96 -7.76 56.08
N SER O 58 38.62 4.70 46.54
CA SER O 58 39.24 5.85 47.20
C SER O 58 40.15 6.60 46.24
N PRO O 59 40.10 7.94 46.28
CA PRO O 59 40.93 8.75 45.38
C PRO O 59 42.36 8.97 45.85
N LYS O 60 42.86 8.20 46.83
CA LYS O 60 44.24 8.34 47.28
C LYS O 60 44.92 6.99 47.51
N THR O 61 44.59 5.97 46.73
CA THR O 61 45.22 4.67 46.85
C THR O 61 46.38 4.59 45.87
N TRP O 62 47.57 4.31 46.38
CA TRP O 62 48.78 4.23 45.57
C TRP O 62 49.44 2.87 45.74
N GLN O 63 49.72 2.20 44.64
CA GLN O 63 50.42 0.92 44.66
C GLN O 63 51.87 1.13 44.24
N MET O 64 52.76 0.32 44.79
CA MET O 64 54.17 0.41 44.43
C MET O 64 54.74 -0.95 44.09
N ASP O 65 55.82 -0.93 43.29
CA ASP O 65 56.50 -2.14 42.88
C ASP O 65 57.92 -1.79 42.43
N CYS O 66 58.74 -2.83 42.26
CA CYS O 66 60.10 -2.68 41.76
C CYS O 66 60.39 -3.79 40.76
N THR O 67 61.12 -3.44 39.69
CA THR O 67 61.44 -4.38 38.64
C THR O 67 62.87 -4.11 38.15
N HIS O 68 63.34 -4.95 37.24
CA HIS O 68 64.71 -4.90 36.75
C HIS O 68 64.71 -4.74 35.23
N LEU O 69 65.67 -3.95 34.74
CA LEU O 69 65.84 -3.76 33.29
C LEU O 69 67.27 -3.31 33.04
N GLU O 70 67.97 -4.01 32.14
CA GLU O 70 69.37 -3.75 31.76
C GLU O 70 70.31 -3.79 32.95
N GLY O 71 70.00 -4.65 33.93
CA GLY O 71 70.77 -4.72 35.14
C GLY O 71 70.51 -3.62 36.14
N LYS O 72 69.68 -2.64 35.80
CA LYS O 72 69.31 -1.56 36.69
C LYS O 72 68.02 -1.90 37.43
N VAL O 73 67.72 -1.11 38.46
CA VAL O 73 66.52 -1.29 39.27
C VAL O 73 65.61 -0.10 39.02
N ILE O 74 64.40 -0.37 38.55
CA ILE O 74 63.40 0.66 38.33
C ILE O 74 62.30 0.48 39.37
N ILE O 75 61.90 1.57 40.02
CA ILE O 75 60.83 1.55 41.00
C ILE O 75 59.65 2.33 40.44
N VAL O 76 58.47 1.73 40.46
CA VAL O 76 57.29 2.28 39.81
C VAL O 76 56.16 2.40 40.82
N ALA O 77 55.60 3.60 40.97
CA ALA O 77 54.41 3.87 41.75
C ALA O 77 53.26 4.19 40.81
N VAL O 78 52.06 3.76 41.15
CA VAL O 78 50.90 3.94 40.28
C VAL O 78 49.71 4.41 41.11
N HIS O 79 49.09 5.50 40.68
CA HIS O 79 47.82 5.93 41.21
C HIS O 79 46.70 5.17 40.50
N VAL O 80 45.87 4.50 41.28
CA VAL O 80 45.02 3.41 40.78
C VAL O 80 43.73 3.93 40.14
N ALA O 81 43.14 4.99 40.68
CA ALA O 81 41.88 5.51 40.14
C ALA O 81 42.03 6.18 38.79
N SER O 82 43.27 6.45 38.35
CA SER O 82 43.51 7.07 37.06
C SER O 82 44.56 6.35 36.22
N GLY O 83 45.45 5.57 36.81
CA GLY O 83 46.52 4.96 36.06
C GLY O 83 47.75 5.83 35.94
N TYR O 84 47.93 6.79 36.85
CA TYR O 84 48.99 7.77 36.74
C TYR O 84 50.29 7.15 37.25
N ILE O 85 51.37 7.29 36.48
CA ILE O 85 52.60 6.57 36.76
C ILE O 85 53.64 7.53 37.35
N GLU O 86 54.61 6.96 38.06
CA GLU O 86 55.80 7.67 38.50
C GLU O 86 56.93 6.66 38.66
N ALA O 87 58.03 6.87 37.96
CA ALA O 87 59.11 5.90 37.94
C ALA O 87 60.44 6.57 38.31
N GLU O 88 61.36 5.75 38.82
CA GLU O 88 62.69 6.24 39.18
C GLU O 88 63.71 5.13 39.00
N VAL O 89 64.95 5.53 38.71
CA VAL O 89 66.06 4.60 38.52
C VAL O 89 66.92 4.59 39.78
N LEU O 90 67.26 3.39 40.26
CA LEU O 90 68.03 3.32 41.50
C LEU O 90 69.35 2.59 41.29
N PRO O 91 70.43 3.07 41.93
CA PRO O 91 71.68 2.30 41.94
C PRO O 91 71.70 1.19 42.98
N ALA O 92 70.75 1.15 43.89
CA ALA O 92 70.69 0.11 44.92
C ALA O 92 69.25 -0.12 45.31
N GLU O 93 68.98 -1.31 45.86
CA GLU O 93 67.65 -1.72 46.29
C GLU O 93 67.52 -1.71 47.80
N THR O 94 68.14 -0.73 48.46
CA THR O 94 68.09 -0.63 49.91
C THR O 94 66.76 -0.04 50.35
N GLY O 95 66.66 0.29 51.63
CA GLY O 95 65.44 0.87 52.17
C GLY O 95 65.46 2.38 52.19
N LYS O 96 66.66 2.96 52.19
CA LYS O 96 66.78 4.41 52.28
C LYS O 96 66.36 5.09 50.99
N GLU O 97 66.71 4.52 49.84
CA GLU O 97 66.30 5.13 48.57
C GLU O 97 64.81 4.90 48.31
N THR O 98 64.26 3.79 48.78
CA THR O 98 62.82 3.58 48.70
C THR O 98 62.08 4.56 49.60
N ALA O 99 62.64 4.85 50.78
CA ALA O 99 62.07 5.86 51.66
C ALA O 99 62.16 7.24 51.06
N HIS O 100 63.25 7.53 50.33
CA HIS O 100 63.37 8.83 49.67
C HIS O 100 62.36 8.98 48.54
N PHE O 101 62.14 7.89 47.79
CA PHE O 101 61.12 7.88 46.74
C PHE O 101 59.73 8.11 47.31
N LEU O 102 59.39 7.42 48.39
CA LEU O 102 58.08 7.58 49.01
C LEU O 102 57.90 8.96 49.63
N LEU O 103 58.99 9.54 50.16
CA LEU O 103 58.89 10.86 50.77
C LEU O 103 58.70 11.94 49.70
N LYS O 104 59.36 11.80 48.56
CA LYS O 104 59.16 12.76 47.47
C LYS O 104 57.77 12.62 46.86
N LEU O 105 57.26 11.38 46.77
CA LEU O 105 55.90 11.18 46.27
C LEU O 105 54.86 11.78 47.20
N ALA O 106 55.07 11.64 48.52
CA ALA O 106 54.14 12.25 49.47
C ALA O 106 54.27 13.76 49.50
N ALA O 107 55.47 14.28 49.22
CA ALA O 107 55.65 15.73 49.13
C ALA O 107 55.09 16.33 47.85
N ARG O 108 54.83 15.51 46.82
CA ARG O 108 54.29 16.00 45.57
C ARG O 108 52.78 15.81 45.45
N TRP O 109 52.28 14.64 45.78
CA TRP O 109 50.87 14.30 45.67
C TRP O 109 50.34 13.86 47.04
N PRO O 110 49.04 14.07 47.31
CA PRO O 110 48.48 13.60 48.58
C PRO O 110 48.36 12.08 48.64
N VAL O 111 49.23 11.45 49.42
CA VAL O 111 49.29 10.00 49.56
C VAL O 111 48.70 9.62 50.91
N LYS O 112 47.71 8.73 50.89
CA LYS O 112 47.01 8.31 52.09
C LYS O 112 46.99 6.81 52.33
N HIS O 113 46.85 5.99 51.28
CA HIS O 113 46.68 4.56 51.43
C HIS O 113 47.61 3.85 50.48
N LEU O 114 48.69 3.29 51.02
CA LEU O 114 49.75 2.68 50.23
C LEU O 114 49.55 1.17 50.20
N HIS O 115 49.79 0.57 49.05
CA HIS O 115 49.62 -0.87 48.84
C HIS O 115 50.90 -1.41 48.21
N THR O 116 51.45 -2.47 48.80
CA THR O 116 52.68 -3.06 48.29
C THR O 116 52.57 -4.58 48.36
N ASP O 117 53.71 -5.24 48.16
CA ASP O 117 53.82 -6.69 48.28
C ASP O 117 54.79 -7.06 49.40
N ASN O 118 55.05 -8.36 49.51
CA ASN O 118 55.96 -8.89 50.53
C ASN O 118 57.38 -8.84 49.99
N GLY O 119 57.98 -7.66 50.08
CA GLY O 119 59.34 -7.43 49.63
C GLY O 119 60.32 -7.25 50.77
N ASP O 120 61.58 -7.07 50.39
CA ASP O 120 62.65 -6.89 51.36
C ASP O 120 62.86 -5.42 51.73
N ASN O 121 62.57 -4.50 50.80
CA ASN O 121 62.71 -3.08 51.08
C ASN O 121 61.41 -2.47 51.61
N PHE O 122 60.28 -3.10 51.32
CA PHE O 122 58.98 -2.57 51.74
C PHE O 122 58.66 -2.86 53.20
N THR O 123 59.52 -3.59 53.91
CA THR O 123 59.44 -3.76 55.35
C THR O 123 60.79 -3.32 55.90
N SER O 124 60.90 -2.04 56.25
CA SER O 124 62.17 -1.49 56.70
C SER O 124 61.90 -0.35 57.68
N SER O 125 62.94 -0.01 58.44
CA SER O 125 62.80 1.00 59.50
C SER O 125 62.67 2.40 58.91
N ALA O 126 63.38 2.68 57.82
CA ALA O 126 63.29 4.00 57.18
C ALA O 126 61.94 4.18 56.51
N VAL O 127 61.43 3.13 55.87
CA VAL O 127 60.11 3.19 55.25
C VAL O 127 59.03 3.32 56.31
N GLN O 128 59.20 2.66 57.46
CA GLN O 128 58.26 2.78 58.56
C GLN O 128 58.28 4.17 59.18
N ALA O 129 59.46 4.78 59.27
CA ALA O 129 59.56 6.15 59.77
C ALA O 129 58.93 7.15 58.81
N VAL O 130 59.08 6.91 57.50
CA VAL O 130 58.49 7.80 56.50
C VAL O 130 56.97 7.69 56.52
N CYS O 131 56.45 6.46 56.62
CA CYS O 131 55.00 6.26 56.69
C CYS O 131 54.41 6.84 57.96
N TRP O 132 55.16 6.78 59.08
CA TRP O 132 54.68 7.36 60.32
C TRP O 132 54.70 8.88 60.27
N TRP O 133 55.74 9.48 59.67
CA TRP O 133 55.81 10.92 59.57
C TRP O 133 54.80 11.50 58.59
N ALA O 134 54.50 10.77 57.53
CA ALA O 134 53.60 11.25 56.48
C ALA O 134 52.17 10.77 56.65
N GLN O 135 51.90 9.95 57.68
CA GLN O 135 50.56 9.46 58.04
C GLN O 135 49.92 8.66 56.89
N ILE O 136 50.62 7.61 56.48
CA ILE O 136 50.18 6.74 55.39
C ILE O 136 49.86 5.37 55.98
N GLU O 137 48.72 4.80 55.56
CA GLU O 137 48.34 3.45 55.96
C GLU O 137 48.93 2.46 54.97
N HIS O 138 49.87 1.65 55.43
CA HIS O 138 50.60 0.72 54.58
C HIS O 138 49.94 -0.66 54.65
N THR O 139 49.44 -1.13 53.51
CA THR O 139 48.81 -2.44 53.41
C THR O 139 49.58 -3.29 52.42
N PHE O 140 49.45 -4.60 52.58
CA PHE O 140 50.25 -5.57 51.84
C PHE O 140 49.34 -6.51 51.06
N SER O 141 49.88 -7.10 50.01
CA SER O 141 49.16 -8.10 49.22
C SER O 141 49.83 -9.46 49.33
N GLY O 150 47.08 -6.96 39.25
CA GLY O 150 46.40 -6.91 37.97
C GLY O 150 46.49 -5.56 37.30
N VAL O 151 46.86 -4.54 38.07
CA VAL O 151 47.02 -3.19 37.58
C VAL O 151 48.49 -2.80 37.47
N VAL O 152 49.29 -3.14 38.49
CA VAL O 152 50.70 -2.76 38.51
C VAL O 152 51.48 -3.57 37.48
N GLU O 153 51.11 -4.84 37.28
CA GLU O 153 51.78 -5.65 36.27
C GLU O 153 51.46 -5.13 34.87
N SER O 154 50.22 -4.70 34.66
CA SER O 154 49.83 -4.11 33.38
C SER O 154 50.56 -2.80 33.11
N MET O 155 50.71 -1.96 34.13
CA MET O 155 51.39 -0.68 33.92
C MET O 155 52.89 -0.87 33.73
N ASN O 156 53.48 -1.87 34.39
CA ASN O 156 54.88 -2.18 34.14
C ASN O 156 55.11 -2.72 32.73
N HIS O 157 54.17 -3.54 32.25
CA HIS O 157 54.25 -4.07 30.89
C HIS O 157 54.12 -2.96 29.85
N GLN O 158 53.19 -2.02 30.07
CA GLN O 158 53.01 -0.90 29.14
C GLN O 158 54.22 0.02 29.14
N LEU O 159 54.80 0.27 30.32
CA LEU O 159 55.98 1.11 30.41
C LEU O 159 57.19 0.47 29.72
N LYS O 160 57.32 -0.86 29.84
CA LYS O 160 58.42 -1.54 29.16
C LYS O 160 58.26 -1.51 27.65
N THR O 161 57.02 -1.59 27.16
CA THR O 161 56.81 -1.51 25.71
C THR O 161 57.14 -0.12 25.18
N ILE O 162 56.82 0.93 25.94
CA ILE O 162 57.18 2.28 25.52
C ILE O 162 58.70 2.47 25.56
N ILE O 163 59.37 1.88 26.57
CA ILE O 163 60.82 1.99 26.69
C ILE O 163 61.51 1.32 25.52
N THR O 164 61.07 0.12 25.14
CA THR O 164 61.63 -0.52 23.95
C THR O 164 61.20 0.16 22.66
N GLN O 165 60.13 0.96 22.69
CA GLN O 165 59.70 1.65 21.48
C GLN O 165 60.59 2.86 21.17
N ILE O 166 61.03 3.61 22.19
CA ILE O 166 61.80 4.82 21.94
C ILE O 166 63.19 4.77 22.54
N ARG O 167 63.78 3.57 22.60
CA ARG O 167 65.06 3.39 23.28
C ARG O 167 66.21 4.08 22.55
N ASP O 168 66.15 4.12 21.21
CA ASP O 168 67.25 4.64 20.41
C ASP O 168 67.21 6.15 20.22
N GLN O 169 66.41 6.87 21.01
CA GLN O 169 66.42 8.33 20.98
C GLN O 169 67.22 8.93 22.11
N ALA O 170 67.66 8.14 23.08
CA ALA O 170 68.42 8.64 24.21
C ALA O 170 69.60 7.72 24.44
N GLU O 171 70.67 8.29 24.99
CA GLU O 171 71.88 7.52 25.25
C GLU O 171 71.77 6.74 26.56
N LYS O 172 71.55 7.45 27.67
CA LYS O 172 71.45 6.81 28.96
C LYS O 172 70.06 6.20 29.16
N ILE O 173 69.96 5.28 30.11
CA ILE O 173 68.69 4.61 30.35
C ILE O 173 67.69 5.51 31.08
N GLU O 174 68.16 6.43 31.93
CA GLU O 174 67.26 7.21 32.75
C GLU O 174 66.52 8.27 31.94
N THR O 175 67.16 8.78 30.88
CA THR O 175 66.48 9.67 29.95
C THR O 175 65.35 8.94 29.22
N ALA O 176 65.59 7.68 28.84
CA ALA O 176 64.55 6.90 28.18
C ALA O 176 63.41 6.57 29.14
N VAL O 177 63.73 6.38 30.43
CA VAL O 177 62.70 6.11 31.43
C VAL O 177 61.80 7.33 31.62
N GLN O 178 62.40 8.52 31.77
CA GLN O 178 61.59 9.71 31.99
C GLN O 178 60.82 10.13 30.73
N MET O 179 61.36 9.84 29.55
CA MET O 179 60.60 10.10 28.32
C MET O 179 59.44 9.12 28.16
N ALA O 180 59.62 7.88 28.60
CA ALA O 180 58.51 6.93 28.62
C ALA O 180 57.42 7.36 29.59
N VAL O 181 57.81 7.96 30.71
CA VAL O 181 56.83 8.44 31.68
C VAL O 181 56.03 9.61 31.11
N LEU O 182 56.69 10.52 30.38
CA LEU O 182 55.98 11.62 29.74
C LEU O 182 55.03 11.13 28.67
N ILE O 183 55.46 10.18 27.84
CA ILE O 183 54.63 9.65 26.76
C ILE O 183 53.45 8.86 27.33
N HIS O 184 53.66 8.16 28.44
CA HIS O 184 52.57 7.40 29.05
C HIS O 184 51.55 8.32 29.72
N ASN O 185 52.00 9.41 30.34
CA ASN O 185 51.07 10.24 31.08
C ASN O 185 50.31 11.21 30.20
N PHE O 186 50.93 11.76 29.15
CA PHE O 186 50.30 12.84 28.43
C PHE O 186 50.11 12.58 26.93
N LYS O 187 50.51 11.42 26.41
CA LYS O 187 50.39 11.17 24.98
C LYS O 187 49.57 9.92 24.64
N ARG O 188 49.02 9.22 25.63
CA ARG O 188 48.27 7.99 25.40
C ARG O 188 46.84 8.20 25.88
N LYS O 189 45.95 8.63 24.98
CA LYS O 189 44.56 8.88 25.32
C LYS O 189 43.73 7.67 24.90
N GLY O 190 43.75 6.64 25.73
CA GLY O 190 43.04 5.41 25.46
C GLY O 190 41.98 5.14 26.50
N GLY O 191 41.40 3.95 26.42
CA GLY O 191 40.43 3.49 27.39
C GLY O 191 39.01 3.76 26.94
N ILE O 192 38.11 3.77 27.94
CA ILE O 192 36.70 3.96 27.65
C ILE O 192 36.36 5.43 27.44
N GLY O 193 36.72 6.29 28.39
CA GLY O 193 36.33 7.69 28.33
C GLY O 193 37.06 8.50 27.28
N GLY O 194 38.30 8.12 26.98
CA GLY O 194 39.10 8.85 26.02
C GLY O 194 39.89 9.97 26.67
N TYR O 195 40.51 9.68 27.81
CA TYR O 195 41.26 10.65 28.57
C TYR O 195 42.63 10.09 28.91
N SER O 196 43.63 10.97 28.97
CA SER O 196 44.94 10.55 29.42
C SER O 196 45.00 10.53 30.94
N ALA O 197 46.13 10.08 31.47
CA ALA O 197 46.21 9.84 32.91
C ALA O 197 46.33 11.13 33.71
N GLY O 198 47.00 12.15 33.17
CA GLY O 198 47.18 13.38 33.92
C GLY O 198 45.89 14.19 34.06
N GLU O 199 45.13 14.30 32.97
CA GLU O 199 43.84 14.94 33.02
C GLU O 199 42.86 14.18 33.91
N ARG O 200 42.98 12.84 33.93
CA ARG O 200 42.12 12.03 34.78
C ARG O 200 42.41 12.26 36.26
N ILE O 201 43.69 12.28 36.66
CA ILE O 201 43.99 12.42 38.08
C ILE O 201 43.69 13.83 38.57
N ILE O 202 43.84 14.83 37.69
CA ILE O 202 43.52 16.21 38.08
C ILE O 202 42.00 16.37 38.26
N ASP O 203 41.21 15.80 37.35
CA ASP O 203 39.76 15.91 37.46
C ASP O 203 39.22 15.11 38.64
N ILE O 204 39.86 13.98 38.96
CA ILE O 204 39.40 13.13 40.06
C ILE O 204 39.64 13.81 41.41
N ILE O 205 40.85 14.35 41.61
CA ILE O 205 41.13 14.97 42.91
C ILE O 205 40.40 16.30 43.06
N ALA O 206 40.16 17.03 41.95
CA ALA O 206 39.37 18.26 42.04
C ALA O 206 37.91 17.97 42.38
N SER O 207 37.34 16.90 41.80
CA SER O 207 35.95 16.57 42.09
C SER O 207 35.78 16.02 43.50
N ASP O 208 36.77 15.27 43.98
CA ASP O 208 36.73 14.79 45.36
C ASP O 208 36.85 15.93 46.35
N LEU O 209 37.66 16.94 46.02
CA LEU O 209 37.82 18.10 46.90
C LEU O 209 36.53 18.91 46.96
N GLN O 210 35.84 19.06 45.82
CA GLN O 210 34.56 19.77 45.84
C GLN O 210 33.49 18.99 46.60
N THR O 211 33.53 17.66 46.54
CA THR O 211 32.57 16.86 47.28
C THR O 211 32.81 16.95 48.78
N THR O 212 34.09 16.97 49.21
CA THR O 212 34.38 17.14 50.64
C THR O 212 34.02 18.54 51.12
N LYS O 213 34.16 19.55 50.26
CA LYS O 213 33.75 20.90 50.64
C LYS O 213 32.24 21.00 50.79
N LEU O 214 31.48 20.36 49.89
CA LEU O 214 30.03 20.40 50.00
C LEU O 214 29.52 19.58 51.19
N GLN O 215 30.19 18.47 51.50
CA GLN O 215 29.81 17.69 52.68
C GLN O 215 30.18 18.40 53.97
N ASN O 216 31.22 19.24 53.96
CA ASN O 216 31.51 20.04 55.14
C ASN O 216 30.59 21.24 55.26
N GLN O 217 30.14 21.80 54.14
CA GLN O 217 29.31 23.00 54.18
C GLN O 217 27.86 22.66 54.48
N ILE O 218 27.39 21.51 53.97
CA ILE O 218 26.02 21.06 54.24
C ILE O 218 26.01 20.11 55.43
N PHE P 2 45.26 21.48 6.01
CA PHE P 2 45.15 20.08 5.64
C PHE P 2 46.52 19.43 5.61
N LEU P 3 47.34 19.85 4.64
CA LEU P 3 48.70 19.35 4.53
C LEU P 3 49.54 19.76 5.73
N ASP P 4 49.23 20.91 6.34
CA ASP P 4 49.87 21.28 7.59
C ASP P 4 49.49 20.31 8.71
N GLY P 5 48.23 19.85 8.72
CA GLY P 5 47.84 18.82 9.66
C GLY P 5 48.54 17.50 9.45
N ILE P 6 48.77 17.12 8.19
CA ILE P 6 49.48 15.88 7.90
C ILE P 6 50.95 16.00 8.29
N GLU P 7 51.57 17.15 8.07
CA GLU P 7 52.97 17.34 8.44
C GLU P 7 53.16 17.36 9.95
N LYS P 8 52.26 18.02 10.67
CA LYS P 8 52.32 18.03 12.13
C LYS P 8 52.05 16.65 12.70
N ALA P 9 51.15 15.89 12.07
CA ALA P 9 50.88 14.53 12.52
C ALA P 9 52.07 13.61 12.33
N GLN P 10 52.81 13.76 11.22
CA GLN P 10 53.97 12.92 10.99
C GLN P 10 55.12 13.29 11.93
N GLU P 11 55.31 14.58 12.22
CA GLU P 11 56.38 14.97 13.14
C GLU P 11 56.06 14.56 14.57
N GLU P 12 54.80 14.69 14.98
CA GLU P 12 54.41 14.28 16.32
C GLU P 12 54.47 12.77 16.49
N HIS P 13 54.12 12.02 15.44
CA HIS P 13 54.28 10.57 15.52
C HIS P 13 55.75 10.17 15.49
N GLU P 14 56.59 10.95 14.82
CA GLU P 14 58.02 10.64 14.82
C GLU P 14 58.64 10.86 16.19
N LYS P 15 58.09 11.81 16.97
CA LYS P 15 58.56 12.00 18.33
C LYS P 15 57.97 10.97 19.29
N TYR P 16 56.64 10.87 19.33
CA TYR P 16 55.94 10.21 20.43
C TYR P 16 55.24 8.90 20.07
N HIS P 17 55.06 8.60 18.78
CA HIS P 17 54.42 7.38 18.27
C HIS P 17 52.97 7.23 18.76
N ASN P 18 52.14 8.18 18.36
CA ASN P 18 50.75 8.18 18.79
C ASN P 18 49.93 7.16 17.98
N ASN P 19 48.76 6.82 18.52
CA ASN P 19 47.82 5.94 17.84
C ASN P 19 46.99 6.74 16.85
N TRP P 20 46.23 6.04 16.01
CA TRP P 20 45.59 6.73 14.89
C TRP P 20 44.30 7.44 15.30
N ARG P 21 43.61 6.95 16.32
CA ARG P 21 42.40 7.62 16.79
C ARG P 21 42.72 8.98 17.39
N ALA P 22 43.79 9.05 18.18
CA ALA P 22 44.18 10.30 18.80
C ALA P 22 44.70 11.30 17.78
N MET P 23 45.45 10.83 16.78
CA MET P 23 45.97 11.73 15.75
C MET P 23 44.85 12.27 14.87
N ALA P 24 43.87 11.43 14.55
CA ALA P 24 42.72 11.89 13.77
C ALA P 24 41.86 12.88 14.55
N GLU P 25 41.71 12.68 15.86
CA GLU P 25 40.90 13.62 16.63
C GLU P 25 41.64 14.92 16.92
N ASP P 26 42.97 14.87 17.07
CA ASP P 26 43.74 16.07 17.35
C ASP P 26 43.95 16.92 16.10
N PHE P 27 44.61 16.35 15.09
CA PHE P 27 45.07 17.14 13.96
C PHE P 27 44.03 17.30 12.86
N GLN P 28 42.81 16.78 13.07
CA GLN P 28 41.64 16.98 12.21
C GLN P 28 41.88 16.46 10.78
N ILE P 29 42.35 15.23 10.71
CA ILE P 29 42.58 14.54 9.44
C ILE P 29 41.68 13.30 9.42
N PRO P 30 41.33 12.80 8.24
CA PRO P 30 40.52 11.58 8.18
C PRO P 30 41.28 10.35 8.69
N GLN P 31 40.51 9.33 9.04
CA GLN P 31 41.06 8.19 9.77
C GLN P 31 41.91 7.28 8.91
N VAL P 32 41.65 7.26 7.60
CA VAL P 32 42.45 6.41 6.71
C VAL P 32 43.86 6.97 6.54
N VAL P 33 43.99 8.30 6.58
CA VAL P 33 45.30 8.93 6.50
C VAL P 33 46.12 8.67 7.75
N ALA P 34 45.48 8.77 8.93
CA ALA P 34 46.18 8.52 10.18
C ALA P 34 46.54 7.06 10.32
N LYS P 35 45.70 6.15 9.83
CA LYS P 35 46.03 4.74 9.88
C LYS P 35 47.17 4.40 8.92
N GLU P 36 47.30 5.14 7.81
CA GLU P 36 48.45 4.95 6.94
C GLU P 36 49.74 5.46 7.59
N ILE P 37 49.65 6.57 8.32
CA ILE P 37 50.82 7.11 9.02
C ILE P 37 51.32 6.12 10.08
N VAL P 38 50.39 5.46 10.77
CA VAL P 38 50.78 4.43 11.72
C VAL P 38 51.34 3.20 11.01
N ALA P 39 50.74 2.83 9.87
CA ALA P 39 51.15 1.61 9.19
C ALA P 39 52.48 1.75 8.45
N GLN P 40 52.95 2.97 8.20
CA GLN P 40 54.24 3.18 7.55
C GLN P 40 55.41 3.18 8.53
N CYS P 41 55.16 3.06 9.83
CA CYS P 41 56.23 3.15 10.81
C CYS P 41 56.82 1.78 11.08
N PRO P 42 58.15 1.64 11.13
CA PRO P 42 58.74 0.32 11.36
C PRO P 42 58.64 -0.19 12.78
N LYS P 43 58.60 0.69 13.78
CA LYS P 43 58.56 0.27 15.18
C LYS P 43 57.15 -0.05 15.66
N CYS P 44 56.12 0.35 14.92
CA CYS P 44 54.75 0.10 15.30
C CYS P 44 54.16 -1.13 14.62
N GLN P 45 55.01 -2.04 14.13
CA GLN P 45 54.55 -3.26 13.48
C GLN P 45 55.61 -4.36 13.58
N SER P 58 43.48 -10.64 23.47
CA SER P 58 42.65 -10.64 22.27
C SER P 58 41.19 -10.49 22.65
N PRO P 59 40.40 -9.80 21.82
CA PRO P 59 39.00 -9.57 22.17
C PRO P 59 38.08 -10.74 21.92
N LYS P 60 38.57 -11.91 21.50
CA LYS P 60 37.69 -13.05 21.23
C LYS P 60 38.21 -14.34 21.84
N THR P 61 38.94 -14.26 22.95
CA THR P 61 39.44 -15.44 23.64
C THR P 61 38.65 -15.69 24.92
N TRP P 62 38.31 -16.95 25.16
CA TRP P 62 37.58 -17.34 26.36
C TRP P 62 38.33 -18.47 27.05
N GLN P 63 38.08 -18.63 28.34
CA GLN P 63 38.62 -19.75 29.12
C GLN P 63 37.48 -20.52 29.76
N MET P 64 37.62 -21.84 29.90
CA MET P 64 36.59 -22.64 30.52
C MET P 64 37.13 -23.54 31.62
N ASP P 65 36.28 -23.87 32.59
CA ASP P 65 36.65 -24.77 33.68
C ASP P 65 35.38 -25.33 34.31
N CYS P 66 35.54 -26.43 35.05
CA CYS P 66 34.48 -27.02 35.84
C CYS P 66 34.88 -26.99 37.31
N THR P 67 33.90 -26.98 38.20
CA THR P 67 34.14 -26.97 39.64
C THR P 67 32.98 -27.65 40.35
N HIS P 68 33.12 -27.80 41.67
CA HIS P 68 32.14 -28.51 42.47
C HIS P 68 31.66 -27.63 43.62
N LEU P 69 30.37 -27.75 43.92
CA LEU P 69 29.77 -27.01 45.03
C LEU P 69 28.51 -27.75 45.44
N GLU P 70 28.47 -28.19 46.71
CA GLU P 70 27.32 -28.90 47.31
C GLU P 70 26.95 -30.17 46.55
N GLY P 71 27.97 -30.86 46.04
CA GLY P 71 27.75 -32.07 45.26
C GLY P 71 27.34 -31.84 43.81
N LYS P 72 27.24 -30.60 43.38
CA LYS P 72 26.86 -30.26 42.02
C LYS P 72 28.11 -29.99 41.19
N VAL P 73 27.91 -29.88 39.88
CA VAL P 73 28.98 -29.51 38.96
C VAL P 73 28.62 -28.16 38.35
N ILE P 74 29.47 -27.16 38.57
CA ILE P 74 29.30 -25.83 38.00
C ILE P 74 30.35 -25.63 36.92
N ILE P 75 29.92 -25.34 35.70
CA ILE P 75 30.84 -25.03 34.61
C ILE P 75 30.85 -23.53 34.41
N VAL P 76 32.05 -22.96 34.24
CA VAL P 76 32.27 -21.52 34.22
C VAL P 76 33.07 -21.19 32.96
N ALA P 77 32.62 -20.18 32.23
CA ALA P 77 33.36 -19.59 31.12
C ALA P 77 33.63 -18.13 31.41
N VAL P 78 34.83 -17.65 31.10
CA VAL P 78 35.24 -16.30 31.42
C VAL P 78 35.90 -15.65 30.22
N HIS P 79 35.39 -14.47 29.84
CA HIS P 79 36.04 -13.59 28.88
C HIS P 79 37.22 -12.93 29.57
N VAL P 80 38.39 -13.04 28.96
CA VAL P 80 39.67 -12.82 29.64
C VAL P 80 40.01 -11.34 29.72
N ALA P 81 39.81 -10.60 28.63
CA ALA P 81 40.21 -9.20 28.60
C ALA P 81 39.31 -8.30 29.42
N SER P 82 38.12 -8.74 29.78
CA SER P 82 37.19 -7.94 30.56
C SER P 82 36.78 -8.57 31.88
N GLY P 83 36.88 -9.87 32.05
CA GLY P 83 36.45 -10.51 33.28
C GLY P 83 34.98 -10.84 33.31
N TYR P 84 34.41 -11.31 32.20
CA TYR P 84 32.97 -11.48 32.09
C TYR P 84 32.61 -12.95 32.23
N ILE P 85 31.67 -13.26 33.12
CA ILE P 85 31.41 -14.63 33.55
C ILE P 85 30.07 -15.12 32.99
N GLU P 86 30.07 -16.34 32.45
CA GLU P 86 28.86 -17.10 32.15
C GLU P 86 28.97 -18.47 32.81
N ALA P 87 27.97 -18.86 33.61
CA ALA P 87 28.07 -20.09 34.38
C ALA P 87 26.79 -20.89 34.29
N GLU P 88 26.90 -22.19 34.57
CA GLU P 88 25.74 -23.08 34.55
C GLU P 88 25.99 -24.27 35.46
N VAL P 89 24.93 -24.99 35.77
CA VAL P 89 24.98 -26.18 36.63
C VAL P 89 24.74 -27.39 35.74
N LEU P 90 25.65 -28.35 35.81
CA LEU P 90 25.48 -29.49 34.92
C LEU P 90 24.93 -30.70 35.67
N PRO P 91 24.13 -31.53 35.01
CA PRO P 91 23.67 -32.77 35.66
C PRO P 91 24.74 -33.84 35.74
N ALA P 92 25.77 -33.76 34.91
CA ALA P 92 26.84 -34.75 34.87
C ALA P 92 28.13 -34.06 34.46
N GLU P 93 29.10 -34.85 34.03
CA GLU P 93 30.34 -34.29 33.50
C GLU P 93 30.78 -35.05 32.26
N THR P 94 29.82 -35.34 31.38
CA THR P 94 30.14 -36.01 30.13
C THR P 94 30.60 -34.98 29.10
N GLY P 95 30.90 -35.46 27.89
CA GLY P 95 31.34 -34.58 26.83
C GLY P 95 30.18 -33.96 26.06
N LYS P 96 29.00 -34.58 26.17
CA LYS P 96 27.84 -34.06 25.46
C LYS P 96 27.29 -32.82 26.12
N GLU P 97 27.33 -32.76 27.45
CA GLU P 97 26.86 -31.57 28.15
C GLU P 97 27.84 -30.42 28.04
N THR P 98 29.15 -30.72 28.02
CA THR P 98 30.14 -29.68 27.77
C THR P 98 30.05 -29.17 26.34
N ALA P 99 29.72 -30.06 25.40
CA ALA P 99 29.53 -29.62 24.02
C ALA P 99 28.29 -28.77 23.86
N HIS P 100 27.23 -29.06 24.63
CA HIS P 100 26.03 -28.22 24.56
C HIS P 100 26.28 -26.85 25.17
N PHE P 101 27.05 -26.79 26.26
CA PHE P 101 27.39 -25.48 26.85
C PHE P 101 28.25 -24.65 25.92
N LEU P 102 29.20 -25.29 25.22
CA LEU P 102 30.05 -24.57 24.29
C LEU P 102 29.26 -24.10 23.07
N LEU P 103 28.28 -24.88 22.63
CA LEU P 103 27.48 -24.46 21.48
C LEU P 103 26.56 -23.29 21.83
N LYS P 104 26.00 -23.28 23.05
CA LYS P 104 25.19 -22.14 23.48
C LYS P 104 26.03 -20.88 23.63
N LEU P 105 27.25 -21.01 24.17
CA LEU P 105 28.13 -19.87 24.33
C LEU P 105 28.56 -19.30 22.98
N ALA P 106 28.94 -20.17 22.05
CA ALA P 106 29.33 -19.71 20.72
C ALA P 106 28.16 -19.15 19.92
N ALA P 107 26.92 -19.54 20.25
CA ALA P 107 25.76 -18.96 19.59
C ALA P 107 25.38 -17.61 20.15
N ARG P 108 25.86 -17.25 21.34
CA ARG P 108 25.50 -15.95 21.92
C ARG P 108 26.59 -14.90 21.83
N TRP P 109 27.86 -15.26 21.97
CA TRP P 109 28.97 -14.33 21.88
C TRP P 109 29.93 -14.79 20.80
N PRO P 110 30.65 -13.87 20.14
CA PRO P 110 31.62 -14.30 19.12
C PRO P 110 32.88 -14.93 19.71
N VAL P 111 32.99 -16.25 19.61
CA VAL P 111 34.08 -17.01 20.21
C VAL P 111 34.98 -17.50 19.08
N LYS P 112 36.27 -17.18 19.20
CA LYS P 112 37.25 -17.57 18.19
C LYS P 112 38.40 -18.39 18.72
N HIS P 113 38.66 -18.38 20.03
CA HIS P 113 39.82 -19.04 20.59
C HIS P 113 39.51 -19.49 22.01
N LEU P 114 39.47 -20.80 22.23
CA LEU P 114 39.07 -21.39 23.49
C LEU P 114 40.27 -21.99 24.20
N HIS P 115 40.44 -21.65 25.47
CA HIS P 115 41.57 -22.13 26.27
C HIS P 115 41.03 -22.94 27.43
N THR P 116 41.49 -24.19 27.53
CA THR P 116 41.04 -25.11 28.57
C THR P 116 42.24 -25.88 29.12
N ASP P 117 41.97 -26.80 30.04
CA ASP P 117 43.00 -27.68 30.57
C ASP P 117 42.80 -29.08 30.02
N ASN P 118 43.63 -30.01 30.46
CA ASN P 118 43.67 -31.35 29.90
C ASN P 118 42.76 -32.32 30.66
N GLY P 119 41.50 -31.93 30.86
CA GLY P 119 40.53 -32.80 31.49
C GLY P 119 40.05 -33.87 30.54
N ASP P 120 39.14 -34.70 31.03
CA ASP P 120 38.60 -35.75 30.18
C ASP P 120 37.50 -35.22 29.27
N ASN P 121 36.51 -34.54 29.85
CA ASN P 121 35.36 -34.04 29.10
C ASN P 121 35.74 -32.95 28.11
N PHE P 122 36.84 -32.23 28.33
CA PHE P 122 37.31 -31.26 27.35
C PHE P 122 38.08 -31.90 26.22
N THR P 123 38.65 -33.10 26.42
CA THR P 123 39.32 -33.83 25.37
C THR P 123 38.36 -34.92 24.89
N SER P 124 37.45 -34.53 24.00
CA SER P 124 36.39 -35.44 23.62
C SER P 124 36.02 -35.21 22.17
N SER P 125 35.37 -36.23 21.59
CA SER P 125 34.95 -36.16 20.20
C SER P 125 33.77 -35.23 20.01
N ALA P 126 32.90 -35.11 21.00
CA ALA P 126 31.75 -34.22 20.89
C ALA P 126 32.17 -32.76 20.92
N VAL P 127 33.11 -32.42 21.81
CA VAL P 127 33.66 -31.07 21.85
C VAL P 127 34.47 -30.79 20.59
N GLN P 128 35.13 -31.80 20.04
CA GLN P 128 35.88 -31.61 18.80
C GLN P 128 34.95 -31.37 17.62
N ALA P 129 33.79 -32.03 17.59
CA ALA P 129 32.82 -31.81 16.53
C ALA P 129 32.18 -30.43 16.64
N VAL P 130 31.96 -29.95 17.85
CA VAL P 130 31.40 -28.61 18.04
C VAL P 130 32.40 -27.54 17.63
N CYS P 131 33.67 -27.73 17.97
CA CYS P 131 34.69 -26.77 17.55
C CYS P 131 34.92 -26.81 16.04
N TRP P 132 34.72 -27.97 15.40
CA TRP P 132 34.82 -28.02 13.95
C TRP P 132 33.65 -27.28 13.29
N TRP P 133 32.44 -27.42 13.83
CA TRP P 133 31.30 -26.81 13.17
C TRP P 133 31.27 -25.30 13.40
N ALA P 134 31.67 -24.84 14.57
CA ALA P 134 31.60 -23.42 14.88
C ALA P 134 32.92 -22.70 14.64
N GLN P 135 33.96 -23.42 14.20
CA GLN P 135 35.26 -22.86 13.78
C GLN P 135 35.97 -22.14 14.94
N ILE P 136 36.24 -22.90 15.99
CA ILE P 136 36.94 -22.42 17.17
C ILE P 136 38.30 -23.11 17.24
N GLU P 137 39.31 -22.37 17.68
CA GLU P 137 40.65 -22.93 17.89
C GLU P 137 40.80 -23.33 19.35
N HIS P 138 40.90 -24.62 19.61
CA HIS P 138 40.98 -25.15 20.95
C HIS P 138 42.44 -25.32 21.36
N THR P 139 42.78 -24.88 22.56
CA THR P 139 44.15 -24.92 23.05
C THR P 139 44.15 -25.42 24.49
N PHE P 140 44.95 -26.46 24.75
CA PHE P 140 45.07 -27.04 26.09
C PHE P 140 46.30 -26.49 26.80
N SER P 141 46.17 -26.28 28.10
CA SER P 141 47.28 -25.79 28.89
C SER P 141 47.95 -26.92 29.65
N VAL P 151 43.39 -17.45 35.80
CA VAL P 151 42.30 -16.49 35.68
C VAL P 151 41.00 -17.14 36.15
N VAL P 152 40.76 -18.37 35.70
CA VAL P 152 39.52 -19.04 36.06
C VAL P 152 39.54 -19.50 37.51
N GLU P 153 40.72 -19.71 38.09
CA GLU P 153 40.80 -20.03 39.51
C GLU P 153 40.37 -18.84 40.36
N SER P 154 40.81 -17.64 40.00
CA SER P 154 40.37 -16.43 40.68
C SER P 154 38.89 -16.19 40.47
N MET P 155 38.37 -16.54 39.28
CA MET P 155 36.94 -16.34 39.04
C MET P 155 36.09 -17.36 39.79
N ASN P 156 36.58 -18.59 39.94
CA ASN P 156 35.88 -19.57 40.76
C ASN P 156 35.85 -19.16 42.23
N HIS P 157 36.95 -18.60 42.72
CA HIS P 157 36.98 -18.15 44.12
C HIS P 157 36.05 -16.95 44.33
N GLN P 158 36.02 -16.02 43.39
CA GLN P 158 35.17 -14.84 43.52
C GLN P 158 33.70 -15.21 43.43
N LEU P 159 33.35 -16.12 42.52
CA LEU P 159 31.97 -16.57 42.39
C LEU P 159 31.52 -17.35 43.62
N LYS P 160 32.41 -18.14 44.22
CA LYS P 160 32.04 -18.88 45.42
C LYS P 160 31.82 -17.97 46.62
N THR P 161 32.58 -16.87 46.72
CA THR P 161 32.35 -15.93 47.81
C THR P 161 31.02 -15.20 47.65
N ILE P 162 30.63 -14.85 46.42
CA ILE P 162 29.33 -14.21 46.24
C ILE P 162 28.19 -15.19 46.50
N ILE P 163 28.37 -16.46 46.08
CA ILE P 163 27.35 -17.49 46.29
C ILE P 163 27.11 -17.73 47.77
N THR P 164 28.17 -17.78 48.57
CA THR P 164 27.98 -17.88 50.01
C THR P 164 27.45 -16.59 50.62
N GLN P 165 27.64 -15.45 49.95
CA GLN P 165 27.13 -14.19 50.49
C GLN P 165 25.63 -14.04 50.31
N ILE P 166 25.04 -14.72 49.32
CA ILE P 166 23.60 -14.54 49.07
C ILE P 166 22.81 -15.84 49.11
N ARG P 167 23.31 -16.84 49.84
CA ARG P 167 22.72 -18.18 49.76
C ARG P 167 21.38 -18.27 50.46
N ASP P 168 21.14 -17.43 51.47
CA ASP P 168 19.90 -17.50 52.23
C ASP P 168 18.70 -16.88 51.53
N GLN P 169 18.87 -16.34 50.31
CA GLN P 169 17.78 -15.74 49.57
C GLN P 169 17.20 -16.68 48.51
N ALA P 170 17.80 -17.85 48.31
CA ALA P 170 17.38 -18.77 47.26
C ALA P 170 17.10 -20.13 47.86
N GLU P 171 16.21 -20.87 47.20
CA GLU P 171 15.83 -22.20 47.62
C GLU P 171 16.74 -23.26 47.00
N LYS P 172 17.03 -23.13 45.72
CA LYS P 172 17.86 -24.08 45.00
C LYS P 172 19.21 -23.47 44.69
N ILE P 173 20.14 -24.31 44.26
CA ILE P 173 21.50 -23.85 43.98
C ILE P 173 21.58 -23.13 42.63
N GLU P 174 20.67 -23.43 41.70
CA GLU P 174 20.69 -22.82 40.37
C GLU P 174 20.30 -21.35 40.43
N THR P 175 19.34 -21.01 41.29
CA THR P 175 18.96 -19.62 41.48
C THR P 175 20.10 -18.83 42.10
N ALA P 176 20.80 -19.41 43.07
CA ALA P 176 21.91 -18.71 43.72
C ALA P 176 23.08 -18.52 42.78
N VAL P 177 23.31 -19.48 41.87
CA VAL P 177 24.37 -19.34 40.88
C VAL P 177 24.08 -18.19 39.92
N GLN P 178 22.85 -18.11 39.41
CA GLN P 178 22.54 -17.06 38.45
C GLN P 178 22.42 -15.69 39.11
N MET P 179 21.99 -15.63 40.38
CA MET P 179 22.00 -14.36 41.09
C MET P 179 23.42 -13.88 41.35
N ALA P 180 24.35 -14.79 41.63
CA ALA P 180 25.75 -14.40 41.80
C ALA P 180 26.37 -13.94 40.49
N VAL P 181 25.97 -14.53 39.35
CA VAL P 181 26.49 -14.09 38.06
C VAL P 181 26.01 -12.68 37.74
N LEU P 182 24.76 -12.37 38.09
CA LEU P 182 24.22 -11.02 37.87
C LEU P 182 24.92 -9.99 38.74
N ILE P 183 25.19 -10.32 40.02
CA ILE P 183 25.86 -9.38 40.92
C ILE P 183 27.32 -9.18 40.49
N HIS P 184 27.97 -10.24 40.00
CA HIS P 184 29.33 -10.11 39.52
C HIS P 184 29.42 -9.24 38.26
N ASN P 185 28.48 -9.41 37.33
CA ASN P 185 28.60 -8.76 36.03
C ASN P 185 28.16 -7.30 36.07
N PHE P 186 27.16 -6.96 36.87
CA PHE P 186 26.57 -5.63 36.76
C PHE P 186 26.63 -4.79 38.03
N LYS P 187 26.89 -5.39 39.19
CA LYS P 187 26.83 -4.65 40.44
C LYS P 187 28.18 -4.34 41.05
N ARG P 188 29.24 -5.05 40.70
CA ARG P 188 30.57 -4.80 41.24
C ARG P 188 31.33 -3.90 40.28
N LYS P 189 31.94 -2.85 40.83
CA LYS P 189 32.70 -1.89 40.06
C LYS P 189 34.15 -1.88 40.52
N GLY P 190 35.07 -1.75 39.59
CA GLY P 190 36.47 -1.67 39.94
C GLY P 190 37.30 -1.21 38.77
N GLY P 191 38.60 -1.49 38.86
CA GLY P 191 39.50 -1.18 37.76
C GLY P 191 39.88 0.30 37.73
N ILE P 192 40.20 0.78 36.53
CA ILE P 192 40.71 2.13 36.37
C ILE P 192 39.60 3.15 36.55
N GLY P 193 38.58 3.10 35.69
CA GLY P 193 37.56 4.13 35.72
C GLY P 193 36.35 3.81 36.56
N GLY P 194 36.32 2.67 37.23
CA GLY P 194 35.16 2.27 37.98
C GLY P 194 34.05 1.74 37.10
N TYR P 195 34.37 0.76 36.26
CA TYR P 195 33.39 0.15 35.36
C TYR P 195 33.13 -1.29 35.80
N SER P 196 31.96 -1.79 35.43
CA SER P 196 31.64 -3.19 35.65
C SER P 196 32.16 -4.02 34.48
N ALA P 197 31.95 -5.33 34.55
CA ALA P 197 32.47 -6.22 33.52
C ALA P 197 31.65 -6.14 32.23
N GLY P 198 30.37 -5.81 32.32
CA GLY P 198 29.54 -5.72 31.12
C GLY P 198 29.88 -4.51 30.26
N GLU P 199 30.18 -3.38 30.90
CA GLU P 199 30.61 -2.20 30.15
C GLU P 199 31.96 -2.42 29.50
N ARG P 200 32.84 -3.17 30.15
CA ARG P 200 34.16 -3.41 29.61
C ARG P 200 34.11 -4.33 28.39
N ILE P 201 33.30 -5.40 28.45
CA ILE P 201 33.23 -6.31 27.30
C ILE P 201 32.54 -5.64 26.11
N ILE P 202 31.58 -4.75 26.37
CA ILE P 202 30.89 -4.09 25.25
C ILE P 202 31.80 -3.06 24.59
N ASP P 203 32.59 -2.33 25.38
CA ASP P 203 33.52 -1.36 24.81
C ASP P 203 34.64 -2.03 24.01
N ILE P 204 35.11 -3.18 24.48
CA ILE P 204 36.19 -3.91 23.79
C ILE P 204 35.72 -4.43 22.43
N ILE P 205 34.56 -5.08 22.40
CA ILE P 205 34.07 -5.63 21.14
C ILE P 205 33.64 -4.53 20.17
N ALA P 206 33.15 -3.40 20.66
CA ALA P 206 32.78 -2.30 19.77
C ALA P 206 34.01 -1.65 19.12
N SER P 207 35.11 -1.53 19.88
CA SER P 207 36.34 -0.99 19.30
C SER P 207 36.91 -1.91 18.23
N ASP P 208 36.80 -3.22 18.43
CA ASP P 208 37.26 -4.17 17.42
C ASP P 208 36.40 -4.10 16.15
N LEU P 209 35.10 -3.86 16.31
CA LEU P 209 34.20 -3.74 15.16
C LEU P 209 34.53 -2.51 14.32
N GLN P 210 34.86 -1.41 14.99
CA GLN P 210 35.26 -0.19 14.28
C GLN P 210 36.53 -0.40 13.47
N THR P 211 37.49 -1.14 14.04
CA THR P 211 38.73 -1.46 13.34
C THR P 211 38.50 -2.27 12.07
N THR P 212 37.65 -3.31 12.15
CA THR P 212 37.45 -4.16 10.96
C THR P 212 36.69 -3.44 9.85
N LYS P 213 35.73 -2.57 10.20
CA LYS P 213 35.02 -1.83 9.17
C LYS P 213 35.92 -0.83 8.45
N LEU P 214 36.81 -0.17 9.20
CA LEU P 214 37.76 0.75 8.57
C LEU P 214 38.76 0.01 7.69
N GLN P 215 39.13 -1.22 8.06
CA GLN P 215 40.06 -1.99 7.25
C GLN P 215 39.44 -2.41 5.92
N ASN P 216 38.13 -2.69 5.91
CA ASN P 216 37.44 -2.98 4.65
C ASN P 216 37.43 -1.78 3.72
N GLN P 217 37.17 -0.59 4.28
CA GLN P 217 37.22 0.63 3.47
C GLN P 217 38.62 0.89 2.91
N ILE P 218 39.66 0.59 3.70
CA ILE P 218 41.05 0.85 3.29
C ILE P 218 41.44 -0.01 2.10
N SER P 219 41.08 -1.30 2.12
CA SER P 219 41.44 -2.18 1.00
C SER P 219 40.69 -1.79 -0.27
N LYS P 220 39.41 -1.42 -0.14
CA LYS P 220 38.62 -1.05 -1.31
C LYS P 220 39.12 0.25 -1.94
N ILE P 221 39.60 1.19 -1.13
CA ILE P 221 40.18 2.42 -1.70
C ILE P 221 41.52 2.11 -2.36
N GLN P 222 42.35 1.29 -1.70
CA GLN P 222 43.72 1.05 -2.18
C GLN P 222 43.79 0.12 -3.39
N ASN P 223 42.66 -0.30 -3.96
CA ASN P 223 42.71 -0.98 -5.26
C ASN P 223 42.73 -0.02 -6.47
N PHE P 224 43.15 1.24 -6.32
CA PHE P 224 43.18 2.20 -7.42
C PHE P 224 44.62 2.67 -7.67
N ARG P 225 44.76 3.64 -8.57
CA ARG P 225 46.06 4.15 -8.99
C ARG P 225 45.88 5.56 -9.54
N VAL P 226 46.90 6.40 -9.39
CA VAL P 226 46.78 7.83 -9.68
C VAL P 226 47.99 8.29 -10.52
N TYR P 227 47.70 8.90 -11.67
CA TYR P 227 48.67 9.66 -12.45
C TYR P 227 48.43 11.14 -12.23
N PHE P 228 49.42 11.83 -11.69
CA PHE P 228 49.26 13.23 -11.31
C PHE P 228 50.26 14.09 -12.06
N ARG P 229 49.88 15.35 -12.27
CA ARG P 229 50.66 16.32 -13.02
C ARG P 229 51.01 17.49 -12.10
N GLU P 230 52.30 17.71 -11.88
CA GLU P 230 52.75 18.77 -11.01
C GLU P 230 52.63 20.12 -11.71
N GLY P 231 52.87 21.19 -10.93
CA GLY P 231 52.79 22.53 -11.48
C GLY P 231 53.97 22.83 -12.37
N ARG P 232 53.74 23.70 -13.37
CA ARG P 232 54.73 24.14 -14.36
C ARG P 232 55.32 22.96 -15.14
N ASP P 233 54.45 22.02 -15.51
CA ASP P 233 54.84 20.90 -16.36
C ASP P 233 53.59 20.39 -17.06
N GLN P 234 53.80 19.70 -18.18
CA GLN P 234 52.71 19.14 -18.98
C GLN P 234 52.67 17.62 -18.92
N GLN P 235 53.67 16.99 -18.32
CA GLN P 235 53.80 15.55 -18.32
C GLN P 235 53.23 14.96 -17.04
N TRP P 236 52.80 13.70 -17.13
CA TRP P 236 52.27 13.01 -15.96
C TRP P 236 53.40 12.26 -15.26
N LYS P 237 53.34 12.25 -13.92
CA LYS P 237 54.35 11.62 -13.11
C LYS P 237 54.04 10.13 -12.96
N GLY P 238 54.78 9.43 -12.10
CA GLY P 238 54.63 8.00 -11.93
C GLY P 238 53.33 7.62 -11.26
N PRO P 239 53.01 6.32 -11.28
CA PRO P 239 51.75 5.85 -10.67
C PRO P 239 51.83 5.86 -9.16
N ALA P 240 51.16 6.83 -8.54
CA ALA P 240 51.08 6.94 -7.10
C ALA P 240 49.81 6.26 -6.61
N THR P 241 49.84 5.72 -5.40
CA THR P 241 48.68 5.02 -4.89
C THR P 241 47.75 5.99 -4.17
N LEU P 242 46.46 5.87 -4.47
CA LEU P 242 45.45 6.71 -3.84
C LEU P 242 45.22 6.27 -2.41
N ILE P 243 45.17 7.22 -1.49
CA ILE P 243 44.88 6.96 -0.09
C ILE P 243 43.51 7.48 0.29
N TRP P 244 43.20 8.71 -0.10
CA TRP P 244 41.92 9.32 0.22
C TRP P 244 41.51 10.22 -0.94
N LYS P 245 40.26 10.09 -1.37
CA LYS P 245 39.73 10.86 -2.50
C LYS P 245 38.56 11.68 -2.00
N GLY P 246 38.80 12.97 -1.76
CA GLY P 246 37.80 13.86 -1.23
C GLY P 246 36.97 14.52 -2.30
N GLU P 247 36.36 15.65 -1.93
CA GLU P 247 35.52 16.36 -2.89
C GLU P 247 36.33 17.31 -3.76
N GLY P 248 37.41 17.87 -3.22
CA GLY P 248 38.22 18.82 -3.98
C GLY P 248 39.71 18.52 -3.98
N ALA P 249 40.16 17.62 -3.11
CA ALA P 249 41.57 17.29 -3.00
C ALA P 249 41.75 15.78 -3.02
N VAL P 250 43.00 15.36 -3.21
CA VAL P 250 43.35 13.96 -3.35
C VAL P 250 44.67 13.73 -2.62
N VAL P 251 44.70 12.76 -1.72
CA VAL P 251 45.91 12.42 -0.96
C VAL P 251 46.50 11.16 -1.56
N ILE P 252 47.78 11.22 -1.91
CA ILE P 252 48.44 10.09 -2.56
C ILE P 252 49.71 9.74 -1.79
N GLN P 253 50.12 8.48 -1.92
CA GLN P 253 51.42 8.02 -1.48
C GLN P 253 52.30 7.81 -2.69
N ASP P 254 53.47 8.47 -2.68
CA ASP P 254 54.43 8.37 -3.76
C ASP P 254 55.82 8.59 -3.20
N GLY P 255 56.73 7.66 -3.51
CA GLY P 255 58.13 7.78 -3.09
C GLY P 255 58.33 7.80 -1.60
N GLN P 256 57.53 7.02 -0.87
CA GLN P 256 57.45 7.03 0.60
C GLN P 256 57.17 8.44 1.13
N ASP P 257 56.27 9.14 0.45
CA ASP P 257 55.89 10.50 0.84
C ASP P 257 54.41 10.69 0.60
N LEU P 258 53.71 11.24 1.57
CA LEU P 258 52.28 11.52 1.46
C LEU P 258 52.09 12.97 1.04
N LYS P 259 51.32 13.20 -0.01
CA LYS P 259 51.16 14.56 -0.50
C LYS P 259 49.75 14.78 -1.04
N VAL P 260 49.35 16.05 -1.06
CA VAL P 260 47.99 16.46 -1.40
C VAL P 260 48.02 17.17 -2.74
N VAL P 261 47.29 16.65 -3.71
CA VAL P 261 47.21 17.21 -5.05
C VAL P 261 45.77 17.65 -5.28
N PRO P 262 45.52 18.77 -5.95
CA PRO P 262 44.15 19.12 -6.34
C PRO P 262 43.62 18.18 -7.40
N ARG P 263 42.29 18.15 -7.51
CA ARG P 263 41.63 17.15 -8.35
C ARG P 263 41.71 17.46 -9.84
N ARG P 264 42.04 18.70 -10.21
CA ARG P 264 42.10 19.04 -11.63
C ARG P 264 43.43 18.66 -12.26
N LYS P 265 44.40 18.18 -11.49
CA LYS P 265 45.68 17.76 -12.01
C LYS P 265 45.91 16.27 -11.82
N CYS P 266 44.83 15.50 -11.73
CA CYS P 266 44.90 14.08 -11.40
C CYS P 266 44.10 13.26 -12.38
N LYS P 267 44.48 12.00 -12.50
CA LYS P 267 43.69 10.99 -13.19
C LYS P 267 43.75 9.72 -12.36
N ILE P 268 42.59 9.22 -11.95
CA ILE P 268 42.49 8.01 -11.16
C ILE P 268 42.02 6.88 -12.06
N ILE P 269 42.82 5.83 -12.16
CA ILE P 269 42.49 4.66 -12.96
C ILE P 269 42.53 3.42 -12.08
N LYS P 270 41.82 2.39 -12.51
CA LYS P 270 41.83 1.11 -11.81
C LYS P 270 43.18 0.41 -12.00
N ASP P 271 43.54 -0.41 -11.01
CA ASP P 271 44.81 -1.09 -11.02
C ASP P 271 44.60 -2.59 -10.89
N TYR P 272 45.38 -3.36 -11.62
CA TYR P 272 45.34 -4.81 -11.62
C TYR P 272 46.75 -5.32 -11.39
N GLY P 273 47.15 -5.40 -10.13
CA GLY P 273 48.50 -5.80 -9.78
C GLY P 273 48.55 -6.88 -8.73
N ARG P 274 47.63 -7.83 -8.81
CA ARG P 274 47.51 -8.90 -7.81
C ARG P 274 48.70 -9.85 -7.86
ZN ZN Q . -29.08 0.30 10.45
CL CL R . -3.53 -13.33 24.86
CAH KLQ S . -1.46 -12.20 13.62
CAI KLQ S . 0.69 -12.08 14.70
CAJ KLQ S . -2.21 -17.05 19.23
CAK KLQ S . -0.51 -15.72 14.80
CAL KLQ S . -4.06 -17.05 25.62
CAM KLQ S . -2.62 -16.62 25.50
CAN KLQ S . -2.76 -19.01 25.02
CAO KLQ S . -3.33 -17.75 21.29
CAR KLQ S . -1.36 -16.38 17.06
CAS KLQ S . -0.83 -17.39 22.63
CAT KLQ S . -0.36 -11.49 14.05
CAU KLQ S . -1.47 -13.56 13.89
CAV KLQ S . 0.59 -13.43 14.91
CAW KLQ S . 0.20 -16.71 20.52
CAX KLQ S . -1.15 -16.64 18.49
CAY KLQ S . -0.46 -14.26 14.53
CAZ KLQ S . -0.91 -17.11 21.20
CBA KLQ S . 0.12 -16.43 19.10
CBB KLQ S . -4.14 -18.37 24.85
CBC KLQ S . -1.92 -17.77 24.77
CBD KLQ S . -3.36 -17.35 22.77
FAE KLQ S . -0.32 -10.16 13.81
FAF KLQ S . -2.53 -14.22 13.48
FAG KLQ S . 1.64 -13.99 15.55
NAP KLQ S . -0.35 -16.03 16.19
NBE KLQ S . -2.03 -17.49 23.33
NBF KLQ S . -2.13 -17.30 20.57
OAA KLQ S . -2.50 -16.43 16.65
OAB KLQ S . 0.25 -17.52 23.20
OAC KLQ S . 1.13 -16.06 18.52
OAD KLQ S . 1.39 -16.53 21.17
OAQ KLQ S . -4.32 -18.12 23.46
MG MG T . 2.10 -16.66 23.11
MG MG U . 2.77 -15.97 19.67
ZN ZN V . -42.94 30.98 10.40
ZN ZN W . -38.22 -30.09 -34.29
ZN ZN X . -47.62 18.16 -26.92
ZN ZN Y . 21.67 -22.03 0.78
CL CL Z . -10.02 -26.27 -4.33
CAH KLQ AA . -8.29 -16.33 1.15
CAI KLQ AA . -10.28 -16.02 -0.16
CAJ KLQ AA . -11.48 -23.07 1.56
CAK KLQ AA . -11.11 -18.31 2.83
CAL KLQ AA . -11.61 -28.76 -1.88
CAM KLQ AA . -12.56 -27.76 -2.49
CAN KLQ AA . -13.50 -28.53 -0.37
CAO KLQ AA . -11.43 -25.48 1.12
CAR KLQ AA . -11.29 -20.72 2.16
CAS KLQ AA . -13.68 -25.07 -0.61
CAT KLQ AA . -8.96 -15.79 0.08
CAU KLQ AA . -9.02 -17.13 2.01
CAV KLQ AA . -10.93 -16.83 0.76
CAW KLQ AA . -13.63 -22.69 -0.09
CAX KLQ AA . -11.96 -21.80 1.44
CAY KLQ AA . -10.36 -17.42 1.88
CAZ KLQ AA . -13.11 -23.93 0.08
CBA KLQ AA . -13.07 -21.54 0.59
CBB KLQ AA . -12.01 -28.80 -0.41
CBC KLQ AA . -13.52 -27.38 -1.36
CBD KLQ AA . -11.60 -26.41 -0.08
FAE KLQ AA . -8.29 -15.01 -0.78
FAF KLQ AA . -8.35 -17.64 3.03
FAG KLQ AA . -12.23 -17.04 0.52
NAP KLQ AA . -11.74 -19.42 2.18
NBE KLQ AA . -12.91 -26.23 -0.66
NBF KLQ AA . -12.02 -24.15 0.92
OAA KLQ AA . -10.26 -20.98 2.75
OAB KLQ AA . -14.78 -25.02 -1.14
OAC KLQ AA . -13.57 -20.45 0.39
OAD KLQ AA . -14.70 -22.49 -0.93
OAQ KLQ AA . -11.37 -27.75 0.32
MG MG BA . -15.86 -23.64 -2.21
MG MG CA . -15.15 -20.44 -0.83
ZN ZN DA . 48.37 -15.36 -18.53
ZN ZN EA . 25.68 -6.46 53.30
ZN ZN FA . 55.45 4.68 15.08
#